data_3E9V
# 
_entry.id   3E9V 
# 
_audit_conform.dict_name       mmcif_pdbx.dic 
_audit_conform.dict_version    5.398 
_audit_conform.dict_location   http://mmcif.pdb.org/dictionaries/ascii/mmcif_pdbx.dic 
# 
loop_
_database_2.database_id 
_database_2.database_code 
_database_2.pdbx_database_accession 
_database_2.pdbx_DOI 
PDB   3E9V         pdb_00003e9v 10.2210/pdb3e9v/pdb 
RCSB  RCSB049057   ?            ?                   
WWPDB D_1000049057 ?            ?                   
# 
loop_
_pdbx_audit_revision_history.ordinal 
_pdbx_audit_revision_history.data_content_type 
_pdbx_audit_revision_history.major_revision 
_pdbx_audit_revision_history.minor_revision 
_pdbx_audit_revision_history.revision_date 
1 'Structure model' 1 0 2008-10-14 
2 'Structure model' 1 1 2011-07-13 
3 'Structure model' 1 2 2018-11-14 
4 'Structure model' 1 3 2021-02-10 
5 'Structure model' 1 4 2023-08-30 
6 'Structure model' 1 5 2023-11-15 
7 'Structure model' 1 6 2024-11-13 
# 
_pdbx_audit_revision_details.ordinal             1 
_pdbx_audit_revision_details.revision_ordinal    1 
_pdbx_audit_revision_details.data_content_type   'Structure model' 
_pdbx_audit_revision_details.provider            repository 
_pdbx_audit_revision_details.type                'Initial release' 
_pdbx_audit_revision_details.description         ? 
_pdbx_audit_revision_details.details             ? 
# 
loop_
_pdbx_audit_revision_group.ordinal 
_pdbx_audit_revision_group.revision_ordinal 
_pdbx_audit_revision_group.data_content_type 
_pdbx_audit_revision_group.group 
1  2 'Structure model' 'Version format compliance' 
2  3 'Structure model' 'Data collection'           
3  3 'Structure model' 'Structure summary'         
4  4 'Structure model' 'Derived calculations'      
5  4 'Structure model' 'Structure summary'         
6  5 'Structure model' 'Data collection'           
7  5 'Structure model' 'Database references'       
8  5 'Structure model' 'Refinement description'    
9  6 'Structure model' 'Data collection'           
10 7 'Structure model' 'Structure summary'         
# 
loop_
_pdbx_audit_revision_category.ordinal 
_pdbx_audit_revision_category.revision_ordinal 
_pdbx_audit_revision_category.data_content_type 
_pdbx_audit_revision_category.category 
1  3 'Structure model' audit_author                  
2  4 'Structure model' audit_author                  
3  4 'Structure model' struct_conn                   
4  4 'Structure model' struct_site                   
5  5 'Structure model' chem_comp_atom                
6  5 'Structure model' chem_comp_bond                
7  5 'Structure model' database_2                    
8  5 'Structure model' pdbx_initial_refinement_model 
9  6 'Structure model' chem_comp_atom                
10 6 'Structure model' chem_comp_bond                
11 7 'Structure model' pdbx_entry_details            
12 7 'Structure model' pdbx_modification_feature     
# 
loop_
_pdbx_audit_revision_item.ordinal 
_pdbx_audit_revision_item.revision_ordinal 
_pdbx_audit_revision_item.data_content_type 
_pdbx_audit_revision_item.item 
1  3 'Structure model' '_audit_author.identifier_ORCID'      
2  4 'Structure model' '_audit_author.identifier_ORCID'      
3  4 'Structure model' '_struct_conn.pdbx_leaving_atom_flag' 
4  4 'Structure model' '_struct_site.pdbx_auth_asym_id'      
5  4 'Structure model' '_struct_site.pdbx_auth_comp_id'      
6  4 'Structure model' '_struct_site.pdbx_auth_seq_id'       
7  5 'Structure model' '_database_2.pdbx_DOI'                
8  5 'Structure model' '_database_2.pdbx_database_accession' 
9  6 'Structure model' '_chem_comp_atom.atom_id'             
10 6 'Structure model' '_chem_comp_bond.atom_id_2'           
# 
_pdbx_database_status.entry_id                        3E9V 
_pdbx_database_status.deposit_site                    RCSB 
_pdbx_database_status.process_site                    RCSB 
_pdbx_database_status.recvd_initial_deposition_date   2008-08-23 
_pdbx_database_status.status_code                     REL 
_pdbx_database_status.status_code_sf                  REL 
_pdbx_database_status.status_code_mr                  ? 
_pdbx_database_status.SG_entry                        Y 
_pdbx_database_status.pdb_format_compatible           Y 
_pdbx_database_status.status_code_cs                  ? 
_pdbx_database_status.methods_development_category    ? 
_pdbx_database_status.status_code_nmr_data            ? 
# 
_pdbx_database_related.db_name        TargetDB 
_pdbx_database_related.db_id          NYSGXRC-13011a 
_pdbx_database_related.details        . 
_pdbx_database_related.content_type   unspecified 
# 
loop_
_audit_author.name 
_audit_author.pdbx_ordinal 
_audit_author.identifier_ORCID 
'Sampathkumar, P.'                                               1  ?                   
'Romero, R.'                                                     2  ?                   
'Wasserman, S.'                                                  3  ?                   
'Hu, S.'                                                         4  ?                   
'Maletic, M.'                                                    5  ?                   
'Freeman, J.'                                                    6  ?                   
'Tarun, G.'                                                      7  ?                   
'Atwell, S.'                                                     8  ?                   
'Sauder, J.M.'                                                   9  0000-0002-0254-4955 
'Burley, S.K.'                                                   10 0000-0002-2487-9713 
'New York SGX Research Center for Structural Genomics (NYSGXRC)' 11 ?                   
# 
_citation.id                        primary 
_citation.title                     'Crystal structure of human B-cell Translocation Gene 2 (BTG2)' 
_citation.journal_abbrev            'To be Published' 
_citation.journal_volume            ? 
_citation.page_first                ? 
_citation.page_last                 ? 
_citation.year                      ? 
_citation.journal_id_ASTM           ? 
_citation.country                   ? 
_citation.journal_id_ISSN           ? 
_citation.journal_id_CSD            0353 
_citation.book_publisher            ? 
_citation.pdbx_database_id_PubMed   ? 
_citation.pdbx_database_id_DOI      ? 
# 
_citation_author.citation_id        primary 
_citation_author.name               'Sampathkumar, P.' 
_citation_author.ordinal            1 
_citation_author.identifier_ORCID   ? 
# 
loop_
_entity.id 
_entity.type 
_entity.src_method 
_entity.pdbx_description 
_entity.formula_weight 
_entity.pdbx_number_of_molecules 
_entity.pdbx_ec 
_entity.pdbx_mutation 
_entity.pdbx_fragment 
_entity.details 
1 polymer     man 'Protein BTG2' 13647.295 1  ? ? ? ? 
2 non-polymer syn 1,2-ETHANEDIOL 62.068    2  ? ? ? ? 
3 water       nat water          18.015    66 ? ? ? ? 
# 
_entity_name_com.entity_id   1 
_entity_name_com.name        'B-cell Translocation Gene 2, BTG family member 2, NGF-inducible anti-proliferative protein PC3' 
# 
_entity_poly.entity_id                      1 
_entity_poly.type                           'polypeptide(L)' 
_entity_poly.nstd_linkage                   no 
_entity_poly.nstd_monomer                   yes 
_entity_poly.pdbx_seq_one_letter_code       
;D(MSE)LPEIAAAVGFLSSLLRTRGCVSEQRLKVFSGALQEALTEHYKHHWFPEKPSKGSGYRCIRINHK(MSE)DPIIS
RVASQIGLSQPQLHQLLPSELTLWVDPYEVSYRIGEDGSICVLYEEAP
;
_entity_poly.pdbx_seq_one_letter_code_can   
;DMLPEIAAAVGFLSSLLRTRGCVSEQRLKVFSGALQEALTEHYKHHWFPEKPSKGSGYRCIRINHKMDPIISRVASQIGL
SQPQLHQLLPSELTLWVDPYEVSYRIGEDGSICVLYEEAP
;
_entity_poly.pdbx_strand_id                 A 
_entity_poly.pdbx_target_identifier         NYSGXRC-13011a 
# 
loop_
_pdbx_entity_nonpoly.entity_id 
_pdbx_entity_nonpoly.name 
_pdbx_entity_nonpoly.comp_id 
2 1,2-ETHANEDIOL EDO 
3 water          HOH 
# 
loop_
_entity_poly_seq.entity_id 
_entity_poly_seq.num 
_entity_poly_seq.mon_id 
_entity_poly_seq.hetero 
1 1   ASP n 
1 2   MSE n 
1 3   LEU n 
1 4   PRO n 
1 5   GLU n 
1 6   ILE n 
1 7   ALA n 
1 8   ALA n 
1 9   ALA n 
1 10  VAL n 
1 11  GLY n 
1 12  PHE n 
1 13  LEU n 
1 14  SER n 
1 15  SER n 
1 16  LEU n 
1 17  LEU n 
1 18  ARG n 
1 19  THR n 
1 20  ARG n 
1 21  GLY n 
1 22  CYS n 
1 23  VAL n 
1 24  SER n 
1 25  GLU n 
1 26  GLN n 
1 27  ARG n 
1 28  LEU n 
1 29  LYS n 
1 30  VAL n 
1 31  PHE n 
1 32  SER n 
1 33  GLY n 
1 34  ALA n 
1 35  LEU n 
1 36  GLN n 
1 37  GLU n 
1 38  ALA n 
1 39  LEU n 
1 40  THR n 
1 41  GLU n 
1 42  HIS n 
1 43  TYR n 
1 44  LYS n 
1 45  HIS n 
1 46  HIS n 
1 47  TRP n 
1 48  PHE n 
1 49  PRO n 
1 50  GLU n 
1 51  LYS n 
1 52  PRO n 
1 53  SER n 
1 54  LYS n 
1 55  GLY n 
1 56  SER n 
1 57  GLY n 
1 58  TYR n 
1 59  ARG n 
1 60  CYS n 
1 61  ILE n 
1 62  ARG n 
1 63  ILE n 
1 64  ASN n 
1 65  HIS n 
1 66  LYS n 
1 67  MSE n 
1 68  ASP n 
1 69  PRO n 
1 70  ILE n 
1 71  ILE n 
1 72  SER n 
1 73  ARG n 
1 74  VAL n 
1 75  ALA n 
1 76  SER n 
1 77  GLN n 
1 78  ILE n 
1 79  GLY n 
1 80  LEU n 
1 81  SER n 
1 82  GLN n 
1 83  PRO n 
1 84  GLN n 
1 85  LEU n 
1 86  HIS n 
1 87  GLN n 
1 88  LEU n 
1 89  LEU n 
1 90  PRO n 
1 91  SER n 
1 92  GLU n 
1 93  LEU n 
1 94  THR n 
1 95  LEU n 
1 96  TRP n 
1 97  VAL n 
1 98  ASP n 
1 99  PRO n 
1 100 TYR n 
1 101 GLU n 
1 102 VAL n 
1 103 SER n 
1 104 TYR n 
1 105 ARG n 
1 106 ILE n 
1 107 GLY n 
1 108 GLU n 
1 109 ASP n 
1 110 GLY n 
1 111 SER n 
1 112 ILE n 
1 113 CYS n 
1 114 VAL n 
1 115 LEU n 
1 116 TYR n 
1 117 GLU n 
1 118 GLU n 
1 119 ALA n 
1 120 PRO n 
# 
_entity_src_gen.entity_id                          1 
_entity_src_gen.pdbx_src_id                        1 
_entity_src_gen.pdbx_alt_source_flag               sample 
_entity_src_gen.pdbx_seq_type                      ? 
_entity_src_gen.pdbx_beg_seq_num                   ? 
_entity_src_gen.pdbx_end_seq_num                   ? 
_entity_src_gen.gene_src_common_name               human 
_entity_src_gen.gene_src_genus                     ? 
_entity_src_gen.pdbx_gene_src_gene                 'BTG2, PC3' 
_entity_src_gen.gene_src_species                   ? 
_entity_src_gen.gene_src_strain                    ? 
_entity_src_gen.gene_src_tissue                    ? 
_entity_src_gen.gene_src_tissue_fraction           ? 
_entity_src_gen.gene_src_details                   ? 
_entity_src_gen.pdbx_gene_src_fragment             ? 
_entity_src_gen.pdbx_gene_src_scientific_name      'Homo sapiens' 
_entity_src_gen.pdbx_gene_src_ncbi_taxonomy_id     9606 
_entity_src_gen.pdbx_gene_src_variant              ? 
_entity_src_gen.pdbx_gene_src_cell_line            ? 
_entity_src_gen.pdbx_gene_src_atcc                 ? 
_entity_src_gen.pdbx_gene_src_organ                ? 
_entity_src_gen.pdbx_gene_src_organelle            ? 
_entity_src_gen.pdbx_gene_src_cell                 ? 
_entity_src_gen.pdbx_gene_src_cellular_location    ? 
_entity_src_gen.host_org_common_name               ? 
_entity_src_gen.pdbx_host_org_scientific_name      'Escherichia coli' 
_entity_src_gen.pdbx_host_org_ncbi_taxonomy_id     562 
_entity_src_gen.host_org_genus                     ? 
_entity_src_gen.pdbx_host_org_gene                 ? 
_entity_src_gen.pdbx_host_org_organ                ? 
_entity_src_gen.host_org_species                   ? 
_entity_src_gen.pdbx_host_org_tissue               ? 
_entity_src_gen.pdbx_host_org_tissue_fraction      ? 
_entity_src_gen.pdbx_host_org_strain               'BL21(DE3)-Codon+RIL' 
_entity_src_gen.pdbx_host_org_variant              ? 
_entity_src_gen.pdbx_host_org_cell_line            ? 
_entity_src_gen.pdbx_host_org_atcc                 ? 
_entity_src_gen.pdbx_host_org_culture_collection   ? 
_entity_src_gen.pdbx_host_org_cell                 ? 
_entity_src_gen.pdbx_host_org_organelle            ? 
_entity_src_gen.pdbx_host_org_cellular_location    ? 
_entity_src_gen.pdbx_host_org_vector_type          plasmid 
_entity_src_gen.pdbx_host_org_vector               ? 
_entity_src_gen.host_org_details                   ? 
_entity_src_gen.expression_system_id               ? 
_entity_src_gen.plasmid_name                       'BS-pSGX4(BS); modified pET26b' 
_entity_src_gen.plasmid_details                    ? 
_entity_src_gen.pdbx_description                   ? 
# 
loop_
_chem_comp.id 
_chem_comp.type 
_chem_comp.mon_nstd_flag 
_chem_comp.name 
_chem_comp.pdbx_synonyms 
_chem_comp.formula 
_chem_comp.formula_weight 
ALA 'L-peptide linking' y ALANINE          ?                 'C3 H7 N O2'     89.093  
ARG 'L-peptide linking' y ARGININE         ?                 'C6 H15 N4 O2 1' 175.209 
ASN 'L-peptide linking' y ASPARAGINE       ?                 'C4 H8 N2 O3'    132.118 
ASP 'L-peptide linking' y 'ASPARTIC ACID'  ?                 'C4 H7 N O4'     133.103 
CYS 'L-peptide linking' y CYSTEINE         ?                 'C3 H7 N O2 S'   121.158 
EDO non-polymer         . 1,2-ETHANEDIOL   'ETHYLENE GLYCOL' 'C2 H6 O2'       62.068  
GLN 'L-peptide linking' y GLUTAMINE        ?                 'C5 H10 N2 O3'   146.144 
GLU 'L-peptide linking' y 'GLUTAMIC ACID'  ?                 'C5 H9 N O4'     147.129 
GLY 'peptide linking'   y GLYCINE          ?                 'C2 H5 N O2'     75.067  
HIS 'L-peptide linking' y HISTIDINE        ?                 'C6 H10 N3 O2 1' 156.162 
HOH non-polymer         . WATER            ?                 'H2 O'           18.015  
ILE 'L-peptide linking' y ISOLEUCINE       ?                 'C6 H13 N O2'    131.173 
LEU 'L-peptide linking' y LEUCINE          ?                 'C6 H13 N O2'    131.173 
LYS 'L-peptide linking' y LYSINE           ?                 'C6 H15 N2 O2 1' 147.195 
MSE 'L-peptide linking' n SELENOMETHIONINE ?                 'C5 H11 N O2 Se' 196.106 
PHE 'L-peptide linking' y PHENYLALANINE    ?                 'C9 H11 N O2'    165.189 
PRO 'L-peptide linking' y PROLINE          ?                 'C5 H9 N O2'     115.130 
SER 'L-peptide linking' y SERINE           ?                 'C3 H7 N O3'     105.093 
THR 'L-peptide linking' y THREONINE        ?                 'C4 H9 N O3'     119.119 
TRP 'L-peptide linking' y TRYPTOPHAN       ?                 'C11 H12 N2 O2'  204.225 
TYR 'L-peptide linking' y TYROSINE         ?                 'C9 H11 N O3'    181.189 
VAL 'L-peptide linking' y VALINE           ?                 'C5 H11 N O2'    117.146 
# 
loop_
_pdbx_poly_seq_scheme.asym_id 
_pdbx_poly_seq_scheme.entity_id 
_pdbx_poly_seq_scheme.seq_id 
_pdbx_poly_seq_scheme.mon_id 
_pdbx_poly_seq_scheme.ndb_seq_num 
_pdbx_poly_seq_scheme.pdb_seq_num 
_pdbx_poly_seq_scheme.auth_seq_num 
_pdbx_poly_seq_scheme.pdb_mon_id 
_pdbx_poly_seq_scheme.auth_mon_id 
_pdbx_poly_seq_scheme.pdb_strand_id 
_pdbx_poly_seq_scheme.pdb_ins_code 
_pdbx_poly_seq_scheme.hetero 
A 1 1   ASP 1   9   9   ASP ASP A . n 
A 1 2   MSE 2   10  10  MSE MSE A . n 
A 1 3   LEU 3   11  11  LEU LEU A . n 
A 1 4   PRO 4   12  12  PRO PRO A . n 
A 1 5   GLU 5   13  13  GLU GLU A . n 
A 1 6   ILE 6   14  14  ILE ILE A . n 
A 1 7   ALA 7   15  15  ALA ALA A . n 
A 1 8   ALA 8   16  16  ALA ALA A . n 
A 1 9   ALA 9   17  17  ALA ALA A . n 
A 1 10  VAL 10  18  18  VAL VAL A . n 
A 1 11  GLY 11  19  19  GLY GLY A . n 
A 1 12  PHE 12  20  20  PHE PHE A . n 
A 1 13  LEU 13  21  21  LEU LEU A . n 
A 1 14  SER 14  22  22  SER SER A . n 
A 1 15  SER 15  23  23  SER SER A . n 
A 1 16  LEU 16  24  24  LEU LEU A . n 
A 1 17  LEU 17  25  25  LEU LEU A . n 
A 1 18  ARG 18  26  26  ARG ARG A . n 
A 1 19  THR 19  27  27  THR THR A . n 
A 1 20  ARG 20  28  28  ARG ARG A . n 
A 1 21  GLY 21  29  29  GLY GLY A . n 
A 1 22  CYS 22  30  30  CYS CYS A . n 
A 1 23  VAL 23  31  31  VAL VAL A . n 
A 1 24  SER 24  32  32  SER SER A . n 
A 1 25  GLU 25  33  33  GLU GLU A . n 
A 1 26  GLN 26  34  34  GLN GLN A . n 
A 1 27  ARG 27  35  35  ARG ARG A . n 
A 1 28  LEU 28  36  36  LEU LEU A . n 
A 1 29  LYS 29  37  37  LYS LYS A . n 
A 1 30  VAL 30  38  38  VAL VAL A . n 
A 1 31  PHE 31  39  39  PHE PHE A . n 
A 1 32  SER 32  40  40  SER SER A . n 
A 1 33  GLY 33  41  41  GLY GLY A . n 
A 1 34  ALA 34  42  42  ALA ALA A . n 
A 1 35  LEU 35  43  43  LEU LEU A . n 
A 1 36  GLN 36  44  44  GLN GLN A . n 
A 1 37  GLU 37  45  45  GLU GLU A . n 
A 1 38  ALA 38  46  46  ALA ALA A . n 
A 1 39  LEU 39  47  47  LEU LEU A . n 
A 1 40  THR 40  48  48  THR THR A . n 
A 1 41  GLU 41  49  49  GLU GLU A . n 
A 1 42  HIS 42  50  50  HIS HIS A . n 
A 1 43  TYR 43  51  51  TYR TYR A . n 
A 1 44  LYS 44  52  52  LYS LYS A . n 
A 1 45  HIS 45  53  53  HIS HIS A . n 
A 1 46  HIS 46  54  54  HIS HIS A . n 
A 1 47  TRP 47  55  55  TRP TRP A . n 
A 1 48  PHE 48  56  56  PHE PHE A . n 
A 1 49  PRO 49  57  57  PRO PRO A . n 
A 1 50  GLU 50  58  58  GLU GLU A . n 
A 1 51  LYS 51  59  59  LYS LYS A . n 
A 1 52  PRO 52  60  60  PRO PRO A . n 
A 1 53  SER 53  61  61  SER SER A . n 
A 1 54  LYS 54  62  62  LYS LYS A . n 
A 1 55  GLY 55  63  63  GLY GLY A . n 
A 1 56  SER 56  64  64  SER SER A . n 
A 1 57  GLY 57  65  65  GLY GLY A . n 
A 1 58  TYR 58  66  66  TYR TYR A . n 
A 1 59  ARG 59  67  67  ARG ARG A . n 
A 1 60  CYS 60  68  68  CYS CYS A . n 
A 1 61  ILE 61  69  69  ILE ILE A . n 
A 1 62  ARG 62  70  70  ARG ARG A . n 
A 1 63  ILE 63  71  71  ILE ILE A . n 
A 1 64  ASN 64  72  72  ASN ASN A . n 
A 1 65  HIS 65  73  73  HIS HIS A . n 
A 1 66  LYS 66  74  74  LYS LYS A . n 
A 1 67  MSE 67  75  75  MSE MSE A . n 
A 1 68  ASP 68  76  76  ASP ASP A . n 
A 1 69  PRO 69  77  77  PRO PRO A . n 
A 1 70  ILE 70  78  78  ILE ILE A . n 
A 1 71  ILE 71  79  79  ILE ILE A . n 
A 1 72  SER 72  80  80  SER SER A . n 
A 1 73  ARG 73  81  81  ARG ARG A . n 
A 1 74  VAL 74  82  82  VAL VAL A . n 
A 1 75  ALA 75  83  83  ALA ALA A . n 
A 1 76  SER 76  84  84  SER SER A . n 
A 1 77  GLN 77  85  85  GLN GLN A . n 
A 1 78  ILE 78  86  86  ILE ILE A . n 
A 1 79  GLY 79  87  87  GLY GLY A . n 
A 1 80  LEU 80  88  88  LEU LEU A . n 
A 1 81  SER 81  89  89  SER SER A . n 
A 1 82  GLN 82  90  90  GLN GLN A . n 
A 1 83  PRO 83  91  91  PRO PRO A . n 
A 1 84  GLN 84  92  92  GLN GLN A . n 
A 1 85  LEU 85  93  93  LEU LEU A . n 
A 1 86  HIS 86  94  94  HIS HIS A . n 
A 1 87  GLN 87  95  95  GLN GLN A . n 
A 1 88  LEU 88  96  96  LEU LEU A . n 
A 1 89  LEU 89  97  97  LEU LEU A . n 
A 1 90  PRO 90  98  98  PRO PRO A . n 
A 1 91  SER 91  99  99  SER SER A . n 
A 1 92  GLU 92  100 100 GLU GLU A . n 
A 1 93  LEU 93  101 101 LEU LEU A . n 
A 1 94  THR 94  102 102 THR THR A . n 
A 1 95  LEU 95  103 103 LEU LEU A . n 
A 1 96  TRP 96  104 104 TRP TRP A . n 
A 1 97  VAL 97  105 105 VAL VAL A . n 
A 1 98  ASP 98  106 106 ASP ASP A . n 
A 1 99  PRO 99  107 107 PRO PRO A . n 
A 1 100 TYR 100 108 108 TYR TYR A . n 
A 1 101 GLU 101 109 109 GLU GLU A . n 
A 1 102 VAL 102 110 110 VAL VAL A . n 
A 1 103 SER 103 111 111 SER SER A . n 
A 1 104 TYR 104 112 112 TYR TYR A . n 
A 1 105 ARG 105 113 113 ARG ARG A . n 
A 1 106 ILE 106 114 114 ILE ILE A . n 
A 1 107 GLY 107 115 115 GLY GLY A . n 
A 1 108 GLU 108 116 116 GLU GLU A . n 
A 1 109 ASP 109 117 117 ASP ASP A . n 
A 1 110 GLY 110 118 118 GLY GLY A . n 
A 1 111 SER 111 119 119 SER SER A . n 
A 1 112 ILE 112 120 120 ILE ILE A . n 
A 1 113 CYS 113 121 121 CYS CYS A . n 
A 1 114 VAL 114 122 122 VAL VAL A . n 
A 1 115 LEU 115 123 123 LEU LEU A . n 
A 1 116 TYR 116 124 124 TYR TYR A . n 
A 1 117 GLU 117 125 125 GLU GLU A . n 
A 1 118 GLU 118 126 126 GLU GLU A . n 
A 1 119 ALA 119 127 127 ALA ALA A . n 
A 1 120 PRO 120 128 128 PRO PRO A . n 
# 
loop_
_pdbx_nonpoly_scheme.asym_id 
_pdbx_nonpoly_scheme.entity_id 
_pdbx_nonpoly_scheme.mon_id 
_pdbx_nonpoly_scheme.ndb_seq_num 
_pdbx_nonpoly_scheme.pdb_seq_num 
_pdbx_nonpoly_scheme.auth_seq_num 
_pdbx_nonpoly_scheme.pdb_mon_id 
_pdbx_nonpoly_scheme.auth_mon_id 
_pdbx_nonpoly_scheme.pdb_strand_id 
_pdbx_nonpoly_scheme.pdb_ins_code 
B 2 EDO 1  1   1  EDO EDO A . 
C 2 EDO 1  2   2  EDO EDO A . 
D 3 HOH 1  129 1  HOH HOH A . 
D 3 HOH 2  130 2  HOH HOH A . 
D 3 HOH 3  131 3  HOH HOH A . 
D 3 HOH 4  132 4  HOH HOH A . 
D 3 HOH 5  133 5  HOH HOH A . 
D 3 HOH 6  134 6  HOH HOH A . 
D 3 HOH 7  135 7  HOH HOH A . 
D 3 HOH 8  136 8  HOH HOH A . 
D 3 HOH 9  137 9  HOH HOH A . 
D 3 HOH 10 138 10 HOH HOH A . 
D 3 HOH 11 139 11 HOH HOH A . 
D 3 HOH 12 140 12 HOH HOH A . 
D 3 HOH 13 141 13 HOH HOH A . 
D 3 HOH 14 142 14 HOH HOH A . 
D 3 HOH 15 143 15 HOH HOH A . 
D 3 HOH 16 144 16 HOH HOH A . 
D 3 HOH 17 145 17 HOH HOH A . 
D 3 HOH 18 146 18 HOH HOH A . 
D 3 HOH 19 147 19 HOH HOH A . 
D 3 HOH 20 148 20 HOH HOH A . 
D 3 HOH 21 149 21 HOH HOH A . 
D 3 HOH 22 150 22 HOH HOH A . 
D 3 HOH 23 151 23 HOH HOH A . 
D 3 HOH 24 152 24 HOH HOH A . 
D 3 HOH 25 153 25 HOH HOH A . 
D 3 HOH 26 154 26 HOH HOH A . 
D 3 HOH 27 155 27 HOH HOH A . 
D 3 HOH 28 156 28 HOH HOH A . 
D 3 HOH 29 157 29 HOH HOH A . 
D 3 HOH 30 158 30 HOH HOH A . 
D 3 HOH 31 159 31 HOH HOH A . 
D 3 HOH 32 160 32 HOH HOH A . 
D 3 HOH 33 161 33 HOH HOH A . 
D 3 HOH 34 162 34 HOH HOH A . 
D 3 HOH 35 163 35 HOH HOH A . 
D 3 HOH 36 164 36 HOH HOH A . 
D 3 HOH 37 165 37 HOH HOH A . 
D 3 HOH 38 166 38 HOH HOH A . 
D 3 HOH 39 167 39 HOH HOH A . 
D 3 HOH 40 168 40 HOH HOH A . 
D 3 HOH 41 169 41 HOH HOH A . 
D 3 HOH 42 170 42 HOH HOH A . 
D 3 HOH 43 171 43 HOH HOH A . 
D 3 HOH 44 172 44 HOH HOH A . 
D 3 HOH 45 173 45 HOH HOH A . 
D 3 HOH 46 174 46 HOH HOH A . 
D 3 HOH 47 175 47 HOH HOH A . 
D 3 HOH 48 176 48 HOH HOH A . 
D 3 HOH 49 177 49 HOH HOH A . 
D 3 HOH 50 178 50 HOH HOH A . 
D 3 HOH 51 179 51 HOH HOH A . 
D 3 HOH 52 180 52 HOH HOH A . 
D 3 HOH 53 181 53 HOH HOH A . 
D 3 HOH 54 182 54 HOH HOH A . 
D 3 HOH 55 183 55 HOH HOH A . 
D 3 HOH 56 184 56 HOH HOH A . 
D 3 HOH 57 185 57 HOH HOH A . 
D 3 HOH 58 186 58 HOH HOH A . 
D 3 HOH 59 187 59 HOH HOH A . 
D 3 HOH 60 188 60 HOH HOH A . 
D 3 HOH 61 189 61 HOH HOH A . 
D 3 HOH 62 190 62 HOH HOH A . 
D 3 HOH 63 191 63 HOH HOH A . 
D 3 HOH 64 192 64 HOH HOH A . 
D 3 HOH 65 193 65 HOH HOH A . 
D 3 HOH 66 194 66 HOH HOH A . 
# 
loop_
_pdbx_unobs_or_zero_occ_atoms.id 
_pdbx_unobs_or_zero_occ_atoms.PDB_model_num 
_pdbx_unobs_or_zero_occ_atoms.polymer_flag 
_pdbx_unobs_or_zero_occ_atoms.occupancy_flag 
_pdbx_unobs_or_zero_occ_atoms.auth_asym_id 
_pdbx_unobs_or_zero_occ_atoms.auth_comp_id 
_pdbx_unobs_or_zero_occ_atoms.auth_seq_id 
_pdbx_unobs_or_zero_occ_atoms.PDB_ins_code 
_pdbx_unobs_or_zero_occ_atoms.auth_atom_id 
_pdbx_unobs_or_zero_occ_atoms.label_alt_id 
_pdbx_unobs_or_zero_occ_atoms.label_asym_id 
_pdbx_unobs_or_zero_occ_atoms.label_comp_id 
_pdbx_unobs_or_zero_occ_atoms.label_seq_id 
_pdbx_unobs_or_zero_occ_atoms.label_atom_id 
1  1 Y 1 A ARG 28  ? CG  ? A ARG 20  CG  
2  1 Y 1 A ARG 28  ? CD  ? A ARG 20  CD  
3  1 Y 1 A ARG 28  ? NE  ? A ARG 20  NE  
4  1 Y 1 A ARG 28  ? CZ  ? A ARG 20  CZ  
5  1 Y 1 A ARG 28  ? NH1 ? A ARG 20  NH1 
6  1 Y 1 A ARG 28  ? NH2 ? A ARG 20  NH2 
7  1 Y 1 A CYS 30  ? SG  ? A CYS 22  SG  
8  1 Y 1 A LYS 37  ? CG  ? A LYS 29  CG  
9  1 Y 1 A LYS 37  ? CD  ? A LYS 29  CD  
10 1 Y 1 A LYS 37  ? CE  ? A LYS 29  CE  
11 1 Y 1 A LYS 37  ? NZ  ? A LYS 29  NZ  
12 1 Y 1 A GLU 45  ? CG  ? A GLU 37  CG  
13 1 Y 1 A GLU 45  ? CD  ? A GLU 37  CD  
14 1 Y 1 A GLU 45  ? OE1 ? A GLU 37  OE1 
15 1 Y 1 A GLU 45  ? OE2 ? A GLU 37  OE2 
16 1 Y 1 A GLU 49  ? CG  ? A GLU 41  CG  
17 1 Y 1 A GLU 49  ? CD  ? A GLU 41  CD  
18 1 Y 1 A GLU 49  ? OE1 ? A GLU 41  OE1 
19 1 Y 1 A GLU 49  ? OE2 ? A GLU 41  OE2 
20 1 Y 1 A ASN 72  ? CG  ? A ASN 64  CG  
21 1 Y 1 A ASN 72  ? OD1 ? A ASN 64  OD1 
22 1 Y 1 A ASN 72  ? ND2 ? A ASN 64  ND2 
23 1 Y 1 A HIS 73  ? CG  ? A HIS 65  CG  
24 1 Y 1 A HIS 73  ? ND1 ? A HIS 65  ND1 
25 1 Y 1 A HIS 73  ? CD2 ? A HIS 65  CD2 
26 1 Y 1 A HIS 73  ? CE1 ? A HIS 65  CE1 
27 1 Y 1 A HIS 73  ? NE2 ? A HIS 65  NE2 
28 1 Y 1 A LYS 74  ? CG  ? A LYS 66  CG  
29 1 Y 1 A LYS 74  ? CD  ? A LYS 66  CD  
30 1 Y 1 A LYS 74  ? CE  ? A LYS 66  CE  
31 1 Y 1 A LYS 74  ? NZ  ? A LYS 66  NZ  
32 1 Y 1 A GLU 100 ? CG  ? A GLU 92  CG  
33 1 Y 1 A GLU 100 ? CD  ? A GLU 92  CD  
34 1 Y 1 A GLU 100 ? OE1 ? A GLU 92  OE1 
35 1 Y 1 A GLU 100 ? OE2 ? A GLU 92  OE2 
36 1 Y 1 A GLU 125 ? CG  ? A GLU 117 CG  
37 1 Y 1 A GLU 125 ? CD  ? A GLU 117 CD  
38 1 Y 1 A GLU 125 ? OE1 ? A GLU 117 OE1 
39 1 Y 1 A GLU 125 ? OE2 ? A GLU 117 OE2 
# 
loop_
_software.name 
_software.version 
_software.date 
_software.type 
_software.contact_author 
_software.contact_author_email 
_software.classification 
_software.location 
_software.language 
_software.citation_id 
_software.pdbx_ordinal 
MOSFLM      .      ?               package 'Andrew G.W. Leslie' andrew@mrc-lmb.cam.ac.uk 'data reduction'  
http://www.mrc-lmb.cam.ac.uk/harry/mosflm/   ?          ? 1 
SCALA       3.2.21 7/4/2006        other   'Phil R. Evans'      pre@mrc-lmb.cam.ac.uk    'data scaling'    
http://www.ccp4.ac.uk/dist/html/scala.html   Fortran_77 ? 2 
REFMAC      .      ?               program 'Garib N. Murshudov' garib@ysbl.york.ac.uk    refinement        
http://www.ccp4.ac.uk/dist/html/refmac5.html Fortran_77 ? 3 
PDB_EXTRACT 3.006  'June 11, 2008' package PDB                  help@deposit.rcsb.org    'data extraction' 
http://sw-tools.pdb.org/apps/PDB_EXTRACT/    C++        ? 4 
PHASER      .      ?               ?       ?                    ?                        phasing           ? ?          ? 5 
# 
_cell.length_a           39.535 
_cell.length_b           41.023 
_cell.length_c           68.652 
_cell.angle_alpha        90.000 
_cell.angle_beta         90.000 
_cell.angle_gamma        90.000 
_cell.entry_id           3E9V 
_cell.pdbx_unique_axis   ? 
_cell.Z_PDB              4 
_cell.length_a_esd       ? 
_cell.length_b_esd       ? 
_cell.length_c_esd       ? 
_cell.angle_alpha_esd    ? 
_cell.angle_beta_esd     ? 
_cell.angle_gamma_esd    ? 
# 
_symmetry.space_group_name_H-M             'P 21 21 21' 
_symmetry.entry_id                         3E9V 
_symmetry.Int_Tables_number                19 
_symmetry.pdbx_full_space_group_name_H-M   ? 
_symmetry.cell_setting                     ? 
_symmetry.space_group_name_Hall            ? 
# 
_exptl.crystals_number   1 
_exptl.entry_id          3E9V 
_exptl.method            'X-RAY DIFFRACTION' 
# 
_exptl_crystal.id                    1 
_exptl_crystal.density_Matthews      1.84 
_exptl_crystal.density_meas          ? 
_exptl_crystal.density_percent_sol   33.31 
_exptl_crystal.description           ? 
_exptl_crystal.F_000                 ? 
_exptl_crystal.preparation           ? 
# 
_exptl_crystal_grow.crystal_id      1 
_exptl_crystal_grow.method          'VAPOR DIFFUSION, SITTING DROP' 
_exptl_crystal_grow.pH              6.5 
_exptl_crystal_grow.temp            294 
_exptl_crystal_grow.pdbx_details    
'100mM Bis-Tris pH 6.5, 0.2M Magnesium Chloride, 25% PEG 3350, Vapor diffusion, sitting drop, temperature 294K' 
_exptl_crystal_grow.temp_details    ? 
_exptl_crystal_grow.pdbx_pH_range   ? 
# 
_diffrn.id                     1 
_diffrn.ambient_temp           100 
_diffrn.ambient_temp_details   ? 
_diffrn.crystal_id             1 
# 
_diffrn_detector.diffrn_id              1 
_diffrn_detector.detector               CCD 
_diffrn_detector.type                   'MAR CCD 165 mm' 
_diffrn_detector.pdbx_collection_date   2008-07-10 
_diffrn_detector.details                ? 
# 
_diffrn_radiation.diffrn_id                        1 
_diffrn_radiation.pdbx_diffrn_protocol             'SINGLE WAVELENGTH' 
_diffrn_radiation.monochromator                    diamond 
_diffrn_radiation.wavelength_id                    1 
_diffrn_radiation.pdbx_monochromatic_or_laue_m_l   M 
_diffrn_radiation.pdbx_scattering_type             x-ray 
# 
_diffrn_radiation_wavelength.id           1 
_diffrn_radiation_wavelength.wavelength   0.9792 
_diffrn_radiation_wavelength.wt           1.0 
# 
_diffrn_source.diffrn_id                   1 
_diffrn_source.source                      SYNCHROTRON 
_diffrn_source.type                        'APS BEAMLINE 31-ID' 
_diffrn_source.pdbx_wavelength_list        0.9792 
_diffrn_source.pdbx_wavelength             ? 
_diffrn_source.pdbx_synchrotron_site       APS 
_diffrn_source.pdbx_synchrotron_beamline   31-ID 
# 
_reflns.entry_id                     3E9V 
_reflns.d_resolution_high            1.700 
_reflns.d_resolution_low             41.030 
_reflns.number_all                   ? 
_reflns.number_obs                   12646 
_reflns.pdbx_Rmerge_I_obs            0.071 
_reflns.pdbx_netI_over_sigmaI        6.69 
_reflns.pdbx_Rsym_value              0.071 
_reflns.pdbx_redundancy              13.800 
_reflns.percent_possible_obs         98.700 
_reflns.observed_criterion_sigma_F   ? 
_reflns.observed_criterion_sigma_I   ? 
_reflns.B_iso_Wilson_estimate        25.8 
_reflns.R_free_details               ? 
_reflns.limit_h_max                  ? 
_reflns.limit_h_min                  ? 
_reflns.limit_k_max                  ? 
_reflns.limit_k_min                  ? 
_reflns.limit_l_max                  ? 
_reflns.limit_l_min                  ? 
_reflns.observed_criterion_F_max     ? 
_reflns.observed_criterion_F_min     ? 
_reflns.pdbx_chi_squared             ? 
_reflns.pdbx_scaling_rejects         ? 
_reflns.pdbx_diffrn_id               1 
_reflns.pdbx_ordinal                 1 
# 
loop_
_reflns_shell.d_res_high 
_reflns_shell.d_res_low 
_reflns_shell.number_measured_obs 
_reflns_shell.number_measured_all 
_reflns_shell.number_unique_obs 
_reflns_shell.Rmerge_I_obs 
_reflns_shell.meanI_over_sigI_obs 
_reflns_shell.pdbx_Rsym_value 
_reflns_shell.pdbx_chi_squared 
_reflns_shell.pdbx_redundancy 
_reflns_shell.percent_possible_obs 
_reflns_shell.number_unique_all 
_reflns_shell.percent_possible_all 
_reflns_shell.pdbx_diffrn_id 
_reflns_shell.pdbx_ordinal 
1.70 1.79  ? 23988 ? 0.457 1.5  0.457 ? 13.40 ? 1785 97.60 ? 1  
1.79 1.90  ? 23581 ? 0.318 2.1  0.318 ? 13.70 ? 1722 98.30 ? 2  
1.90 2.03  ? 22028 ? 0.209 3.3  0.209 ? 13.80 ? 1594 98.80 ? 3  
2.03 2.19  ? 21032 ? 0.142 4.8  0.142 ? 14.00 ? 1502 98.30 ? 4  
2.19 2.40  ? 19955 ? 0.100 6.8  0.100 ? 14.20 ? 1406 99.40 ? 5  
2.40 2.69  ? 18290 ? 0.079 8.3  0.079 ? 14.40 ? 1270 99.20 ? 6  
2.69 3.10  ? 16328 ? 0.064 10.4 0.064 ? 14.30 ? 1138 99.60 ? 7  
3.10 3.80  ? 14087 ? 0.053 11.3 0.053 ? 14.10 ? 999  99.80 ? 8  
3.80 5.38  ? 10453 ? 0.047 12.6 0.047 ? 13.60 ? 771  99.70 ? 9  
5.38 41.03 ? 5388  ? 0.046 12.7 0.046 ? 11.70 ? 459  97.30 ? 10 
# 
_refine.entry_id                                 3E9V 
_refine.ls_d_res_high                            1.700 
_refine.ls_d_res_low                             35.220 
_refine.pdbx_ls_sigma_F                          0.00 
_refine.ls_percent_reflns_obs                    98.410 
_refine.ls_number_reflns_obs                     12613 
_refine.pdbx_ls_cross_valid_method               THROUGHOUT 
_refine.pdbx_R_Free_selection_details            RANDOM 
_refine.details                                  'HYDROGENS HAVE BEEN ADDED IN THE RIDING POSITIONS' 
_refine.ls_R_factor_obs                          0.213 
_refine.ls_R_factor_R_work                       0.211 
_refine.ls_wR_factor_R_work                      0.211 
_refine.ls_R_factor_R_free                       0.248 
_refine.ls_wR_factor_R_free                      0.248 
_refine.ls_percent_reflns_R_free                 5.000 
_refine.ls_number_reflns_R_free                  632 
_refine.B_iso_mean                               24.514 
_refine.aniso_B[1][1]                            0.000 
_refine.aniso_B[2][2]                            0.000 
_refine.aniso_B[3][3]                            0.000 
_refine.aniso_B[1][2]                            0.000 
_refine.aniso_B[1][3]                            0.000 
_refine.aniso_B[2][3]                            0.000 
_refine.correlation_coeff_Fo_to_Fc               0.949 
_refine.correlation_coeff_Fo_to_Fc_free          0.931 
_refine.overall_SU_R_Cruickshank_DPI             0.132 
_refine.overall_SU_R_free                        0.125 
_refine.pdbx_overall_ESU_R                       0.132 
_refine.pdbx_overall_ESU_R_Free                  0.126 
_refine.overall_SU_ML                            0.084 
_refine.overall_SU_B                             2.499 
_refine.solvent_model_details                    'BABINET MODEL WITH MASK' 
_refine.pdbx_solvent_vdw_probe_radii             1.400 
_refine.pdbx_solvent_ion_probe_radii             0.800 
_refine.pdbx_solvent_shrinkage_radii             0.800 
_refine.pdbx_method_to_determine_struct          'MOLECULAR REPLACEMENT' 
_refine.pdbx_stereochemistry_target_values       'MAXIMUM LIKELIHOOD WITH PHASES' 
_refine.overall_FOM_work_R_set                   0.830 
_refine.B_iso_max                                52.76 
_refine.B_iso_min                                12.34 
_refine.occupancy_max                            1.00 
_refine.occupancy_min                            0.30 
_refine.pdbx_ls_sigma_I                          ? 
_refine.ls_number_reflns_all                     ? 
_refine.ls_R_factor_all                          ? 
_refine.ls_redundancy_reflns_obs                 ? 
_refine.pdbx_data_cutoff_high_absF               ? 
_refine.pdbx_data_cutoff_low_absF                ? 
_refine.ls_number_parameters                     ? 
_refine.ls_number_restraints                     ? 
_refine.ls_R_factor_R_free_error                 ? 
_refine.ls_R_factor_R_free_error_details         ? 
_refine.pdbx_starting_model                      2D5R 
_refine.pdbx_stereochem_target_val_spec_case     ? 
_refine.solvent_model_param_bsol                 ? 
_refine.solvent_model_param_ksol                 ? 
_refine.pdbx_isotropic_thermal_model             ? 
_refine.pdbx_data_cutoff_high_rms_absF           ? 
_refine.overall_FOM_free_R_set                   ? 
_refine.pdbx_overall_phase_error                 ? 
_refine.pdbx_refine_id                           'X-RAY DIFFRACTION' 
_refine.pdbx_diffrn_id                           1 
_refine.pdbx_TLS_residual_ADP_flag               ? 
_refine.pdbx_overall_SU_R_free_Cruickshank_DPI   ? 
_refine.pdbx_overall_SU_R_Blow_DPI               ? 
_refine.pdbx_overall_SU_R_free_Blow_DPI          ? 
# 
_refine_hist.pdbx_refine_id                   'X-RAY DIFFRACTION' 
_refine_hist.cycle_id                         LAST 
_refine_hist.pdbx_number_atoms_protein        945 
_refine_hist.pdbx_number_atoms_nucleic_acid   0 
_refine_hist.pdbx_number_atoms_ligand         8 
_refine_hist.number_atoms_solvent             66 
_refine_hist.number_atoms_total               1019 
_refine_hist.d_res_high                       1.700 
_refine_hist.d_res_low                        35.220 
# 
loop_
_refine_ls_restr.type 
_refine_ls_restr.number 
_refine_ls_restr.dev_ideal 
_refine_ls_restr.dev_ideal_target 
_refine_ls_restr.weight 
_refine_ls_restr.pdbx_refine_id 
_refine_ls_restr.pdbx_restraint_function 
r_bond_refined_d         982  0.012  0.022  ? 'X-RAY DIFFRACTION' ? 
r_bond_other_d           667  0.001  0.020  ? 'X-RAY DIFFRACTION' ? 
r_angle_refined_deg      1347 1.431  1.983  ? 'X-RAY DIFFRACTION' ? 
r_angle_other_deg        1641 0.868  3.000  ? 'X-RAY DIFFRACTION' ? 
r_dihedral_angle_1_deg   133  5.210  5.000  ? 'X-RAY DIFFRACTION' ? 
r_dihedral_angle_2_deg   36   40.243 22.778 ? 'X-RAY DIFFRACTION' ? 
r_dihedral_angle_3_deg   158  10.931 15.000 ? 'X-RAY DIFFRACTION' ? 
r_dihedral_angle_4_deg   6    17.658 15.000 ? 'X-RAY DIFFRACTION' ? 
r_chiral_restr           156  0.080  0.200  ? 'X-RAY DIFFRACTION' ? 
r_gen_planes_refined     1096 0.005  0.020  ? 'X-RAY DIFFRACTION' ? 
r_gen_planes_other       196  0.001  0.020  ? 'X-RAY DIFFRACTION' ? 
r_nbd_refined            201  0.232  0.200  ? 'X-RAY DIFFRACTION' ? 
r_nbd_other              646  0.189  0.200  ? 'X-RAY DIFFRACTION' ? 
r_nbtor_refined          474  0.181  0.200  ? 'X-RAY DIFFRACTION' ? 
r_nbtor_other            502  0.084  0.200  ? 'X-RAY DIFFRACTION' ? 
r_xyhbond_nbd_refined    42   0.148  0.200  ? 'X-RAY DIFFRACTION' ? 
r_symmetry_vdw_refined   5    0.121  0.200  ? 'X-RAY DIFFRACTION' ? 
r_symmetry_vdw_other     43   0.241  0.200  ? 'X-RAY DIFFRACTION' ? 
r_symmetry_hbond_refined 5    0.094  0.200  ? 'X-RAY DIFFRACTION' ? 
r_mcbond_it              673  1.150  1.500  ? 'X-RAY DIFFRACTION' ? 
r_mcbond_other           247  0.271  1.500  ? 'X-RAY DIFFRACTION' ? 
r_mcangle_it             1010 1.501  2.000  ? 'X-RAY DIFFRACTION' ? 
r_scbond_it              394  2.369  3.000  ? 'X-RAY DIFFRACTION' ? 
r_scangle_it             329  3.161  4.500  ? 'X-RAY DIFFRACTION' ? 
# 
_refine_ls_shell.d_res_high                       1.700 
_refine_ls_shell.d_res_low                        1.744 
_refine_ls_shell.pdbx_total_number_of_bins_used   20 
_refine_ls_shell.percent_reflns_obs               97.830 
_refine_ls_shell.number_reflns_R_work             854 
_refine_ls_shell.R_factor_all                     ? 
_refine_ls_shell.R_factor_R_work                  0.302 
_refine_ls_shell.R_factor_R_free                  0.311 
_refine_ls_shell.percent_reflns_R_free            ? 
_refine_ls_shell.number_reflns_R_free             48 
_refine_ls_shell.R_factor_R_free_error            ? 
_refine_ls_shell.number_reflns_all                902 
_refine_ls_shell.number_reflns_obs                ? 
_refine_ls_shell.redundancy_reflns_obs            ? 
_refine_ls_shell.pdbx_refine_id                   'X-RAY DIFFRACTION' 
# 
_struct.entry_id                  3E9V 
_struct.title                     'Crystal structure of human B-cell Translocation Gene 2 (BTG2)' 
_struct.pdbx_model_details        ? 
_struct.pdbx_CASP_flag            ? 
_struct.pdbx_model_type_details   ? 
# 
_struct_keywords.entry_id        3E9V 
_struct_keywords.text            
;B-cell Translocation Gene 2, BTG2, STRUCTURAL GENOMICS, PSI-2, PROTEIN STRUCTURE INITIATIVE, NEW YORK STRUCTURAL GENOMIX RESEARCH CONSORTIUM, NYSGXRC, Transcription, Transcription regulation, New York SGX Research Center for Structural Genomics, transcription regulator, ANTIPROLIFERATIVE PROTEIN, TUMOUR SUPRESSOR
;
_struct_keywords.pdbx_keywords   'transcription regulator' 
# 
loop_
_struct_asym.id 
_struct_asym.pdbx_blank_PDB_chainid_flag 
_struct_asym.pdbx_modified 
_struct_asym.entity_id 
_struct_asym.details 
A N N 1 ? 
B N N 2 ? 
C N N 2 ? 
D N N 3 ? 
# 
_struct_ref.id                         1 
_struct_ref.db_name                    UNP 
_struct_ref.db_code                    BTG2_HUMAN 
_struct_ref.pdbx_db_accession          P78543 
_struct_ref.entity_id                  1 
_struct_ref.pdbx_seq_one_letter_code   
;DMLPEIAAAVGFLSSLLRTRGCVSEQRLKVFSGALQEALTEHYKHHWFPEKPSKGSGYRCIRINHKMDPIISRVASQIGL
SQPQLHQLLPSELTLWVDPYEVSYRIGEDGSICVLYEEAP
;
_struct_ref.pdbx_align_begin           8 
_struct_ref.pdbx_db_isoform            ? 
# 
_struct_ref_seq.align_id                      1 
_struct_ref_seq.ref_id                        1 
_struct_ref_seq.pdbx_PDB_id_code              3E9V 
_struct_ref_seq.pdbx_strand_id                A 
_struct_ref_seq.seq_align_beg                 1 
_struct_ref_seq.pdbx_seq_align_beg_ins_code   ? 
_struct_ref_seq.seq_align_end                 120 
_struct_ref_seq.pdbx_seq_align_end_ins_code   ? 
_struct_ref_seq.pdbx_db_accession             P78543 
_struct_ref_seq.db_align_beg                  8 
_struct_ref_seq.pdbx_db_align_beg_ins_code    ? 
_struct_ref_seq.db_align_end                  127 
_struct_ref_seq.pdbx_db_align_end_ins_code    ? 
_struct_ref_seq.pdbx_auth_seq_align_beg       9 
_struct_ref_seq.pdbx_auth_seq_align_end       128 
# 
_pdbx_struct_assembly.id                   1 
_pdbx_struct_assembly.details              author_and_software_defined_assembly 
_pdbx_struct_assembly.method_details       PISA 
_pdbx_struct_assembly.oligomeric_details   monomeric 
_pdbx_struct_assembly.oligomeric_count     1 
# 
_pdbx_struct_assembly_gen.assembly_id       1 
_pdbx_struct_assembly_gen.oper_expression   1 
_pdbx_struct_assembly_gen.asym_id_list      A,B,C,D 
# 
_pdbx_struct_oper_list.id                   1 
_pdbx_struct_oper_list.type                 'identity operation' 
_pdbx_struct_oper_list.name                 1_555 
_pdbx_struct_oper_list.symmetry_operation   x,y,z 
_pdbx_struct_oper_list.matrix[1][1]         1.0000000000 
_pdbx_struct_oper_list.matrix[1][2]         0.0000000000 
_pdbx_struct_oper_list.matrix[1][3]         0.0000000000 
_pdbx_struct_oper_list.vector[1]            0.0000000000 
_pdbx_struct_oper_list.matrix[2][1]         0.0000000000 
_pdbx_struct_oper_list.matrix[2][2]         1.0000000000 
_pdbx_struct_oper_list.matrix[2][3]         0.0000000000 
_pdbx_struct_oper_list.vector[2]            0.0000000000 
_pdbx_struct_oper_list.matrix[3][1]         0.0000000000 
_pdbx_struct_oper_list.matrix[3][2]         0.0000000000 
_pdbx_struct_oper_list.matrix[3][3]         1.0000000000 
_pdbx_struct_oper_list.vector[3]            0.0000000000 
# 
loop_
_struct_conf.conf_type_id 
_struct_conf.id 
_struct_conf.pdbx_PDB_helix_id 
_struct_conf.beg_label_comp_id 
_struct_conf.beg_label_asym_id 
_struct_conf.beg_label_seq_id 
_struct_conf.pdbx_beg_PDB_ins_code 
_struct_conf.end_label_comp_id 
_struct_conf.end_label_asym_id 
_struct_conf.end_label_seq_id 
_struct_conf.pdbx_end_PDB_ins_code 
_struct_conf.beg_auth_comp_id 
_struct_conf.beg_auth_asym_id 
_struct_conf.beg_auth_seq_id 
_struct_conf.end_auth_comp_id 
_struct_conf.end_auth_asym_id 
_struct_conf.end_auth_seq_id 
_struct_conf.pdbx_PDB_helix_class 
_struct_conf.details 
_struct_conf.pdbx_PDB_helix_length 
HELX_P HELX_P1 1 MSE A 2  ? GLY A 21 ? MSE A 10 GLY A 29 1 ? 20 
HELX_P HELX_P2 2 SER A 24 ? LYS A 44 ? SER A 32 LYS A 52 1 ? 21 
HELX_P HELX_P3 3 GLY A 55 ? CYS A 60 ? GLY A 63 CYS A 68 1 ? 6  
HELX_P HELX_P4 4 ASP A 68 ? ILE A 78 ? ASP A 76 ILE A 86 1 ? 11 
HELX_P HELX_P5 5 SER A 81 ? LEU A 89 ? SER A 89 LEU A 97 1 ? 9  
# 
_struct_conf_type.id          HELX_P 
_struct_conf_type.criteria    ? 
_struct_conf_type.reference   ? 
# 
loop_
_struct_conn.id 
_struct_conn.conn_type_id 
_struct_conn.pdbx_leaving_atom_flag 
_struct_conn.pdbx_PDB_id 
_struct_conn.ptnr1_label_asym_id 
_struct_conn.ptnr1_label_comp_id 
_struct_conn.ptnr1_label_seq_id 
_struct_conn.ptnr1_label_atom_id 
_struct_conn.pdbx_ptnr1_label_alt_id 
_struct_conn.pdbx_ptnr1_PDB_ins_code 
_struct_conn.pdbx_ptnr1_standard_comp_id 
_struct_conn.ptnr1_symmetry 
_struct_conn.ptnr2_label_asym_id 
_struct_conn.ptnr2_label_comp_id 
_struct_conn.ptnr2_label_seq_id 
_struct_conn.ptnr2_label_atom_id 
_struct_conn.pdbx_ptnr2_label_alt_id 
_struct_conn.pdbx_ptnr2_PDB_ins_code 
_struct_conn.ptnr1_auth_asym_id 
_struct_conn.ptnr1_auth_comp_id 
_struct_conn.ptnr1_auth_seq_id 
_struct_conn.ptnr2_auth_asym_id 
_struct_conn.ptnr2_auth_comp_id 
_struct_conn.ptnr2_auth_seq_id 
_struct_conn.ptnr2_symmetry 
_struct_conn.pdbx_ptnr3_label_atom_id 
_struct_conn.pdbx_ptnr3_label_seq_id 
_struct_conn.pdbx_ptnr3_label_comp_id 
_struct_conn.pdbx_ptnr3_label_asym_id 
_struct_conn.pdbx_ptnr3_label_alt_id 
_struct_conn.pdbx_ptnr3_PDB_ins_code 
_struct_conn.details 
_struct_conn.pdbx_dist_value 
_struct_conn.pdbx_value_order 
_struct_conn.pdbx_role 
covale1 covale both ? A ASP 1  C ? ? ? 1_555 A MSE 2  N ? ? A ASP 9  A MSE 10 1_555 ? ? ? ? ? ? ? 1.331 ? ? 
covale2 covale both ? A MSE 2  C ? ? ? 1_555 A LEU 3  N ? ? A MSE 10 A LEU 11 1_555 ? ? ? ? ? ? ? 1.324 ? ? 
covale3 covale both ? A LYS 66 C ? ? ? 1_555 A MSE 67 N ? ? A LYS 74 A MSE 75 1_555 ? ? ? ? ? ? ? 1.327 ? ? 
covale4 covale both ? A MSE 67 C ? ? ? 1_555 A ASP 68 N ? ? A MSE 75 A ASP 76 1_555 ? ? ? ? ? ? ? 1.332 ? ? 
# 
_struct_conn_type.id          covale 
_struct_conn_type.criteria    ? 
_struct_conn_type.reference   ? 
# 
loop_
_pdbx_modification_feature.ordinal 
_pdbx_modification_feature.label_comp_id 
_pdbx_modification_feature.label_asym_id 
_pdbx_modification_feature.label_seq_id 
_pdbx_modification_feature.label_alt_id 
_pdbx_modification_feature.modified_residue_label_comp_id 
_pdbx_modification_feature.modified_residue_label_asym_id 
_pdbx_modification_feature.modified_residue_label_seq_id 
_pdbx_modification_feature.modified_residue_label_alt_id 
_pdbx_modification_feature.auth_comp_id 
_pdbx_modification_feature.auth_asym_id 
_pdbx_modification_feature.auth_seq_id 
_pdbx_modification_feature.PDB_ins_code 
_pdbx_modification_feature.symmetry 
_pdbx_modification_feature.modified_residue_auth_comp_id 
_pdbx_modification_feature.modified_residue_auth_asym_id 
_pdbx_modification_feature.modified_residue_auth_seq_id 
_pdbx_modification_feature.modified_residue_PDB_ins_code 
_pdbx_modification_feature.modified_residue_symmetry 
_pdbx_modification_feature.comp_id_linking_atom 
_pdbx_modification_feature.modified_residue_id_linking_atom 
_pdbx_modification_feature.modified_residue_id 
_pdbx_modification_feature.ref_pcm_id 
_pdbx_modification_feature.ref_comp_id 
_pdbx_modification_feature.type 
_pdbx_modification_feature.category 
1 MSE A 2  ? . . . . MSE A 10 ? 1_555 . . . . . . . MET 1 MSE Selenomethionine 'Named protein modification' 
2 MSE A 67 ? . . . . MSE A 75 ? 1_555 . . . . . . . MET 1 MSE Selenomethionine 'Named protein modification' 
# 
_struct_sheet.id               A 
_struct_sheet.type             ? 
_struct_sheet.number_strands   4 
_struct_sheet.details          ? 
# 
loop_
_struct_sheet_order.sheet_id 
_struct_sheet_order.range_id_1 
_struct_sheet_order.range_id_2 
_struct_sheet_order.offset 
_struct_sheet_order.sense 
A 1 2 ? anti-parallel 
A 2 3 ? anti-parallel 
A 3 4 ? anti-parallel 
# 
loop_
_struct_sheet_range.sheet_id 
_struct_sheet_range.id 
_struct_sheet_range.beg_label_comp_id 
_struct_sheet_range.beg_label_asym_id 
_struct_sheet_range.beg_label_seq_id 
_struct_sheet_range.pdbx_beg_PDB_ins_code 
_struct_sheet_range.end_label_comp_id 
_struct_sheet_range.end_label_asym_id 
_struct_sheet_range.end_label_seq_id 
_struct_sheet_range.pdbx_end_PDB_ins_code 
_struct_sheet_range.beg_auth_comp_id 
_struct_sheet_range.beg_auth_asym_id 
_struct_sheet_range.beg_auth_seq_id 
_struct_sheet_range.end_auth_comp_id 
_struct_sheet_range.end_auth_asym_id 
_struct_sheet_range.end_auth_seq_id 
A 1 ILE A 61  ? ARG A 62  ? ILE A 69  ARG A 70  
A 2 LEU A 93  ? ASP A 98  ? LEU A 101 ASP A 106 
A 3 GLU A 101 ? ILE A 106 ? GLU A 109 ILE A 114 
A 4 ILE A 112 ? GLU A 117 ? ILE A 120 GLU A 125 
# 
loop_
_pdbx_struct_sheet_hbond.sheet_id 
_pdbx_struct_sheet_hbond.range_id_1 
_pdbx_struct_sheet_hbond.range_id_2 
_pdbx_struct_sheet_hbond.range_1_label_atom_id 
_pdbx_struct_sheet_hbond.range_1_label_comp_id 
_pdbx_struct_sheet_hbond.range_1_label_asym_id 
_pdbx_struct_sheet_hbond.range_1_label_seq_id 
_pdbx_struct_sheet_hbond.range_1_PDB_ins_code 
_pdbx_struct_sheet_hbond.range_1_auth_atom_id 
_pdbx_struct_sheet_hbond.range_1_auth_comp_id 
_pdbx_struct_sheet_hbond.range_1_auth_asym_id 
_pdbx_struct_sheet_hbond.range_1_auth_seq_id 
_pdbx_struct_sheet_hbond.range_2_label_atom_id 
_pdbx_struct_sheet_hbond.range_2_label_comp_id 
_pdbx_struct_sheet_hbond.range_2_label_asym_id 
_pdbx_struct_sheet_hbond.range_2_label_seq_id 
_pdbx_struct_sheet_hbond.range_2_PDB_ins_code 
_pdbx_struct_sheet_hbond.range_2_auth_atom_id 
_pdbx_struct_sheet_hbond.range_2_auth_comp_id 
_pdbx_struct_sheet_hbond.range_2_auth_asym_id 
_pdbx_struct_sheet_hbond.range_2_auth_seq_id 
A 1 2 N ILE A 61  ? N ILE A 69  O LEU A 95  ? O LEU A 103 
A 2 3 N TRP A 96  ? N TRP A 104 O SER A 103 ? O SER A 111 
A 3 4 N TYR A 104 ? N TYR A 112 O CYS A 113 ? O CYS A 121 
# 
loop_
_struct_site.id 
_struct_site.pdbx_evidence_code 
_struct_site.pdbx_auth_asym_id 
_struct_site.pdbx_auth_comp_id 
_struct_site.pdbx_auth_seq_id 
_struct_site.pdbx_auth_ins_code 
_struct_site.pdbx_num_residues 
_struct_site.details 
AC1 Software A EDO 1 ? 7 'BINDING SITE FOR RESIDUE EDO A 1' 
AC2 Software A EDO 2 ? 4 'BINDING SITE FOR RESIDUE EDO A 2' 
# 
loop_
_struct_site_gen.id 
_struct_site_gen.site_id 
_struct_site_gen.pdbx_num_res 
_struct_site_gen.label_comp_id 
_struct_site_gen.label_asym_id 
_struct_site_gen.label_seq_id 
_struct_site_gen.pdbx_auth_ins_code 
_struct_site_gen.auth_comp_id 
_struct_site_gen.auth_asym_id 
_struct_site_gen.auth_seq_id 
_struct_site_gen.label_atom_id 
_struct_site_gen.label_alt_id 
_struct_site_gen.symmetry 
_struct_site_gen.details 
1  AC1 7 HIS A 42 ? HIS A 50  . ? 1_555 ? 
2  AC1 7 TYR A 58 ? TYR A 66  . ? 1_555 ? 
3  AC1 7 ARG A 59 ? ARG A 67  . ? 1_555 ? 
4  AC1 7 CYS A 60 ? CYS A 68  . ? 1_555 ? 
5  AC1 7 ASP A 68 ? ASP A 76  . ? 1_555 ? 
6  AC1 7 ILE A 70 ? ILE A 78  . ? 1_555 ? 
7  AC1 7 HOH D .  ? HOH A 190 . ? 1_555 ? 
8  AC2 4 GLY A 33 ? GLY A 41  . ? 1_555 ? 
9  AC2 4 GLU A 37 ? GLU A 45  . ? 1_555 ? 
10 AC2 4 LYS A 51 ? LYS A 59  . ? 4_555 ? 
11 AC2 4 HOH D .  ? HOH A 185 . ? 1_555 ? 
# 
_pdbx_entry_details.entry_id                   3E9V 
_pdbx_entry_details.compound_details           ? 
_pdbx_entry_details.source_details             ? 
_pdbx_entry_details.nonpolymer_details         ? 
_pdbx_entry_details.sequence_details           ? 
_pdbx_entry_details.has_ligand_of_interest     ? 
_pdbx_entry_details.has_protein_modification   Y 
# 
_pdbx_validate_close_contact.id               1 
_pdbx_validate_close_contact.PDB_model_num    1 
_pdbx_validate_close_contact.auth_atom_id_1   OE1 
_pdbx_validate_close_contact.auth_asym_id_1   A 
_pdbx_validate_close_contact.auth_comp_id_1   GLU 
_pdbx_validate_close_contact.auth_seq_id_1    58 
_pdbx_validate_close_contact.PDB_ins_code_1   ? 
_pdbx_validate_close_contact.label_alt_id_1   ? 
_pdbx_validate_close_contact.auth_atom_id_2   O 
_pdbx_validate_close_contact.auth_asym_id_2   A 
_pdbx_validate_close_contact.auth_comp_id_2   HOH 
_pdbx_validate_close_contact.auth_seq_id_2    173 
_pdbx_validate_close_contact.PDB_ins_code_2   ? 
_pdbx_validate_close_contact.label_alt_id_2   ? 
_pdbx_validate_close_contact.dist             2.18 
# 
loop_
_pdbx_validate_torsion.id 
_pdbx_validate_torsion.PDB_model_num 
_pdbx_validate_torsion.auth_comp_id 
_pdbx_validate_torsion.auth_asym_id 
_pdbx_validate_torsion.auth_seq_id 
_pdbx_validate_torsion.PDB_ins_code 
_pdbx_validate_torsion.label_alt_id 
_pdbx_validate_torsion.phi 
_pdbx_validate_torsion.psi 
1 1 MSE A 10  ? ? 80.06   -29.15  
2 1 ASN A 72  ? ? -129.34 -133.89 
3 1 TYR A 108 ? ? 77.29   -0.78   
# 
_pdbx_SG_project.id                    1 
_pdbx_SG_project.project_name          'PSI, Protein Structure Initiative' 
_pdbx_SG_project.full_name_of_center   'New York SGX Research Center for Structural Genomics' 
_pdbx_SG_project.initial_of_center     NYSGXRC 
# 
loop_
_pdbx_struct_mod_residue.id 
_pdbx_struct_mod_residue.label_asym_id 
_pdbx_struct_mod_residue.label_comp_id 
_pdbx_struct_mod_residue.label_seq_id 
_pdbx_struct_mod_residue.auth_asym_id 
_pdbx_struct_mod_residue.auth_comp_id 
_pdbx_struct_mod_residue.auth_seq_id 
_pdbx_struct_mod_residue.PDB_ins_code 
_pdbx_struct_mod_residue.parent_comp_id 
_pdbx_struct_mod_residue.details 
1 A MSE 2  A MSE 10 ? MET SELENOMETHIONINE 
2 A MSE 67 A MSE 75 ? MET SELENOMETHIONINE 
# 
loop_
_chem_comp_atom.comp_id 
_chem_comp_atom.atom_id 
_chem_comp_atom.type_symbol 
_chem_comp_atom.pdbx_aromatic_flag 
_chem_comp_atom.pdbx_stereo_config 
_chem_comp_atom.pdbx_ordinal 
ALA N    N  N N 1   
ALA CA   C  N S 2   
ALA C    C  N N 3   
ALA O    O  N N 4   
ALA CB   C  N N 5   
ALA OXT  O  N N 6   
ALA H    H  N N 7   
ALA H2   H  N N 8   
ALA HA   H  N N 9   
ALA HB1  H  N N 10  
ALA HB2  H  N N 11  
ALA HB3  H  N N 12  
ALA HXT  H  N N 13  
ARG N    N  N N 14  
ARG CA   C  N S 15  
ARG C    C  N N 16  
ARG O    O  N N 17  
ARG CB   C  N N 18  
ARG CG   C  N N 19  
ARG CD   C  N N 20  
ARG NE   N  N N 21  
ARG CZ   C  N N 22  
ARG NH1  N  N N 23  
ARG NH2  N  N N 24  
ARG OXT  O  N N 25  
ARG H    H  N N 26  
ARG H2   H  N N 27  
ARG HA   H  N N 28  
ARG HB2  H  N N 29  
ARG HB3  H  N N 30  
ARG HG2  H  N N 31  
ARG HG3  H  N N 32  
ARG HD2  H  N N 33  
ARG HD3  H  N N 34  
ARG HE   H  N N 35  
ARG HH11 H  N N 36  
ARG HH12 H  N N 37  
ARG HH21 H  N N 38  
ARG HH22 H  N N 39  
ARG HXT  H  N N 40  
ASN N    N  N N 41  
ASN CA   C  N S 42  
ASN C    C  N N 43  
ASN O    O  N N 44  
ASN CB   C  N N 45  
ASN CG   C  N N 46  
ASN OD1  O  N N 47  
ASN ND2  N  N N 48  
ASN OXT  O  N N 49  
ASN H    H  N N 50  
ASN H2   H  N N 51  
ASN HA   H  N N 52  
ASN HB2  H  N N 53  
ASN HB3  H  N N 54  
ASN HD21 H  N N 55  
ASN HD22 H  N N 56  
ASN HXT  H  N N 57  
ASP N    N  N N 58  
ASP CA   C  N S 59  
ASP C    C  N N 60  
ASP O    O  N N 61  
ASP CB   C  N N 62  
ASP CG   C  N N 63  
ASP OD1  O  N N 64  
ASP OD2  O  N N 65  
ASP OXT  O  N N 66  
ASP H    H  N N 67  
ASP H2   H  N N 68  
ASP HA   H  N N 69  
ASP HB2  H  N N 70  
ASP HB3  H  N N 71  
ASP HD2  H  N N 72  
ASP HXT  H  N N 73  
CYS N    N  N N 74  
CYS CA   C  N R 75  
CYS C    C  N N 76  
CYS O    O  N N 77  
CYS CB   C  N N 78  
CYS SG   S  N N 79  
CYS OXT  O  N N 80  
CYS H    H  N N 81  
CYS H2   H  N N 82  
CYS HA   H  N N 83  
CYS HB2  H  N N 84  
CYS HB3  H  N N 85  
CYS HG   H  N N 86  
CYS HXT  H  N N 87  
EDO C1   C  N N 88  
EDO O1   O  N N 89  
EDO C2   C  N N 90  
EDO O2   O  N N 91  
EDO H11  H  N N 92  
EDO H12  H  N N 93  
EDO HO1  H  N N 94  
EDO H21  H  N N 95  
EDO H22  H  N N 96  
EDO HO2  H  N N 97  
GLN N    N  N N 98  
GLN CA   C  N S 99  
GLN C    C  N N 100 
GLN O    O  N N 101 
GLN CB   C  N N 102 
GLN CG   C  N N 103 
GLN CD   C  N N 104 
GLN OE1  O  N N 105 
GLN NE2  N  N N 106 
GLN OXT  O  N N 107 
GLN H    H  N N 108 
GLN H2   H  N N 109 
GLN HA   H  N N 110 
GLN HB2  H  N N 111 
GLN HB3  H  N N 112 
GLN HG2  H  N N 113 
GLN HG3  H  N N 114 
GLN HE21 H  N N 115 
GLN HE22 H  N N 116 
GLN HXT  H  N N 117 
GLU N    N  N N 118 
GLU CA   C  N S 119 
GLU C    C  N N 120 
GLU O    O  N N 121 
GLU CB   C  N N 122 
GLU CG   C  N N 123 
GLU CD   C  N N 124 
GLU OE1  O  N N 125 
GLU OE2  O  N N 126 
GLU OXT  O  N N 127 
GLU H    H  N N 128 
GLU H2   H  N N 129 
GLU HA   H  N N 130 
GLU HB2  H  N N 131 
GLU HB3  H  N N 132 
GLU HG2  H  N N 133 
GLU HG3  H  N N 134 
GLU HE2  H  N N 135 
GLU HXT  H  N N 136 
GLY N    N  N N 137 
GLY CA   C  N N 138 
GLY C    C  N N 139 
GLY O    O  N N 140 
GLY OXT  O  N N 141 
GLY H    H  N N 142 
GLY H2   H  N N 143 
GLY HA2  H  N N 144 
GLY HA3  H  N N 145 
GLY HXT  H  N N 146 
HIS N    N  N N 147 
HIS CA   C  N S 148 
HIS C    C  N N 149 
HIS O    O  N N 150 
HIS CB   C  N N 151 
HIS CG   C  Y N 152 
HIS ND1  N  Y N 153 
HIS CD2  C  Y N 154 
HIS CE1  C  Y N 155 
HIS NE2  N  Y N 156 
HIS OXT  O  N N 157 
HIS H    H  N N 158 
HIS H2   H  N N 159 
HIS HA   H  N N 160 
HIS HB2  H  N N 161 
HIS HB3  H  N N 162 
HIS HD1  H  N N 163 
HIS HD2  H  N N 164 
HIS HE1  H  N N 165 
HIS HE2  H  N N 166 
HIS HXT  H  N N 167 
HOH O    O  N N 168 
HOH H1   H  N N 169 
HOH H2   H  N N 170 
ILE N    N  N N 171 
ILE CA   C  N S 172 
ILE C    C  N N 173 
ILE O    O  N N 174 
ILE CB   C  N S 175 
ILE CG1  C  N N 176 
ILE CG2  C  N N 177 
ILE CD1  C  N N 178 
ILE OXT  O  N N 179 
ILE H    H  N N 180 
ILE H2   H  N N 181 
ILE HA   H  N N 182 
ILE HB   H  N N 183 
ILE HG12 H  N N 184 
ILE HG13 H  N N 185 
ILE HG21 H  N N 186 
ILE HG22 H  N N 187 
ILE HG23 H  N N 188 
ILE HD11 H  N N 189 
ILE HD12 H  N N 190 
ILE HD13 H  N N 191 
ILE HXT  H  N N 192 
LEU N    N  N N 193 
LEU CA   C  N S 194 
LEU C    C  N N 195 
LEU O    O  N N 196 
LEU CB   C  N N 197 
LEU CG   C  N N 198 
LEU CD1  C  N N 199 
LEU CD2  C  N N 200 
LEU OXT  O  N N 201 
LEU H    H  N N 202 
LEU H2   H  N N 203 
LEU HA   H  N N 204 
LEU HB2  H  N N 205 
LEU HB3  H  N N 206 
LEU HG   H  N N 207 
LEU HD11 H  N N 208 
LEU HD12 H  N N 209 
LEU HD13 H  N N 210 
LEU HD21 H  N N 211 
LEU HD22 H  N N 212 
LEU HD23 H  N N 213 
LEU HXT  H  N N 214 
LYS N    N  N N 215 
LYS CA   C  N S 216 
LYS C    C  N N 217 
LYS O    O  N N 218 
LYS CB   C  N N 219 
LYS CG   C  N N 220 
LYS CD   C  N N 221 
LYS CE   C  N N 222 
LYS NZ   N  N N 223 
LYS OXT  O  N N 224 
LYS H    H  N N 225 
LYS H2   H  N N 226 
LYS HA   H  N N 227 
LYS HB2  H  N N 228 
LYS HB3  H  N N 229 
LYS HG2  H  N N 230 
LYS HG3  H  N N 231 
LYS HD2  H  N N 232 
LYS HD3  H  N N 233 
LYS HE2  H  N N 234 
LYS HE3  H  N N 235 
LYS HZ1  H  N N 236 
LYS HZ2  H  N N 237 
LYS HZ3  H  N N 238 
LYS HXT  H  N N 239 
MSE N    N  N N 240 
MSE CA   C  N S 241 
MSE C    C  N N 242 
MSE O    O  N N 243 
MSE OXT  O  N N 244 
MSE CB   C  N N 245 
MSE CG   C  N N 246 
MSE SE   SE N N 247 
MSE CE   C  N N 248 
MSE H    H  N N 249 
MSE H2   H  N N 250 
MSE HA   H  N N 251 
MSE HXT  H  N N 252 
MSE HB2  H  N N 253 
MSE HB3  H  N N 254 
MSE HG2  H  N N 255 
MSE HG3  H  N N 256 
MSE HE1  H  N N 257 
MSE HE2  H  N N 258 
MSE HE3  H  N N 259 
PHE N    N  N N 260 
PHE CA   C  N S 261 
PHE C    C  N N 262 
PHE O    O  N N 263 
PHE CB   C  N N 264 
PHE CG   C  Y N 265 
PHE CD1  C  Y N 266 
PHE CD2  C  Y N 267 
PHE CE1  C  Y N 268 
PHE CE2  C  Y N 269 
PHE CZ   C  Y N 270 
PHE OXT  O  N N 271 
PHE H    H  N N 272 
PHE H2   H  N N 273 
PHE HA   H  N N 274 
PHE HB2  H  N N 275 
PHE HB3  H  N N 276 
PHE HD1  H  N N 277 
PHE HD2  H  N N 278 
PHE HE1  H  N N 279 
PHE HE2  H  N N 280 
PHE HZ   H  N N 281 
PHE HXT  H  N N 282 
PRO N    N  N N 283 
PRO CA   C  N S 284 
PRO C    C  N N 285 
PRO O    O  N N 286 
PRO CB   C  N N 287 
PRO CG   C  N N 288 
PRO CD   C  N N 289 
PRO OXT  O  N N 290 
PRO H    H  N N 291 
PRO HA   H  N N 292 
PRO HB2  H  N N 293 
PRO HB3  H  N N 294 
PRO HG2  H  N N 295 
PRO HG3  H  N N 296 
PRO HD2  H  N N 297 
PRO HD3  H  N N 298 
PRO HXT  H  N N 299 
SER N    N  N N 300 
SER CA   C  N S 301 
SER C    C  N N 302 
SER O    O  N N 303 
SER CB   C  N N 304 
SER OG   O  N N 305 
SER OXT  O  N N 306 
SER H    H  N N 307 
SER H2   H  N N 308 
SER HA   H  N N 309 
SER HB2  H  N N 310 
SER HB3  H  N N 311 
SER HG   H  N N 312 
SER HXT  H  N N 313 
THR N    N  N N 314 
THR CA   C  N S 315 
THR C    C  N N 316 
THR O    O  N N 317 
THR CB   C  N R 318 
THR OG1  O  N N 319 
THR CG2  C  N N 320 
THR OXT  O  N N 321 
THR H    H  N N 322 
THR H2   H  N N 323 
THR HA   H  N N 324 
THR HB   H  N N 325 
THR HG1  H  N N 326 
THR HG21 H  N N 327 
THR HG22 H  N N 328 
THR HG23 H  N N 329 
THR HXT  H  N N 330 
TRP N    N  N N 331 
TRP CA   C  N S 332 
TRP C    C  N N 333 
TRP O    O  N N 334 
TRP CB   C  N N 335 
TRP CG   C  Y N 336 
TRP CD1  C  Y N 337 
TRP CD2  C  Y N 338 
TRP NE1  N  Y N 339 
TRP CE2  C  Y N 340 
TRP CE3  C  Y N 341 
TRP CZ2  C  Y N 342 
TRP CZ3  C  Y N 343 
TRP CH2  C  Y N 344 
TRP OXT  O  N N 345 
TRP H    H  N N 346 
TRP H2   H  N N 347 
TRP HA   H  N N 348 
TRP HB2  H  N N 349 
TRP HB3  H  N N 350 
TRP HD1  H  N N 351 
TRP HE1  H  N N 352 
TRP HE3  H  N N 353 
TRP HZ2  H  N N 354 
TRP HZ3  H  N N 355 
TRP HH2  H  N N 356 
TRP HXT  H  N N 357 
TYR N    N  N N 358 
TYR CA   C  N S 359 
TYR C    C  N N 360 
TYR O    O  N N 361 
TYR CB   C  N N 362 
TYR CG   C  Y N 363 
TYR CD1  C  Y N 364 
TYR CD2  C  Y N 365 
TYR CE1  C  Y N 366 
TYR CE2  C  Y N 367 
TYR CZ   C  Y N 368 
TYR OH   O  N N 369 
TYR OXT  O  N N 370 
TYR H    H  N N 371 
TYR H2   H  N N 372 
TYR HA   H  N N 373 
TYR HB2  H  N N 374 
TYR HB3  H  N N 375 
TYR HD1  H  N N 376 
TYR HD2  H  N N 377 
TYR HE1  H  N N 378 
TYR HE2  H  N N 379 
TYR HH   H  N N 380 
TYR HXT  H  N N 381 
VAL N    N  N N 382 
VAL CA   C  N S 383 
VAL C    C  N N 384 
VAL O    O  N N 385 
VAL CB   C  N N 386 
VAL CG1  C  N N 387 
VAL CG2  C  N N 388 
VAL OXT  O  N N 389 
VAL H    H  N N 390 
VAL H2   H  N N 391 
VAL HA   H  N N 392 
VAL HB   H  N N 393 
VAL HG11 H  N N 394 
VAL HG12 H  N N 395 
VAL HG13 H  N N 396 
VAL HG21 H  N N 397 
VAL HG22 H  N N 398 
VAL HG23 H  N N 399 
VAL HXT  H  N N 400 
# 
loop_
_chem_comp_bond.comp_id 
_chem_comp_bond.atom_id_1 
_chem_comp_bond.atom_id_2 
_chem_comp_bond.value_order 
_chem_comp_bond.pdbx_aromatic_flag 
_chem_comp_bond.pdbx_stereo_config 
_chem_comp_bond.pdbx_ordinal 
ALA N   CA   sing N N 1   
ALA N   H    sing N N 2   
ALA N   H2   sing N N 3   
ALA CA  C    sing N N 4   
ALA CA  CB   sing N N 5   
ALA CA  HA   sing N N 6   
ALA C   O    doub N N 7   
ALA C   OXT  sing N N 8   
ALA CB  HB1  sing N N 9   
ALA CB  HB2  sing N N 10  
ALA CB  HB3  sing N N 11  
ALA OXT HXT  sing N N 12  
ARG N   CA   sing N N 13  
ARG N   H    sing N N 14  
ARG N   H2   sing N N 15  
ARG CA  C    sing N N 16  
ARG CA  CB   sing N N 17  
ARG CA  HA   sing N N 18  
ARG C   O    doub N N 19  
ARG C   OXT  sing N N 20  
ARG CB  CG   sing N N 21  
ARG CB  HB2  sing N N 22  
ARG CB  HB3  sing N N 23  
ARG CG  CD   sing N N 24  
ARG CG  HG2  sing N N 25  
ARG CG  HG3  sing N N 26  
ARG CD  NE   sing N N 27  
ARG CD  HD2  sing N N 28  
ARG CD  HD3  sing N N 29  
ARG NE  CZ   sing N N 30  
ARG NE  HE   sing N N 31  
ARG CZ  NH1  sing N N 32  
ARG CZ  NH2  doub N N 33  
ARG NH1 HH11 sing N N 34  
ARG NH1 HH12 sing N N 35  
ARG NH2 HH21 sing N N 36  
ARG NH2 HH22 sing N N 37  
ARG OXT HXT  sing N N 38  
ASN N   CA   sing N N 39  
ASN N   H    sing N N 40  
ASN N   H2   sing N N 41  
ASN CA  C    sing N N 42  
ASN CA  CB   sing N N 43  
ASN CA  HA   sing N N 44  
ASN C   O    doub N N 45  
ASN C   OXT  sing N N 46  
ASN CB  CG   sing N N 47  
ASN CB  HB2  sing N N 48  
ASN CB  HB3  sing N N 49  
ASN CG  OD1  doub N N 50  
ASN CG  ND2  sing N N 51  
ASN ND2 HD21 sing N N 52  
ASN ND2 HD22 sing N N 53  
ASN OXT HXT  sing N N 54  
ASP N   CA   sing N N 55  
ASP N   H    sing N N 56  
ASP N   H2   sing N N 57  
ASP CA  C    sing N N 58  
ASP CA  CB   sing N N 59  
ASP CA  HA   sing N N 60  
ASP C   O    doub N N 61  
ASP C   OXT  sing N N 62  
ASP CB  CG   sing N N 63  
ASP CB  HB2  sing N N 64  
ASP CB  HB3  sing N N 65  
ASP CG  OD1  doub N N 66  
ASP CG  OD2  sing N N 67  
ASP OD2 HD2  sing N N 68  
ASP OXT HXT  sing N N 69  
CYS N   CA   sing N N 70  
CYS N   H    sing N N 71  
CYS N   H2   sing N N 72  
CYS CA  C    sing N N 73  
CYS CA  CB   sing N N 74  
CYS CA  HA   sing N N 75  
CYS C   O    doub N N 76  
CYS C   OXT  sing N N 77  
CYS CB  SG   sing N N 78  
CYS CB  HB2  sing N N 79  
CYS CB  HB3  sing N N 80  
CYS SG  HG   sing N N 81  
CYS OXT HXT  sing N N 82  
EDO C1  O1   sing N N 83  
EDO C1  C2   sing N N 84  
EDO C1  H11  sing N N 85  
EDO C1  H12  sing N N 86  
EDO O1  HO1  sing N N 87  
EDO C2  O2   sing N N 88  
EDO C2  H21  sing N N 89  
EDO C2  H22  sing N N 90  
EDO O2  HO2  sing N N 91  
GLN N   CA   sing N N 92  
GLN N   H    sing N N 93  
GLN N   H2   sing N N 94  
GLN CA  C    sing N N 95  
GLN CA  CB   sing N N 96  
GLN CA  HA   sing N N 97  
GLN C   O    doub N N 98  
GLN C   OXT  sing N N 99  
GLN CB  CG   sing N N 100 
GLN CB  HB2  sing N N 101 
GLN CB  HB3  sing N N 102 
GLN CG  CD   sing N N 103 
GLN CG  HG2  sing N N 104 
GLN CG  HG3  sing N N 105 
GLN CD  OE1  doub N N 106 
GLN CD  NE2  sing N N 107 
GLN NE2 HE21 sing N N 108 
GLN NE2 HE22 sing N N 109 
GLN OXT HXT  sing N N 110 
GLU N   CA   sing N N 111 
GLU N   H    sing N N 112 
GLU N   H2   sing N N 113 
GLU CA  C    sing N N 114 
GLU CA  CB   sing N N 115 
GLU CA  HA   sing N N 116 
GLU C   O    doub N N 117 
GLU C   OXT  sing N N 118 
GLU CB  CG   sing N N 119 
GLU CB  HB2  sing N N 120 
GLU CB  HB3  sing N N 121 
GLU CG  CD   sing N N 122 
GLU CG  HG2  sing N N 123 
GLU CG  HG3  sing N N 124 
GLU CD  OE1  doub N N 125 
GLU CD  OE2  sing N N 126 
GLU OE2 HE2  sing N N 127 
GLU OXT HXT  sing N N 128 
GLY N   CA   sing N N 129 
GLY N   H    sing N N 130 
GLY N   H2   sing N N 131 
GLY CA  C    sing N N 132 
GLY CA  HA2  sing N N 133 
GLY CA  HA3  sing N N 134 
GLY C   O    doub N N 135 
GLY C   OXT  sing N N 136 
GLY OXT HXT  sing N N 137 
HIS N   CA   sing N N 138 
HIS N   H    sing N N 139 
HIS N   H2   sing N N 140 
HIS CA  C    sing N N 141 
HIS CA  CB   sing N N 142 
HIS CA  HA   sing N N 143 
HIS C   O    doub N N 144 
HIS C   OXT  sing N N 145 
HIS CB  CG   sing N N 146 
HIS CB  HB2  sing N N 147 
HIS CB  HB3  sing N N 148 
HIS CG  ND1  sing Y N 149 
HIS CG  CD2  doub Y N 150 
HIS ND1 CE1  doub Y N 151 
HIS ND1 HD1  sing N N 152 
HIS CD2 NE2  sing Y N 153 
HIS CD2 HD2  sing N N 154 
HIS CE1 NE2  sing Y N 155 
HIS CE1 HE1  sing N N 156 
HIS NE2 HE2  sing N N 157 
HIS OXT HXT  sing N N 158 
HOH O   H1   sing N N 159 
HOH O   H2   sing N N 160 
ILE N   CA   sing N N 161 
ILE N   H    sing N N 162 
ILE N   H2   sing N N 163 
ILE CA  C    sing N N 164 
ILE CA  CB   sing N N 165 
ILE CA  HA   sing N N 166 
ILE C   O    doub N N 167 
ILE C   OXT  sing N N 168 
ILE CB  CG1  sing N N 169 
ILE CB  CG2  sing N N 170 
ILE CB  HB   sing N N 171 
ILE CG1 CD1  sing N N 172 
ILE CG1 HG12 sing N N 173 
ILE CG1 HG13 sing N N 174 
ILE CG2 HG21 sing N N 175 
ILE CG2 HG22 sing N N 176 
ILE CG2 HG23 sing N N 177 
ILE CD1 HD11 sing N N 178 
ILE CD1 HD12 sing N N 179 
ILE CD1 HD13 sing N N 180 
ILE OXT HXT  sing N N 181 
LEU N   CA   sing N N 182 
LEU N   H    sing N N 183 
LEU N   H2   sing N N 184 
LEU CA  C    sing N N 185 
LEU CA  CB   sing N N 186 
LEU CA  HA   sing N N 187 
LEU C   O    doub N N 188 
LEU C   OXT  sing N N 189 
LEU CB  CG   sing N N 190 
LEU CB  HB2  sing N N 191 
LEU CB  HB3  sing N N 192 
LEU CG  CD1  sing N N 193 
LEU CG  CD2  sing N N 194 
LEU CG  HG   sing N N 195 
LEU CD1 HD11 sing N N 196 
LEU CD1 HD12 sing N N 197 
LEU CD1 HD13 sing N N 198 
LEU CD2 HD21 sing N N 199 
LEU CD2 HD22 sing N N 200 
LEU CD2 HD23 sing N N 201 
LEU OXT HXT  sing N N 202 
LYS N   CA   sing N N 203 
LYS N   H    sing N N 204 
LYS N   H2   sing N N 205 
LYS CA  C    sing N N 206 
LYS CA  CB   sing N N 207 
LYS CA  HA   sing N N 208 
LYS C   O    doub N N 209 
LYS C   OXT  sing N N 210 
LYS CB  CG   sing N N 211 
LYS CB  HB2  sing N N 212 
LYS CB  HB3  sing N N 213 
LYS CG  CD   sing N N 214 
LYS CG  HG2  sing N N 215 
LYS CG  HG3  sing N N 216 
LYS CD  CE   sing N N 217 
LYS CD  HD2  sing N N 218 
LYS CD  HD3  sing N N 219 
LYS CE  NZ   sing N N 220 
LYS CE  HE2  sing N N 221 
LYS CE  HE3  sing N N 222 
LYS NZ  HZ1  sing N N 223 
LYS NZ  HZ2  sing N N 224 
LYS NZ  HZ3  sing N N 225 
LYS OXT HXT  sing N N 226 
MSE N   CA   sing N N 227 
MSE N   H    sing N N 228 
MSE N   H2   sing N N 229 
MSE CA  C    sing N N 230 
MSE CA  CB   sing N N 231 
MSE CA  HA   sing N N 232 
MSE C   O    doub N N 233 
MSE C   OXT  sing N N 234 
MSE OXT HXT  sing N N 235 
MSE CB  CG   sing N N 236 
MSE CB  HB2  sing N N 237 
MSE CB  HB3  sing N N 238 
MSE CG  SE   sing N N 239 
MSE CG  HG2  sing N N 240 
MSE CG  HG3  sing N N 241 
MSE SE  CE   sing N N 242 
MSE CE  HE1  sing N N 243 
MSE CE  HE2  sing N N 244 
MSE CE  HE3  sing N N 245 
PHE N   CA   sing N N 246 
PHE N   H    sing N N 247 
PHE N   H2   sing N N 248 
PHE CA  C    sing N N 249 
PHE CA  CB   sing N N 250 
PHE CA  HA   sing N N 251 
PHE C   O    doub N N 252 
PHE C   OXT  sing N N 253 
PHE CB  CG   sing N N 254 
PHE CB  HB2  sing N N 255 
PHE CB  HB3  sing N N 256 
PHE CG  CD1  doub Y N 257 
PHE CG  CD2  sing Y N 258 
PHE CD1 CE1  sing Y N 259 
PHE CD1 HD1  sing N N 260 
PHE CD2 CE2  doub Y N 261 
PHE CD2 HD2  sing N N 262 
PHE CE1 CZ   doub Y N 263 
PHE CE1 HE1  sing N N 264 
PHE CE2 CZ   sing Y N 265 
PHE CE2 HE2  sing N N 266 
PHE CZ  HZ   sing N N 267 
PHE OXT HXT  sing N N 268 
PRO N   CA   sing N N 269 
PRO N   CD   sing N N 270 
PRO N   H    sing N N 271 
PRO CA  C    sing N N 272 
PRO CA  CB   sing N N 273 
PRO CA  HA   sing N N 274 
PRO C   O    doub N N 275 
PRO C   OXT  sing N N 276 
PRO CB  CG   sing N N 277 
PRO CB  HB2  sing N N 278 
PRO CB  HB3  sing N N 279 
PRO CG  CD   sing N N 280 
PRO CG  HG2  sing N N 281 
PRO CG  HG3  sing N N 282 
PRO CD  HD2  sing N N 283 
PRO CD  HD3  sing N N 284 
PRO OXT HXT  sing N N 285 
SER N   CA   sing N N 286 
SER N   H    sing N N 287 
SER N   H2   sing N N 288 
SER CA  C    sing N N 289 
SER CA  CB   sing N N 290 
SER CA  HA   sing N N 291 
SER C   O    doub N N 292 
SER C   OXT  sing N N 293 
SER CB  OG   sing N N 294 
SER CB  HB2  sing N N 295 
SER CB  HB3  sing N N 296 
SER OG  HG   sing N N 297 
SER OXT HXT  sing N N 298 
THR N   CA   sing N N 299 
THR N   H    sing N N 300 
THR N   H2   sing N N 301 
THR CA  C    sing N N 302 
THR CA  CB   sing N N 303 
THR CA  HA   sing N N 304 
THR C   O    doub N N 305 
THR C   OXT  sing N N 306 
THR CB  OG1  sing N N 307 
THR CB  CG2  sing N N 308 
THR CB  HB   sing N N 309 
THR OG1 HG1  sing N N 310 
THR CG2 HG21 sing N N 311 
THR CG2 HG22 sing N N 312 
THR CG2 HG23 sing N N 313 
THR OXT HXT  sing N N 314 
TRP N   CA   sing N N 315 
TRP N   H    sing N N 316 
TRP N   H2   sing N N 317 
TRP CA  C    sing N N 318 
TRP CA  CB   sing N N 319 
TRP CA  HA   sing N N 320 
TRP C   O    doub N N 321 
TRP C   OXT  sing N N 322 
TRP CB  CG   sing N N 323 
TRP CB  HB2  sing N N 324 
TRP CB  HB3  sing N N 325 
TRP CG  CD1  doub Y N 326 
TRP CG  CD2  sing Y N 327 
TRP CD1 NE1  sing Y N 328 
TRP CD1 HD1  sing N N 329 
TRP CD2 CE2  doub Y N 330 
TRP CD2 CE3  sing Y N 331 
TRP NE1 CE2  sing Y N 332 
TRP NE1 HE1  sing N N 333 
TRP CE2 CZ2  sing Y N 334 
TRP CE3 CZ3  doub Y N 335 
TRP CE3 HE3  sing N N 336 
TRP CZ2 CH2  doub Y N 337 
TRP CZ2 HZ2  sing N N 338 
TRP CZ3 CH2  sing Y N 339 
TRP CZ3 HZ3  sing N N 340 
TRP CH2 HH2  sing N N 341 
TRP OXT HXT  sing N N 342 
TYR N   CA   sing N N 343 
TYR N   H    sing N N 344 
TYR N   H2   sing N N 345 
TYR CA  C    sing N N 346 
TYR CA  CB   sing N N 347 
TYR CA  HA   sing N N 348 
TYR C   O    doub N N 349 
TYR C   OXT  sing N N 350 
TYR CB  CG   sing N N 351 
TYR CB  HB2  sing N N 352 
TYR CB  HB3  sing N N 353 
TYR CG  CD1  doub Y N 354 
TYR CG  CD2  sing Y N 355 
TYR CD1 CE1  sing Y N 356 
TYR CD1 HD1  sing N N 357 
TYR CD2 CE2  doub Y N 358 
TYR CD2 HD2  sing N N 359 
TYR CE1 CZ   doub Y N 360 
TYR CE1 HE1  sing N N 361 
TYR CE2 CZ   sing Y N 362 
TYR CE2 HE2  sing N N 363 
TYR CZ  OH   sing N N 364 
TYR OH  HH   sing N N 365 
TYR OXT HXT  sing N N 366 
VAL N   CA   sing N N 367 
VAL N   H    sing N N 368 
VAL N   H2   sing N N 369 
VAL CA  C    sing N N 370 
VAL CA  CB   sing N N 371 
VAL CA  HA   sing N N 372 
VAL C   O    doub N N 373 
VAL C   OXT  sing N N 374 
VAL CB  CG1  sing N N 375 
VAL CB  CG2  sing N N 376 
VAL CB  HB   sing N N 377 
VAL CG1 HG11 sing N N 378 
VAL CG1 HG12 sing N N 379 
VAL CG1 HG13 sing N N 380 
VAL CG2 HG21 sing N N 381 
VAL CG2 HG22 sing N N 382 
VAL CG2 HG23 sing N N 383 
VAL OXT HXT  sing N N 384 
# 
_pdbx_initial_refinement_model.id               1 
_pdbx_initial_refinement_model.entity_id_list   ? 
_pdbx_initial_refinement_model.type             'experimental model' 
_pdbx_initial_refinement_model.source_name      PDB 
_pdbx_initial_refinement_model.accession_code   2D5R 
_pdbx_initial_refinement_model.details          ? 
# 
_atom_sites.entry_id                    3E9V 
_atom_sites.fract_transf_matrix[1][1]   -0.02253631 
_atom_sites.fract_transf_matrix[1][2]   -0.01147715 
_atom_sites.fract_transf_matrix[1][3]   0.00041993 
_atom_sites.fract_transf_matrix[2][1]   -0.00845398 
_atom_sites.fract_transf_matrix[2][2]   0.01600258 
_atom_sites.fract_transf_matrix[2][3]   -0.01633052 
_atom_sites.fract_transf_matrix[3][1]   0.00426894 
_atom_sites.fract_transf_matrix[3][2]   -0.00877798 
_atom_sites.fract_transf_matrix[3][3]   -0.01081164 
_atom_sites.fract_transf_vector[1]      0.317453 
_atom_sites.fract_transf_vector[2]      0.260112 
_atom_sites.fract_transf_vector[3]      0.175660 
# 
loop_
_atom_type.symbol 
C  
N  
O  
S  
SE 
# 
loop_
_atom_site.group_PDB 
_atom_site.id 
_atom_site.type_symbol 
_atom_site.label_atom_id 
_atom_site.label_alt_id 
_atom_site.label_comp_id 
_atom_site.label_asym_id 
_atom_site.label_entity_id 
_atom_site.label_seq_id 
_atom_site.pdbx_PDB_ins_code 
_atom_site.Cartn_x 
_atom_site.Cartn_y 
_atom_site.Cartn_z 
_atom_site.occupancy 
_atom_site.B_iso_or_equiv 
_atom_site.pdbx_formal_charge 
_atom_site.auth_seq_id 
_atom_site.auth_comp_id 
_atom_site.auth_asym_id 
_atom_site.auth_atom_id 
_atom_site.pdbx_PDB_model_num 
ATOM   1    N  N   . ASP A 1 1   ? -14.271 7.652   5.493   1.00 29.71 ? 9   ASP A N   1 
ATOM   2    C  CA  . ASP A 1 1   ? -14.501 6.327   6.148   1.00 27.97 ? 9   ASP A CA  1 
ATOM   3    C  C   . ASP A 1 1   ? -13.394 5.332   5.792   1.00 27.70 ? 9   ASP A C   1 
ATOM   4    O  O   . ASP A 1 1   ? -13.511 4.135   6.033   1.00 26.63 ? 9   ASP A O   1 
ATOM   5    C  CB  . ASP A 1 1   ? -15.884 5.767   5.827   1.00 29.00 ? 9   ASP A CB  1 
ATOM   6    C  CG  . ASP A 1 1   ? -16.042 5.286   4.396   1.00 30.27 ? 9   ASP A CG  1 
ATOM   7    O  OD1 . ASP A 1 1   ? -15.074 5.272   3.613   1.00 30.99 ? 9   ASP A OD1 1 
ATOM   8    O  OD2 . ASP A 1 1   ? -17.191 4.909   4.045   1.00 34.64 ? 9   ASP A OD2 1 
HETATM 9    N  N   . MSE A 1 2   ? -12.315 5.864   5.223   1.00 26.69 ? 10  MSE A N   1 
HETATM 10   C  CA  . MSE A 1 2   ? -11.080 5.139   4.948   1.00 27.63 ? 10  MSE A CA  1 
HETATM 11   C  C   . MSE A 1 2   ? -11.088 4.278   3.709   1.00 24.78 ? 10  MSE A C   1 
HETATM 12   O  O   . MSE A 1 2   ? -10.041 4.032   3.165   1.00 22.20 ? 10  MSE A O   1 
HETATM 13   C  CB  . MSE A 1 2   ? -10.639 4.222   6.104   1.00 27.51 ? 10  MSE A CB  1 
HETATM 14   C  CG  . MSE A 1 2   ? -10.640 4.803   7.470   1.00 31.18 ? 10  MSE A CG  1 
HETATM 15   SE SE  . MSE A 1 2   ? -9.646  3.538   8.580   1.00 37.57 ? 10  MSE A SE  1 
HETATM 16   C  CE  . MSE A 1 2   ? -10.977 2.144   8.799   1.00 34.35 ? 10  MSE A CE  1 
ATOM   17   N  N   . LEU A 1 3   ? -12.241 3.764   3.310   1.00 22.98 ? 11  LEU A N   1 
ATOM   18   C  CA  . LEU A 1 3   ? -12.293 2.793   2.240   1.00 22.50 ? 11  LEU A CA  1 
ATOM   19   C  C   . LEU A 1 3   ? -11.631 3.324   0.978   1.00 20.30 ? 11  LEU A C   1 
ATOM   20   O  O   . LEU A 1 3   ? -10.813 2.630   0.410   1.00 19.66 ? 11  LEU A O   1 
ATOM   21   C  CB  . LEU A 1 3   ? -13.736 2.376   1.923   1.00 23.11 ? 11  LEU A CB  1 
ATOM   22   C  CG  . LEU A 1 3   ? -13.914 1.252   0.901   1.00 26.25 ? 11  LEU A CG  1 
ATOM   23   C  CD1 . LEU A 1 3   ? -15.209 0.480   1.160   1.00 29.25 ? 11  LEU A CD1 1 
ATOM   24   C  CD2 . LEU A 1 3   ? -13.858 1.768   -0.559  1.00 30.79 ? 11  LEU A CD2 1 
ATOM   25   N  N   . PRO A 1 4   ? -11.987 4.547   0.534   1.00 19.23 ? 12  PRO A N   1 
ATOM   26   C  CA  . PRO A 1 4   ? -11.424 4.931   -0.789  1.00 17.85 ? 12  PRO A CA  1 
ATOM   27   C  C   . PRO A 1 4   ? -9.904  5.030   -0.799  1.00 15.85 ? 12  PRO A C   1 
ATOM   28   O  O   . PRO A 1 4   ? -9.267  4.610   -1.760  1.00 14.72 ? 12  PRO A O   1 
ATOM   29   C  CB  . PRO A 1 4   ? -12.035 6.315   -1.082  1.00 19.56 ? 12  PRO A CB  1 
ATOM   30   C  CG  . PRO A 1 4   ? -13.089 6.539   -0.085  1.00 20.04 ? 12  PRO A CG  1 
ATOM   31   C  CD  . PRO A 1 4   ? -12.870 5.593   1.087   1.00 19.75 ? 12  PRO A CD  1 
ATOM   32   N  N   . GLU A 1 5   ? -9.338  5.628   0.241   1.00 15.87 ? 13  GLU A N   1 
ATOM   33   C  CA  . GLU A 1 5   ? -7.899  5.824   0.299   1.00 15.58 ? 13  GLU A CA  1 
ATOM   34   C  C   . GLU A 1 5   ? -7.187  4.489   0.367   1.00 15.42 ? 13  GLU A C   1 
ATOM   35   O  O   . GLU A 1 5   ? -6.247  4.264   -0.348  1.00 15.41 ? 13  GLU A O   1 
ATOM   36   C  CB  . GLU A 1 5   ? -7.510  6.728   1.467   1.00 15.78 ? 13  GLU A CB  1 
ATOM   37   C  CG  . GLU A 1 5   ? -8.038  8.155   1.352   1.00 17.40 ? 13  GLU A CG  1 
ATOM   38   C  CD  . GLU A 1 5   ? -9.417  8.409   1.946   1.00 19.47 ? 13  GLU A CD  1 
ATOM   39   O  OE1 . GLU A 1 5   ? -10.163 7.460   2.237   1.00 19.06 ? 13  GLU A OE1 1 
ATOM   40   O  OE2 . GLU A 1 5   ? -9.782  9.604   2.089   1.00 21.72 ? 13  GLU A OE2 1 
ATOM   41   N  N   . ILE A 1 6   ? -7.670  3.597   1.242   1.00 14.81 ? 14  ILE A N   1 
ATOM   42   C  CA  . ILE A 1 6   ? -7.104  2.254   1.371   1.00 15.62 ? 14  ILE A CA  1 
ATOM   43   C  C   . ILE A 1 6   ? -7.212  1.497   0.015   1.00 14.66 ? 14  ILE A C   1 
ATOM   44   O  O   . ILE A 1 6   ? -6.252  0.884   -0.421  1.00 16.18 ? 14  ILE A O   1 
ATOM   45   C  CB  . ILE A 1 6   ? -7.759  1.466   2.516   1.00 15.66 ? 14  ILE A CB  1 
ATOM   46   C  CG1 . ILE A 1 6   ? -7.362  2.101   3.860   1.00 15.12 ? 14  ILE A CG1 1 
ATOM   47   C  CG2 . ILE A 1 6   ? -7.321  0.004   2.457   1.00 16.78 ? 14  ILE A CG2 1 
ATOM   48   C  CD1 . ILE A 1 6   ? -8.148  1.567   5.100   1.00 16.98 ? 14  ILE A CD1 1 
ATOM   49   N  N   . ALA A 1 7   ? -8.379  1.590   -0.628  1.00 15.46 ? 15  ALA A N   1 
ATOM   50   C  CA  . ALA A 1 7   ? -8.630  0.943   -1.905  1.00 16.29 ? 15  ALA A CA  1 
ATOM   51   C  C   . ALA A 1 7   ? -7.641  1.418   -2.981  1.00 15.94 ? 15  ALA A C   1 
ATOM   52   O  O   . ALA A 1 7   ? -7.115  0.606   -3.768  1.00 15.73 ? 15  ALA A O   1 
ATOM   53   C  CB  . ALA A 1 7   ? -10.071 1.171   -2.358  1.00 17.14 ? 15  ALA A CB  1 
ATOM   54   N  N   . ALA A 1 8   ? -7.372  2.717   -3.001  1.00 15.74 ? 16  ALA A N   1 
ATOM   55   C  CA  . ALA A 1 8   ? -6.472  3.276   -4.000  1.00 16.49 ? 16  ALA A CA  1 
ATOM   56   C  C   . ALA A 1 8   ? -5.067  2.773   -3.717  1.00 16.32 ? 16  ALA A C   1 
ATOM   57   O  O   . ALA A 1 8   ? -4.329  2.456   -4.655  1.00 17.07 ? 16  ALA A O   1 
ATOM   58   C  CB  . ALA A 1 8   ? -6.514  4.810   -3.976  1.00 16.68 ? 16  ALA A CB  1 
ATOM   59   N  N   . ALA A 1 9   ? -4.676  2.732   -2.439  1.00 15.22 ? 17  ALA A N   1 
ATOM   60   C  CA  . ALA A 1 9   ? -3.349  2.260   -2.084  1.00 15.16 ? 17  ALA A CA  1 
ATOM   61   C  C   . ALA A 1 9   ? -3.174  0.795   -2.468  1.00 15.46 ? 17  ALA A C   1 
ATOM   62   O  O   . ALA A 1 9   ? -2.163  0.390   -3.036  1.00 16.69 ? 17  ALA A O   1 
ATOM   63   C  CB  . ALA A 1 9   ? -3.078  2.472   -0.573  1.00 15.72 ? 17  ALA A CB  1 
ATOM   64   N  N   . VAL A 1 10  ? -4.158  -0.027  -2.130  1.00 15.90 ? 18  VAL A N   1 
ATOM   65   C  CA  . VAL A 1 10  ? -4.113  -1.453  -2.428  1.00 16.43 ? 18  VAL A CA  1 
ATOM   66   C  C   . VAL A 1 10  ? -4.152  -1.689  -3.947  1.00 16.75 ? 18  VAL A C   1 
ATOM   67   O  O   . VAL A 1 10  ? -3.442  -2.554  -4.466  1.00 17.00 ? 18  VAL A O   1 
ATOM   68   C  CB  . VAL A 1 10  ? -5.264  -2.150  -1.750  1.00 16.37 ? 18  VAL A CB  1 
ATOM   69   C  CG1 . VAL A 1 10  ? -5.357  -3.626  -2.195  1.00 17.73 ? 18  VAL A CG1 1 
ATOM   70   C  CG2 . VAL A 1 10  ? -5.094  -2.047  -0.209  1.00 17.39 ? 18  VAL A CG2 1 
ATOM   71   N  N   . GLY A 1 11  ? -4.964  -0.894  -4.647  1.00 17.17 ? 19  GLY A N   1 
ATOM   72   C  CA  . GLY A 1 11  ? -5.036  -0.932  -6.126  1.00 17.67 ? 19  GLY A CA  1 
ATOM   73   C  C   . GLY A 1 11  ? -3.685  -0.677  -6.791  1.00 18.34 ? 19  GLY A C   1 
ATOM   74   O  O   . GLY A 1 11  ? -3.311  -1.360  -7.737  1.00 17.78 ? 19  GLY A O   1 
ATOM   75   N  N   . PHE A 1 12  ? -2.937  0.288   -6.274  1.00 18.10 ? 20  PHE A N   1 
ATOM   76   C  CA  . PHE A 1 12  ? -1.560  0.559   -6.712  1.00 19.38 ? 20  PHE A CA  1 
ATOM   77   C  C   . PHE A 1 12  ? -0.660  -0.655  -6.545  1.00 18.64 ? 20  PHE A C   1 
ATOM   78   O  O   . PHE A 1 12  ? -0.007  -1.053  -7.492  1.00 20.27 ? 20  PHE A O   1 
ATOM   79   C  CB  . PHE A 1 12  ? -0.983  1.769   -5.958  1.00 19.77 ? 20  PHE A CB  1 
ATOM   80   C  CG  . PHE A 1 12  ? 0.448   2.084   -6.270  1.00 21.42 ? 20  PHE A CG  1 
ATOM   81   C  CD1 . PHE A 1 12  ? 0.839   2.475   -7.538  1.00 24.83 ? 20  PHE A CD1 1 
ATOM   82   C  CD2 . PHE A 1 12  ? 1.414   2.022   -5.262  1.00 24.62 ? 20  PHE A CD2 1 
ATOM   83   C  CE1 . PHE A 1 12  ? 2.193   2.795   -7.818  1.00 25.55 ? 20  PHE A CE1 1 
ATOM   84   C  CE2 . PHE A 1 12  ? 2.760   2.320   -5.536  1.00 25.08 ? 20  PHE A CE2 1 
ATOM   85   C  CZ  . PHE A 1 12  ? 3.137   2.721   -6.805  1.00 25.52 ? 20  PHE A CZ  1 
ATOM   86   N  N   . LEU A 1 13  ? -0.612  -1.234  -5.346  1.00 18.81 ? 21  LEU A N   1 
ATOM   87   C  CA  A LEU A 1 13  ? 0.260   -2.373  -5.099  0.50 18.78 ? 21  LEU A CA  1 
ATOM   88   C  CA  B LEU A 1 13  ? 0.242   -2.399  -5.076  0.50 19.61 ? 21  LEU A CA  1 
ATOM   89   C  C   . LEU A 1 13  ? -0.164  -3.553  -5.956  1.00 19.22 ? 21  LEU A C   1 
ATOM   90   O  O   . LEU A 1 13  ? 0.687   -4.250  -6.530  1.00 20.71 ? 21  LEU A O   1 
ATOM   91   C  CB  A LEU A 1 13  ? 0.247   -2.744  -3.621  0.50 18.42 ? 21  LEU A CB  1 
ATOM   92   C  CB  B LEU A 1 13  ? 0.137   -2.855  -3.619  0.50 19.78 ? 21  LEU A CB  1 
ATOM   93   C  CG  A LEU A 1 13  ? 0.824   -1.623  -2.757  0.50 16.73 ? 21  LEU A CG  1 
ATOM   94   C  CG  B LEU A 1 13  ? 1.063   -2.167  -2.624  0.50 20.97 ? 21  LEU A CG  1 
ATOM   95   C  CD1 A LEU A 1 13  ? 0.434   -1.768  -1.267  0.50 15.51 ? 21  LEU A CD1 1 
ATOM   96   C  CD1 B LEU A 1 13  ? 0.927   -0.677  -2.739  0.50 23.84 ? 21  LEU A CD1 1 
ATOM   97   C  CD2 A LEU A 1 13  ? 2.352   -1.556  -2.960  0.50 13.95 ? 21  LEU A CD2 1 
ATOM   98   C  CD2 B LEU A 1 13  ? 0.773   -2.635  -1.198  0.50 20.30 ? 21  LEU A CD2 1 
ATOM   99   N  N   . SER A 1 14  ? -1.472  -3.765  -6.055  1.00 19.53 ? 22  SER A N   1 
ATOM   100  C  CA  A SER A 1 14  ? -2.010  -4.871  -6.844  0.50 20.71 ? 22  SER A CA  1 
ATOM   101  C  CA  B SER A 1 14  ? -2.001  -4.871  -6.850  0.50 20.84 ? 22  SER A CA  1 
ATOM   102  C  C   . SER A 1 14  ? -1.608  -4.713  -8.317  1.00 21.23 ? 22  SER A C   1 
ATOM   103  O  O   . SER A 1 14  ? -1.305  -5.713  -8.996  1.00 22.66 ? 22  SER A O   1 
ATOM   104  C  CB  A SER A 1 14  ? -3.533  -4.955  -6.690  0.50 20.34 ? 22  SER A CB  1 
ATOM   105  C  CB  B SER A 1 14  ? -3.518  -4.961  -6.724  0.50 20.51 ? 22  SER A CB  1 
ATOM   106  O  OG  A SER A 1 14  ? -3.902  -5.389  -5.386  0.50 21.22 ? 22  SER A OG  1 
ATOM   107  O  OG  B SER A 1 14  ? -4.007  -6.007  -7.544  0.50 22.09 ? 22  SER A OG  1 
ATOM   108  N  N   . SER A 1 15  ? -1.595  -3.470  -8.799  1.00 22.27 ? 23  SER A N   1 
ATOM   109  C  CA  A SER A 1 15  ? -1.251  -3.186  -10.197 0.50 23.10 ? 23  SER A CA  1 
ATOM   110  C  CA  B SER A 1 15  ? -1.264  -3.190  -10.198 0.50 23.34 ? 23  SER A CA  1 
ATOM   111  C  C   . SER A 1 15  ? 0.204   -3.514  -10.456 1.00 23.64 ? 23  SER A C   1 
ATOM   112  O  O   . SER A 1 15  ? 0.543   -4.027  -11.523 1.00 24.85 ? 23  SER A O   1 
ATOM   113  C  CB  A SER A 1 15  ? -1.494  -1.724  -10.555 0.50 23.26 ? 23  SER A CB  1 
ATOM   114  C  CB  B SER A 1 15  ? -1.628  -1.741  -10.603 0.50 23.60 ? 23  SER A CB  1 
ATOM   115  O  OG  A SER A 1 15  ? -1.097  -1.476  -11.899 0.50 22.46 ? 23  SER A OG  1 
ATOM   116  O  OG  B SER A 1 15  ? -0.701  -0.747  -10.177 0.50 24.04 ? 23  SER A OG  1 
ATOM   117  N  N   . LEU A 1 16  ? 1.052   -3.242  -9.463  1.00 24.51 ? 24  LEU A N   1 
ATOM   118  C  CA  . LEU A 1 16  ? 2.478   -3.553  -9.576  1.00 25.97 ? 24  LEU A CA  1 
ATOM   119  C  C   . LEU A 1 16  ? 2.642   -5.054  -9.697  1.00 26.33 ? 24  LEU A C   1 
ATOM   120  O  O   . LEU A 1 16  ? 3.385   -5.528  -10.557 1.00 27.62 ? 24  LEU A O   1 
ATOM   121  C  CB  . LEU A 1 16  ? 3.295   -2.952  -8.422  1.00 26.08 ? 24  LEU A CB  1 
ATOM   122  C  CG  . LEU A 1 16  ? 3.387   -1.423  -8.430  1.00 26.96 ? 24  LEU A CG  1 
ATOM   123  C  CD1 . LEU A 1 16  ? 3.934   -0.855  -7.152  1.00 27.62 ? 24  LEU A CD1 1 
ATOM   124  C  CD2 . LEU A 1 16  ? 4.209   -0.885  -9.633  1.00 29.98 ? 24  LEU A CD2 1 
ATOM   125  N  N   . LEU A 1 17  ? 1.919   -5.813  -8.877  1.00 26.12 ? 25  LEU A N   1 
ATOM   126  C  CA  . LEU A 1 17  ? 1.985   -7.280  -8.916  1.00 26.84 ? 25  LEU A CA  1 
ATOM   127  C  C   . LEU A 1 17  ? 1.462   -7.865  -10.230 1.00 27.84 ? 25  LEU A C   1 
ATOM   128  O  O   . LEU A 1 17  ? 1.990   -8.862  -10.712 1.00 28.37 ? 25  LEU A O   1 
ATOM   129  C  CB  . LEU A 1 17  ? 1.197   -7.892  -7.780  1.00 26.34 ? 25  LEU A CB  1 
ATOM   130  C  CG  . LEU A 1 17  ? 1.728   -7.639  -6.368  1.00 24.31 ? 25  LEU A CG  1 
ATOM   131  C  CD1 . LEU A 1 17  ? 0.867   -8.437  -5.384  1.00 23.25 ? 25  LEU A CD1 1 
ATOM   132  C  CD2 . LEU A 1 17  ? 3.208   -8.018  -6.309  1.00 25.80 ? 25  LEU A CD2 1 
ATOM   133  N  N   . ARG A 1 18  ? 0.426   -7.242  -10.790 1.00 28.19 ? 26  ARG A N   1 
ATOM   134  C  CA  . ARG A 1 18  ? -0.201  -7.726  -12.046 1.00 28.94 ? 26  ARG A CA  1 
ATOM   135  C  C   . ARG A 1 18  ? 0.729   -7.516  -13.244 1.00 30.37 ? 26  ARG A C   1 
ATOM   136  O  O   . ARG A 1 18  ? 0.913   -8.421  -14.064 1.00 31.57 ? 26  ARG A O   1 
ATOM   137  C  CB  . ARG A 1 18  ? -1.526  -7.008  -12.275 1.00 28.36 ? 26  ARG A CB  1 
ATOM   138  C  CG  . ARG A 1 18  ? -2.216  -7.321  -13.608 1.00 28.91 ? 26  ARG A CG  1 
ATOM   139  C  CD  . ARG A 1 18  ? -3.535  -6.548  -13.713 1.00 28.87 ? 26  ARG A CD  1 
ATOM   140  N  NE  . ARG A 1 18  ? -4.458  -6.989  -12.667 1.00 29.75 ? 26  ARG A NE  1 
ATOM   141  C  CZ  . ARG A 1 18  ? -4.800  -6.286  -11.589 1.00 31.29 ? 26  ARG A CZ  1 
ATOM   142  N  NH1 . ARG A 1 18  ? -4.314  -5.067  -11.379 1.00 33.18 ? 26  ARG A NH1 1 
ATOM   143  N  NH2 . ARG A 1 18  ? -5.631  -6.821  -10.700 1.00 31.85 ? 26  ARG A NH2 1 
ATOM   144  N  N   . THR A 1 19  ? 1.337   -6.344  -13.298 1.00 31.47 ? 27  THR A N   1 
ATOM   145  C  CA  . THR A 1 19  ? 2.206   -5.929  -14.398 1.00 33.66 ? 27  THR A CA  1 
ATOM   146  C  C   . THR A 1 19  ? 3.574   -6.623  -14.370 1.00 33.98 ? 27  THR A C   1 
ATOM   147  O  O   . THR A 1 19  ? 4.041   -7.098  -15.404 1.00 34.34 ? 27  THR A O   1 
ATOM   148  C  CB  . THR A 1 19  ? 2.382   -4.411  -14.340 1.00 33.41 ? 27  THR A CB  1 
ATOM   149  O  OG1 . THR A 1 19  ? 1.093   -3.798  -14.524 1.00 36.20 ? 27  THR A OG1 1 
ATOM   150  C  CG2 . THR A 1 19  ? 3.330   -3.917  -15.426 1.00 35.67 ? 27  THR A CG2 1 
ATOM   151  N  N   . ARG A 1 20  ? 4.195   -6.689  -13.186 1.00 34.96 ? 28  ARG A N   1 
ATOM   152  C  CA  . ARG A 1 20  ? 5.555   -7.236  -13.002 1.00 35.13 ? 28  ARG A CA  1 
ATOM   153  C  C   . ARG A 1 20  ? 5.568   -8.735  -12.757 1.00 35.66 ? 28  ARG A C   1 
ATOM   154  O  O   . ARG A 1 20  ? 6.531   -9.423  -13.104 1.00 36.68 ? 28  ARG A O   1 
ATOM   155  C  CB  . ARG A 1 20  ? 6.253   -6.564  -11.806 1.00 35.08 ? 28  ARG A CB  1 
ATOM   156  N  N   . GLY A 1 21  ? 4.516   -9.242  -12.131 1.00 36.14 ? 29  GLY A N   1 
ATOM   157  C  CA  . GLY A 1 21  ? 4.448   -10.648 -11.778 1.00 35.78 ? 29  GLY A CA  1 
ATOM   158  C  C   . GLY A 1 21  ? 3.701   -11.455 -12.814 1.00 35.77 ? 29  GLY A C   1 
ATOM   159  O  O   . GLY A 1 21  ? 3.244   -10.926 -13.830 1.00 37.20 ? 29  GLY A O   1 
ATOM   160  N  N   . CYS A 1 22  ? 3.624   -12.754 -12.567 1.00 34.42 ? 30  CYS A N   1 
ATOM   161  C  CA  . CYS A 1 22  ? 2.669   -13.605 -13.245 1.00 33.97 ? 30  CYS A CA  1 
ATOM   162  C  C   . CYS A 1 22  ? 1.785   -14.082 -12.112 1.00 32.66 ? 30  CYS A C   1 
ATOM   163  O  O   . CYS A 1 22  ? 2.007   -15.159 -11.528 1.00 33.37 ? 30  CYS A O   1 
ATOM   164  C  CB  . CYS A 1 22  ? 3.355   -14.774 -13.961 1.00 34.47 ? 30  CYS A CB  1 
ATOM   165  N  N   . VAL A 1 23  ? 0.829   -13.231 -11.741 1.00 30.00 ? 31  VAL A N   1 
ATOM   166  C  CA  . VAL A 1 23  ? -0.076  -13.537 -10.654 1.00 27.95 ? 31  VAL A CA  1 
ATOM   167  C  C   . VAL A 1 23  ? -1.509  -13.579 -11.193 1.00 27.93 ? 31  VAL A C   1 
ATOM   168  O  O   . VAL A 1 23  ? -1.972  -12.592 -11.758 1.00 28.29 ? 31  VAL A O   1 
ATOM   169  C  CB  . VAL A 1 23  ? 0.057   -12.483 -9.524  1.00 27.60 ? 31  VAL A CB  1 
ATOM   170  C  CG1 . VAL A 1 23  ? -0.760  -12.860 -8.344  1.00 26.07 ? 31  VAL A CG1 1 
ATOM   171  C  CG2 . VAL A 1 23  ? 1.532   -12.332 -9.112  1.00 25.29 ? 31  VAL A CG2 1 
ATOM   172  N  N   . SER A 1 24  ? -2.191  -14.711 -11.003 1.00 27.21 ? 32  SER A N   1 
ATOM   173  C  CA  . SER A 1 24  ? -3.576  -14.920 -11.469 1.00 26.60 ? 32  SER A CA  1 
ATOM   174  C  C   . SER A 1 24  ? -4.538  -13.901 -10.854 1.00 26.94 ? 32  SER A C   1 
ATOM   175  O  O   . SER A 1 24  ? -4.259  -13.330 -9.794  1.00 25.80 ? 32  SER A O   1 
ATOM   176  C  CB  . SER A 1 24  ? -4.068  -16.324 -11.126 1.00 26.99 ? 32  SER A CB  1 
ATOM   177  O  OG  . SER A 1 24  ? -4.334  -16.480 -9.739  1.00 22.99 ? 32  SER A OG  1 
ATOM   178  N  N   . GLU A 1 25  ? -5.672  -13.671 -11.523 1.00 27.46 ? 33  GLU A N   1 
ATOM   179  C  CA  . GLU A 1 25  ? -6.668  -12.744 -10.998 1.00 27.20 ? 33  GLU A CA  1 
ATOM   180  C  C   . GLU A 1 25  ? -7.317  -13.305 -9.732  1.00 26.08 ? 33  GLU A C   1 
ATOM   181  O  O   . GLU A 1 25  ? -7.732  -12.535 -8.858  1.00 25.32 ? 33  GLU A O   1 
ATOM   182  C  CB  . GLU A 1 25  ? -7.727  -12.359 -12.049 1.00 28.60 ? 33  GLU A CB  1 
ATOM   183  C  CG  . GLU A 1 25  ? -7.186  -11.509 -13.234 1.00 30.08 ? 33  GLU A CG  1 
ATOM   184  C  CD  . GLU A 1 25  ? -6.552  -10.165 -12.818 1.00 32.48 ? 33  GLU A CD  1 
ATOM   185  O  OE1 . GLU A 1 25  ? -6.980  -9.583  -11.799 1.00 36.62 ? 33  GLU A OE1 1 
ATOM   186  O  OE2 . GLU A 1 25  ? -5.620  -9.675  -13.509 1.00 33.82 ? 33  GLU A OE2 1 
ATOM   187  N  N   . GLN A 1 26  ? -7.388  -14.628 -9.597  1.00 24.64 ? 34  GLN A N   1 
ATOM   188  C  CA  . GLN A 1 26  ? -7.958  -15.196 -8.385  1.00 24.43 ? 34  GLN A CA  1 
ATOM   189  C  C   . GLN A 1 26  ? -7.086  -14.736 -7.205  1.00 23.96 ? 34  GLN A C   1 
ATOM   190  O  O   . GLN A 1 26  ? -7.587  -14.288 -6.164  1.00 24.18 ? 34  GLN A O   1 
ATOM   191  C  CB  . GLN A 1 26  ? -8.028  -16.727 -8.448  1.00 24.58 ? 34  GLN A CB  1 
ATOM   192  C  CG  . GLN A 1 26  ? -8.638  -17.425 -7.197  1.00 24.72 ? 34  GLN A CG  1 
ATOM   193  C  CD  . GLN A 1 26  ? -7.634  -17.617 -6.044  1.00 23.15 ? 34  GLN A CD  1 
ATOM   194  O  OE1 . GLN A 1 26  ? -6.434  -17.716 -6.265  1.00 27.11 ? 34  GLN A OE1 1 
ATOM   195  N  NE2 . GLN A 1 26  ? -8.137  -17.693 -4.819  1.00 24.98 ? 34  GLN A NE2 1 
ATOM   196  N  N   . ARG A 1 27  ? -5.776  -14.855 -7.388  1.00 22.66 ? 35  ARG A N   1 
ATOM   197  C  CA  . ARG A 1 27  ? -4.831  -14.481 -6.330  1.00 21.77 ? 35  ARG A CA  1 
ATOM   198  C  C   . ARG A 1 27  ? -4.861  -12.962 -6.074  1.00 21.22 ? 35  ARG A C   1 
ATOM   199  O  O   . ARG A 1 27  ? -4.921  -12.526 -4.918  1.00 21.08 ? 35  ARG A O   1 
ATOM   200  C  CB  . ARG A 1 27  ? -3.429  -14.941 -6.693  1.00 22.04 ? 35  ARG A CB  1 
ATOM   201  C  CG  . ARG A 1 27  ? -3.257  -16.452 -6.600  1.00 22.22 ? 35  ARG A CG  1 
ATOM   202  C  CD  . ARG A 1 27  ? -1.955  -16.853 -7.286  1.00 22.38 ? 35  ARG A CD  1 
ATOM   203  N  NE  . ARG A 1 27  ? -0.793  -16.500 -6.477  1.00 20.27 ? 35  ARG A NE  1 
ATOM   204  C  CZ  . ARG A 1 27  ? 0.466   -16.464 -6.921  1.00 21.56 ? 35  ARG A CZ  1 
ATOM   205  N  NH1 . ARG A 1 27  ? 0.745   -16.661 -8.203  1.00 22.96 ? 35  ARG A NH1 1 
ATOM   206  N  NH2 . ARG A 1 27  ? 1.460   -16.205 -6.078  1.00 21.67 ? 35  ARG A NH2 1 
ATOM   207  N  N   . LEU A 1 28  ? -4.867  -12.170 -7.133  1.00 20.82 ? 36  LEU A N   1 
ATOM   208  C  CA  . LEU A 1 28  ? -4.917  -10.715 -6.996  1.00 22.43 ? 36  LEU A CA  1 
ATOM   209  C  C   . LEU A 1 28  ? -6.176  -10.241 -6.276  1.00 22.76 ? 36  LEU A C   1 
ATOM   210  O  O   . LEU A 1 28  ? -6.137  -9.264  -5.526  1.00 23.46 ? 36  LEU A O   1 
ATOM   211  C  CB  . LEU A 1 28  ? -4.796  -10.048 -8.361  1.00 23.10 ? 36  LEU A CB  1 
ATOM   212  C  CG  . LEU A 1 28  ? -3.439  -10.217 -9.032  1.00 24.00 ? 36  LEU A CG  1 
ATOM   213  C  CD1 . LEU A 1 28  ? -3.451  -9.675  -10.447 1.00 27.68 ? 36  LEU A CD1 1 
ATOM   214  C  CD2 . LEU A 1 28  ? -2.312  -9.586  -8.187  1.00 25.53 ? 36  LEU A CD2 1 
ATOM   215  N  N   . LYS A 1 29  ? -7.302  -10.914 -6.511  1.00 22.64 ? 37  LYS A N   1 
ATOM   216  C  CA  . LYS A 1 29  ? -8.540  -10.585 -5.788  1.00 22.28 ? 37  LYS A CA  1 
ATOM   217  C  C   . LYS A 1 29  ? -8.436  -10.914 -4.311  1.00 22.20 ? 37  LYS A C   1 
ATOM   218  O  O   . LYS A 1 29  ? -8.846  -10.105 -3.460  1.00 23.30 ? 37  LYS A O   1 
ATOM   219  C  CB  . LYS A 1 29  ? -9.760  -11.304 -6.411  1.00 23.45 ? 37  LYS A CB  1 
ATOM   220  N  N   . VAL A 1 30  ? -7.894  -12.089 -3.977  1.00 20.33 ? 38  VAL A N   1 
ATOM   221  C  CA  . VAL A 1 30  ? -7.661  -12.450 -2.576  1.00 20.44 ? 38  VAL A CA  1 
ATOM   222  C  C   . VAL A 1 30  ? -6.740  -11.420 -1.917  1.00 19.48 ? 38  VAL A C   1 
ATOM   223  O  O   . VAL A 1 30  ? -7.014  -10.994 -0.792  1.00 20.19 ? 38  VAL A O   1 
ATOM   224  C  CB  . VAL A 1 30  ? -7.072  -13.863 -2.413  1.00 20.84 ? 38  VAL A CB  1 
ATOM   225  C  CG1 . VAL A 1 30  ? -6.594  -14.085 -0.994  1.00 21.48 ? 38  VAL A CG1 1 
ATOM   226  C  CG2 . VAL A 1 30  ? -8.129  -14.914 -2.871  1.00 21.38 ? 38  VAL A CG2 1 
ATOM   227  N  N   . PHE A 1 31  ? -5.670  -11.060 -2.618  1.00 19.04 ? 39  PHE A N   1 
ATOM   228  C  CA  . PHE A 1 31  ? -4.654  -10.129 -2.109  1.00 18.46 ? 39  PHE A CA  1 
ATOM   229  C  C   . PHE A 1 31  ? -5.320  -8.774  -1.851  1.00 18.37 ? 39  PHE A C   1 
ATOM   230  O  O   . PHE A 1 31  ? -5.185  -8.199  -0.777  1.00 17.71 ? 39  PHE A O   1 
ATOM   231  C  CB  . PHE A 1 31  ? -3.500  -9.974  -3.095  1.00 18.39 ? 39  PHE A CB  1 
ATOM   232  C  CG  . PHE A 1 31  ? -2.486  -8.921  -2.693  1.00 20.10 ? 39  PHE A CG  1 
ATOM   233  C  CD1 . PHE A 1 31  ? -1.484  -9.194  -1.762  1.00 20.15 ? 39  PHE A CD1 1 
ATOM   234  C  CD2 . PHE A 1 31  ? -2.552  -7.665  -3.234  1.00 17.57 ? 39  PHE A CD2 1 
ATOM   235  C  CE1 . PHE A 1 31  ? -0.546  -8.200  -1.391  1.00 21.11 ? 39  PHE A CE1 1 
ATOM   236  C  CE2 . PHE A 1 31  ? -1.622  -6.667  -2.861  1.00 19.78 ? 39  PHE A CE2 1 
ATOM   237  C  CZ  . PHE A 1 31  ? -0.627  -6.948  -1.950  1.00 18.54 ? 39  PHE A CZ  1 
ATOM   238  N  N   . SER A 1 32  ? -6.076  -8.303  -2.823  1.00 18.46 ? 40  SER A N   1 
ATOM   239  C  CA  . SER A 1 32  ? -6.690  -6.977  -2.698  1.00 19.69 ? 40  SER A CA  1 
ATOM   240  C  C   . SER A 1 32  ? -7.659  -6.929  -1.518  1.00 20.01 ? 40  SER A C   1 
ATOM   241  O  O   . SER A 1 32  ? -7.623  -6.009  -0.668  1.00 19.58 ? 40  SER A O   1 
ATOM   242  C  CB  . SER A 1 32  ? -7.343  -6.583  -4.027  1.00 20.81 ? 40  SER A CB  1 
ATOM   243  O  OG  . SER A 1 32  ? -6.367  -6.281  -5.021  1.00 24.65 ? 40  SER A OG  1 
ATOM   244  N  N   . GLY A 1 33  ? -8.504  -7.949  -1.414  1.00 19.78 ? 41  GLY A N   1 
ATOM   245  C  CA  . GLY A 1 33  ? -9.451  -8.029  -0.309  1.00 19.81 ? 41  GLY A CA  1 
ATOM   246  C  C   . GLY A 1 33  ? -8.818  -8.106  1.069   1.00 19.24 ? 41  GLY A C   1 
ATOM   247  O  O   . GLY A 1 33  ? -9.186  -7.382  1.987   1.00 18.81 ? 41  GLY A O   1 
ATOM   248  N  N   . ALA A 1 34  ? -7.844  -8.989  1.214   1.00 18.08 ? 42  ALA A N   1 
ATOM   249  C  CA  . ALA A 1 34  ? -7.237  -9.237  2.490   1.00 18.34 ? 42  ALA A CA  1 
ATOM   250  C  C   . ALA A 1 34  ? -6.426  -8.014  2.902   1.00 16.81 ? 42  ALA A C   1 
ATOM   251  O  O   . ALA A 1 34  ? -6.388  -7.684  4.077   1.00 17.76 ? 42  ALA A O   1 
ATOM   252  C  CB  . ALA A 1 34  ? -6.383  -10.422 2.405   1.00 18.81 ? 42  ALA A CB  1 
ATOM   253  N  N   . LEU A 1 35  ? -5.765  -7.365  1.936   1.00 17.17 ? 43  LEU A N   1 
ATOM   254  C  CA  . LEU A 1 35  ? -4.978  -6.182  2.281   1.00 16.23 ? 43  LEU A CA  1 
ATOM   255  C  C   . LEU A 1 35  ? -5.873  -5.029  2.660   1.00 17.05 ? 43  LEU A C   1 
ATOM   256  O  O   . LEU A 1 35  ? -5.557  -4.293  3.586   1.00 17.04 ? 43  LEU A O   1 
ATOM   257  C  CB  A LEU A 1 35  ? -4.065  -5.788  1.115   0.50 16.52 ? 43  LEU A CB  1 
ATOM   258  C  CB  B LEU A 1 35  ? -4.033  -5.763  1.158   0.50 15.90 ? 43  LEU A CB  1 
ATOM   259  C  CG  A LEU A 1 35  ? -2.922  -4.848  1.483   0.50 17.69 ? 43  LEU A CG  1 
ATOM   260  C  CG  B LEU A 1 35  ? -3.043  -4.675  1.575   0.50 15.72 ? 43  LEU A CG  1 
ATOM   261  C  CD1 A LEU A 1 35  ? -1.841  -4.822  0.376   0.50 16.83 ? 43  LEU A CD1 1 
ATOM   262  C  CD1 B LEU A 1 35  ? -2.116  -5.107  2.770   0.50 12.34 ? 43  LEU A CD1 1 
ATOM   263  C  CD2 A LEU A 1 35  ? -3.434  -3.466  1.748   0.50 21.57 ? 43  LEU A CD2 1 
ATOM   264  C  CD2 B LEU A 1 35  ? -2.228  -4.268  0.323   0.50 15.10 ? 43  LEU A CD2 1 
ATOM   265  N  N   . GLN A 1 36  ? -6.994  -4.875  1.967   1.00 16.76 ? 44  GLN A N   1 
ATOM   266  C  CA  . GLN A 1 36  ? -7.956  -3.832  2.319   1.00 18.89 ? 44  GLN A CA  1 
ATOM   267  C  C   . GLN A 1 36  ? -8.423  -4.084  3.749   1.00 17.45 ? 44  GLN A C   1 
ATOM   268  O  O   . GLN A 1 36  ? -8.435  -3.172  4.570   1.00 16.52 ? 44  GLN A O   1 
ATOM   269  C  CB  . GLN A 1 36  ? -9.127  -3.813  1.351   1.00 18.35 ? 44  GLN A CB  1 
ATOM   270  C  CG  . GLN A 1 36  ? -8.803  -3.183  0.022   1.00 23.19 ? 44  GLN A CG  1 
ATOM   271  C  CD  . GLN A 1 36  ? -9.932  -3.343  -0.971  1.00 25.36 ? 44  GLN A CD  1 
ATOM   272  O  OE1 . GLN A 1 36  ? -11.115 -3.518  -0.591  1.00 32.78 ? 44  GLN A OE1 1 
ATOM   273  N  NE2 . GLN A 1 36  ? -9.581  -3.289  -2.246  1.00 25.73 ? 44  GLN A NE2 1 
ATOM   274  N  N   . GLU A 1 37  ? -8.729  -5.342  4.079   1.00 17.35 ? 45  GLU A N   1 
ATOM   275  C  CA  . GLU A 1 37  ? -9.189  -5.670  5.441   1.00 17.51 ? 45  GLU A CA  1 
ATOM   276  C  C   . GLU A 1 37  ? -8.101  -5.401  6.467   1.00 16.76 ? 45  GLU A C   1 
ATOM   277  O  O   . GLU A 1 37  ? -8.344  -4.767  7.493   1.00 17.89 ? 45  GLU A O   1 
ATOM   278  C  CB  . GLU A 1 37  ? -9.682  -7.134  5.541   1.00 18.87 ? 45  GLU A CB  1 
ATOM   279  N  N   . ALA A 1 38  ? -6.877  -5.849  6.177   1.00 15.94 ? 46  ALA A N   1 
ATOM   280  C  CA  . ALA A 1 38  ? -5.800  -5.730  7.131   1.00 16.38 ? 46  ALA A CA  1 
ATOM   281  C  C   . ALA A 1 38  ? -5.503  -4.275  7.432   1.00 15.53 ? 46  ALA A C   1 
ATOM   282  O  O   . ALA A 1 38  ? -5.275  -3.910  8.575   1.00 15.70 ? 46  ALA A O   1 
ATOM   283  C  CB  . ALA A 1 38  ? -4.542  -6.440  6.628   1.00 15.36 ? 46  ALA A CB  1 
ATOM   284  N  N   . LEU A 1 39  ? -5.469  -3.433  6.391   1.00 15.44 ? 47  LEU A N   1 
ATOM   285  C  CA  . LEU A 1 39  ? -5.164  -2.004  6.615   1.00 14.77 ? 47  LEU A CA  1 
ATOM   286  C  C   . LEU A 1 39  ? -6.310  -1.271  7.309   1.00 15.69 ? 47  LEU A C   1 
ATOM   287  O  O   . LEU A 1 39  ? -6.080  -0.318  8.073   1.00 16.70 ? 47  LEU A O   1 
ATOM   288  C  CB  . LEU A 1 39  ? -4.781  -1.331  5.272   1.00 15.32 ? 47  LEU A CB  1 
ATOM   289  C  CG  . LEU A 1 39  ? -3.470  -1.730  4.631   1.00 15.98 ? 47  LEU A CG  1 
ATOM   290  C  CD1 . LEU A 1 39  ? -3.386  -1.062  3.271   1.00 18.49 ? 47  LEU A CD1 1 
ATOM   291  C  CD2 . LEU A 1 39  ? -2.246  -1.385  5.493   1.00 19.31 ? 47  LEU A CD2 1 
ATOM   292  N  N   . THR A 1 40  ? -7.542  -1.723  7.072   1.00 16.01 ? 48  THR A N   1 
ATOM   293  C  CA  . THR A 1 40  ? -8.708  -1.096  7.705   1.00 16.52 ? 48  THR A CA  1 
ATOM   294  C  C   . THR A 1 40  ? -8.604  -1.339  9.226   1.00 17.02 ? 48  THR A C   1 
ATOM   295  O  O   . THR A 1 40  ? -8.764  -0.431  10.031  1.00 18.29 ? 48  THR A O   1 
ATOM   296  C  CB  . THR A 1 40  ? -10.058 -1.579  7.118   1.00 16.61 ? 48  THR A CB  1 
ATOM   297  O  OG1 . THR A 1 40  ? -10.151 -1.275  5.715   1.00 18.07 ? 48  THR A OG1 1 
ATOM   298  C  CG2 . THR A 1 40  ? -11.223 -0.924  7.834   1.00 17.99 ? 48  THR A CG2 1 
ATOM   299  N  N   . GLU A 1 41  ? -8.288  -2.557  9.616   1.00 17.02 ? 49  GLU A N   1 
ATOM   300  C  CA  . GLU A 1 41  ? -8.066  -2.869  11.011  1.00 17.82 ? 49  GLU A CA  1 
ATOM   301  C  C   . GLU A 1 41  ? -6.888  -2.088  11.576  1.00 18.22 ? 49  GLU A C   1 
ATOM   302  O  O   . GLU A 1 41  ? -6.969  -1.519  12.667  1.00 18.89 ? 49  GLU A O   1 
ATOM   303  C  CB  . GLU A 1 41  ? -7.854  -4.372  11.158  1.00 18.85 ? 49  GLU A CB  1 
ATOM   304  N  N   . HIS A 1 42  ? -5.801  -2.013  10.822  1.00 17.28 ? 50  HIS A N   1 
ATOM   305  C  CA  . HIS A 1 42  ? -4.609  -1.323  11.272  1.00 17.83 ? 50  HIS A CA  1 
ATOM   306  C  C   . HIS A 1 42  ? -4.799  0.154   11.487  1.00 17.50 ? 50  HIS A C   1 
ATOM   307  O  O   . HIS A 1 42  ? -4.254  0.715   12.450  1.00 18.27 ? 50  HIS A O   1 
ATOM   308  C  CB  . HIS A 1 42  ? -3.464  -1.531  10.283  1.00 17.87 ? 50  HIS A CB  1 
ATOM   309  C  CG  . HIS A 1 42  ? -2.120  -1.275  10.868  1.00 20.85 ? 50  HIS A CG  1 
ATOM   310  N  ND1 . HIS A 1 42  ? -1.631  -2.000  11.933  1.00 20.07 ? 50  HIS A ND1 1 
ATOM   311  C  CD2 . HIS A 1 42  ? -1.156  -0.387  10.539  1.00 23.99 ? 50  HIS A CD2 1 
ATOM   312  C  CE1 . HIS A 1 42  ? -0.415  -1.573  12.228  1.00 22.96 ? 50  HIS A CE1 1 
ATOM   313  N  NE2 . HIS A 1 42  ? -0.114  -0.581  11.414  1.00 23.59 ? 50  HIS A NE2 1 
ATOM   314  N  N   . TYR A 1 43  ? -5.568  0.799   10.603  1.00 17.21 ? 51  TYR A N   1 
ATOM   315  C  CA  . TYR A 1 43  ? -5.733  2.241   10.593  1.00 17.04 ? 51  TYR A CA  1 
ATOM   316  C  C   . TYR A 1 43  ? -6.887  2.767   11.485  1.00 17.39 ? 51  TYR A C   1 
ATOM   317  O  O   . TYR A 1 43  ? -7.000  3.974   11.680  1.00 18.34 ? 51  TYR A O   1 
ATOM   318  C  CB  . TYR A 1 43  ? -5.990  2.720   9.172   1.00 16.61 ? 51  TYR A CB  1 
ATOM   319  C  CG  . TYR A 1 43  ? -4.820  2.623   8.220   1.00 15.90 ? 51  TYR A CG  1 
ATOM   320  C  CD1 . TYR A 1 43  ? -3.580  2.207   8.630   1.00 16.72 ? 51  TYR A CD1 1 
ATOM   321  C  CD2 . TYR A 1 43  ? -4.989  2.980   6.877   1.00 17.66 ? 51  TYR A CD2 1 
ATOM   322  C  CE1 . TYR A 1 43  ? -2.494  2.148   7.708   1.00 16.54 ? 51  TYR A CE1 1 
ATOM   323  C  CE2 . TYR A 1 43  ? -3.932  2.936   5.988   1.00 15.56 ? 51  TYR A CE2 1 
ATOM   324  C  CZ  . TYR A 1 43  ? -2.701  2.527   6.401   1.00 16.17 ? 51  TYR A CZ  1 
ATOM   325  O  OH  . TYR A 1 43  ? -1.660  2.483   5.428   1.00 18.54 ? 51  TYR A OH  1 
ATOM   326  N  N   . LYS A 1 44  ? -7.717  1.856   11.988  1.00 19.61 ? 52  LYS A N   1 
ATOM   327  C  CA  . LYS A 1 44  ? -9.016  2.200   12.598  1.00 20.03 ? 52  LYS A CA  1 
ATOM   328  C  C   . LYS A 1 44  ? -8.909  3.295   13.665  1.00 20.11 ? 52  LYS A C   1 
ATOM   329  O  O   . LYS A 1 44  ? -9.659  4.296   13.620  1.00 20.78 ? 52  LYS A O   1 
ATOM   330  C  CB  . LYS A 1 44  ? -9.619  0.932   13.206  1.00 20.97 ? 52  LYS A CB  1 
ATOM   331  C  CG  . LYS A 1 44  ? -11.100 1.030   13.595  1.00 23.44 ? 52  LYS A CG  1 
ATOM   332  C  CD  . LYS A 1 44  ? -11.506 -0.243  14.294  1.00 23.88 ? 52  LYS A CD  1 
ATOM   333  C  CE  . LYS A 1 44  ? -12.956 -0.198  14.717  1.00 27.95 ? 52  LYS A CE  1 
ATOM   334  N  NZ  . LYS A 1 44  ? -13.399 -1.489  15.288  1.00 30.86 ? 52  LYS A NZ  1 
ATOM   335  N  N   . HIS A 1 45  ? -7.964  3.111   14.581  1.00 20.40 ? 53  HIS A N   1 
ATOM   336  C  CA  . HIS A 1 45  ? -7.727  4.033   15.716  1.00 21.11 ? 53  HIS A CA  1 
ATOM   337  C  C   . HIS A 1 45  ? -6.711  5.129   15.422  1.00 21.77 ? 53  HIS A C   1 
ATOM   338  O  O   . HIS A 1 45  ? -6.297  5.877   16.321  1.00 21.93 ? 53  HIS A O   1 
ATOM   339  C  CB  . HIS A 1 45  ? -7.277  3.225   16.925  1.00 21.92 ? 53  HIS A CB  1 
ATOM   340  C  CG  . HIS A 1 45  ? -8.260  2.177   17.316  1.00 21.84 ? 53  HIS A CG  1 
ATOM   341  N  ND1 . HIS A 1 45  ? -7.899  0.986   17.895  1.00 27.09 ? 53  HIS A ND1 1 
ATOM   342  C  CD2 . HIS A 1 45  ? -9.606  2.128   17.157  1.00 25.87 ? 53  HIS A CD2 1 
ATOM   343  C  CE1 . HIS A 1 45  ? -8.985  0.258   18.111  1.00 25.78 ? 53  HIS A CE1 1 
ATOM   344  N  NE2 . HIS A 1 45  ? -10.030 0.924   17.664  1.00 24.97 ? 53  HIS A NE2 1 
ATOM   345  N  N   . HIS A 1 46  ? -6.305  5.217   14.159  1.00 20.66 ? 54  HIS A N   1 
ATOM   346  C  CA  . HIS A 1 46  ? -5.253  6.135   13.742  1.00 20.79 ? 54  HIS A CA  1 
ATOM   347  C  C   . HIS A 1 46  ? -5.667  6.825   12.445  1.00 19.90 ? 54  HIS A C   1 
ATOM   348  O  O   . HIS A 1 46  ? -4.891  6.906   11.487  1.00 20.94 ? 54  HIS A O   1 
ATOM   349  C  CB  . HIS A 1 46  ? -3.960  5.366   13.526  1.00 21.13 ? 54  HIS A CB  1 
ATOM   350  C  CG  . HIS A 1 46  ? -3.467  4.644   14.740  1.00 22.22 ? 54  HIS A CG  1 
ATOM   351  N  ND1 . HIS A 1 46  ? -3.819  3.349   15.032  1.00 24.16 ? 54  HIS A ND1 1 
ATOM   352  C  CD2 . HIS A 1 46  ? -2.592  5.028   15.700  1.00 25.46 ? 54  HIS A CD2 1 
ATOM   353  C  CE1 . HIS A 1 46  ? -3.217  2.977   16.147  1.00 25.21 ? 54  HIS A CE1 1 
ATOM   354  N  NE2 . HIS A 1 46  ? -2.453  3.970   16.562  1.00 27.63 ? 54  HIS A NE2 1 
ATOM   355  N  N   . TRP A 1 47  ? -6.881  7.356   12.436  1.00 19.77 ? 55  TRP A N   1 
ATOM   356  C  CA  . TRP A 1 47  ? -7.478  8.006   11.266  1.00 19.70 ? 55  TRP A CA  1 
ATOM   357  C  C   . TRP A 1 47  ? -8.284  9.210   11.731  1.00 20.22 ? 55  TRP A C   1 
ATOM   358  O  O   . TRP A 1 47  ? -9.301  9.065   12.445  1.00 19.30 ? 55  TRP A O   1 
ATOM   359  C  CB  . TRP A 1 47  ? -8.406  7.042   10.529  1.00 19.82 ? 55  TRP A CB  1 
ATOM   360  C  CG  . TRP A 1 47  ? -8.902  7.494   9.210   1.00 19.57 ? 55  TRP A CG  1 
ATOM   361  C  CD1 . TRP A 1 47  ? -10.135 8.030   8.919   1.00 18.26 ? 55  TRP A CD1 1 
ATOM   362  C  CD2 . TRP A 1 47  ? -8.205  7.394   7.961   1.00 16.88 ? 55  TRP A CD2 1 
ATOM   363  N  NE1 . TRP A 1 47  ? -10.240 8.263   7.574   1.00 18.40 ? 55  TRP A NE1 1 
ATOM   364  C  CE2 . TRP A 1 47  ? -9.065  7.907   6.960   1.00 17.85 ? 55  TRP A CE2 1 
ATOM   365  C  CE3 . TRP A 1 47  ? -6.939  6.942   7.592   1.00 19.14 ? 55  TRP A CE3 1 
ATOM   366  C  CZ2 . TRP A 1 47  ? -8.687  7.957   5.612   1.00 18.56 ? 55  TRP A CZ2 1 
ATOM   367  C  CZ3 . TRP A 1 47  ? -6.571  6.991   6.264   1.00 18.82 ? 55  TRP A CZ3 1 
ATOM   368  C  CH2 . TRP A 1 47  ? -7.443  7.481   5.288   1.00 19.24 ? 55  TRP A CH2 1 
ATOM   369  N  N   . PHE A 1 48  ? -7.827  10.387  11.316  1.00 20.29 ? 56  PHE A N   1 
ATOM   370  C  CA  . PHE A 1 48  ? -8.354  11.676  11.790  1.00 21.82 ? 56  PHE A CA  1 
ATOM   371  C  C   . PHE A 1 48  ? -8.605  12.592  10.572  1.00 23.17 ? 56  PHE A C   1 
ATOM   372  O  O   . PHE A 1 48  ? -7.730  13.385  10.164  1.00 23.16 ? 56  PHE A O   1 
ATOM   373  C  CB  . PHE A 1 48  ? -7.360  12.292  12.795  1.00 22.16 ? 56  PHE A CB  1 
ATOM   374  C  CG  . PHE A 1 48  ? -6.943  11.349  13.893  1.00 22.10 ? 56  PHE A CG  1 
ATOM   375  C  CD1 . PHE A 1 48  ? -7.763  11.124  14.974  1.00 25.31 ? 56  PHE A CD1 1 
ATOM   376  C  CD2 . PHE A 1 48  ? -5.752  10.628  13.816  1.00 24.01 ? 56  PHE A CD2 1 
ATOM   377  C  CE1 . PHE A 1 48  ? -7.378  10.235  15.979  1.00 22.66 ? 56  PHE A CE1 1 
ATOM   378  C  CE2 . PHE A 1 48  ? -5.375  9.752   14.810  1.00 25.11 ? 56  PHE A CE2 1 
ATOM   379  C  CZ  . PHE A 1 48  ? -6.205  9.555   15.892  1.00 24.41 ? 56  PHE A CZ  1 
ATOM   380  N  N   . PRO A 1 49  ? -9.795  12.473  9.954   1.00 23.60 ? 57  PRO A N   1 
ATOM   381  C  CA  . PRO A 1 49  ? -10.027 13.208  8.696   1.00 24.89 ? 57  PRO A CA  1 
ATOM   382  C  C   . PRO A 1 49  ? -9.774  14.726  8.781   1.00 25.74 ? 57  PRO A C   1 
ATOM   383  O  O   . PRO A 1 49  ? -9.349  15.347  7.802   1.00 26.31 ? 57  PRO A O   1 
ATOM   384  C  CB  . PRO A 1 49  ? -11.483 12.901  8.370   1.00 24.84 ? 57  PRO A CB  1 
ATOM   385  C  CG  . PRO A 1 49  ? -11.772 11.602  9.088   1.00 25.12 ? 57  PRO A CG  1 
ATOM   386  C  CD  . PRO A 1 49  ? -10.951 11.641  10.340  1.00 24.05 ? 57  PRO A CD  1 
ATOM   387  N  N   . GLU A 1 50  ? -9.985  15.300  9.956   1.00 26.53 ? 58  GLU A N   1 
ATOM   388  C  CA  . GLU A 1 50  ? -9.849  16.741  10.140  1.00 27.98 ? 58  GLU A CA  1 
ATOM   389  C  C   . GLU A 1 50  ? -8.403  17.178  10.287  1.00 27.80 ? 58  GLU A C   1 
ATOM   390  O  O   . GLU A 1 50  ? -8.116  18.383  10.212  1.00 27.44 ? 58  GLU A O   1 
ATOM   391  C  CB  . GLU A 1 50  ? -10.641 17.196  11.357  1.00 28.66 ? 58  GLU A CB  1 
ATOM   392  C  CG  . GLU A 1 50  ? -12.154 17.171  11.163  1.00 32.63 ? 58  GLU A CG  1 
ATOM   393  C  CD  . GLU A 1 50  ? -12.728 15.772  11.196  1.00 36.76 ? 58  GLU A CD  1 
ATOM   394  O  OE1 . GLU A 1 50  ? -12.293 14.980  12.062  1.00 40.82 ? 58  GLU A OE1 1 
ATOM   395  O  OE2 . GLU A 1 50  ? -13.602 15.454  10.347  1.00 42.32 ? 58  GLU A OE2 1 
ATOM   396  N  N   . LYS A 1 51  ? -7.518  16.204  10.520  1.00 26.71 ? 59  LYS A N   1 
ATOM   397  C  CA  . LYS A 1 51  ? -6.089  16.407  10.667  1.00 27.17 ? 59  LYS A CA  1 
ATOM   398  C  C   . LYS A 1 51  ? -5.341  15.324  9.903   1.00 25.60 ? 59  LYS A C   1 
ATOM   399  O  O   . LYS A 1 51  ? -4.813  14.398  10.513  1.00 24.65 ? 59  LYS A O   1 
ATOM   400  C  CB  . LYS A 1 51  ? -5.707  16.323  12.143  1.00 27.05 ? 59  LYS A CB  1 
ATOM   401  C  CG  . LYS A 1 51  ? -6.298  17.435  13.002  1.00 28.94 ? 59  LYS A CG  1 
ATOM   402  C  CD  . LYS A 1 51  ? -6.203  17.118  14.478  1.00 29.35 ? 59  LYS A CD  1 
ATOM   403  C  CE  . LYS A 1 51  ? -6.698  18.288  15.321  1.00 31.08 ? 59  LYS A CE  1 
ATOM   404  N  NZ  . LYS A 1 51  ? -6.541  18.124  16.797  1.00 33.05 ? 59  LYS A NZ  1 
ATOM   405  N  N   . PRO A 1 52  ? -5.305  15.419  8.571   1.00 25.46 ? 60  PRO A N   1 
ATOM   406  C  CA  . PRO A 1 52  ? -4.728  14.321  7.766   1.00 25.12 ? 60  PRO A CA  1 
ATOM   407  C  C   . PRO A 1 52  ? -3.282  13.944  8.082   1.00 25.15 ? 60  PRO A C   1 
ATOM   408  O  O   . PRO A 1 52  ? -2.914  12.793  7.891   1.00 23.85 ? 60  PRO A O   1 
ATOM   409  C  CB  . PRO A 1 52  ? -4.874  14.835  6.323   1.00 25.14 ? 60  PRO A CB  1 
ATOM   410  C  CG  . PRO A 1 52  ? -6.031  15.776  6.371   1.00 26.23 ? 60  PRO A CG  1 
ATOM   411  C  CD  . PRO A 1 52  ? -5.838  16.486  7.705   1.00 25.73 ? 60  PRO A CD  1 
ATOM   412  N  N   . SER A 1 53  ? -2.460  14.877  8.568   1.00 25.61 ? 61  SER A N   1 
ATOM   413  C  CA  A SER A 1 53  ? -1.075  14.526  8.920   0.50 25.61 ? 61  SER A CA  1 
ATOM   414  C  CA  B SER A 1 53  ? -1.072  14.566  8.955   0.50 25.35 ? 61  SER A CA  1 
ATOM   415  C  C   . SER A 1 53  ? -0.978  13.687  10.202  1.00 25.20 ? 61  SER A C   1 
ATOM   416  O  O   . SER A 1 53  ? 0.001   12.960  10.402  1.00 25.30 ? 61  SER A O   1 
ATOM   417  C  CB  A SER A 1 53  ? -0.201  15.782  9.037   0.50 26.09 ? 61  SER A CB  1 
ATOM   418  C  CB  B SER A 1 53  ? -0.290  15.859  9.221   0.50 25.69 ? 61  SER A CB  1 
ATOM   419  O  OG  A SER A 1 53  ? -0.057  16.418  7.772   0.50 26.79 ? 61  SER A OG  1 
ATOM   420  O  OG  B SER A 1 53  ? -0.601  16.398  10.494  0.50 25.40 ? 61  SER A OG  1 
ATOM   421  N  N   . LYS A 1 54  ? -1.983  13.791  11.074  1.00 24.73 ? 62  LYS A N   1 
ATOM   422  C  CA  . LYS A 1 54  ? -1.988  13.058  12.334  1.00 24.88 ? 62  LYS A CA  1 
ATOM   423  C  C   . LYS A 1 54  ? -2.088  11.564  12.052  1.00 23.89 ? 62  LYS A C   1 
ATOM   424  O  O   . LYS A 1 54  ? -3.051  11.118  11.433  1.00 23.37 ? 62  LYS A O   1 
ATOM   425  C  CB  . LYS A 1 54  ? -3.137  13.513  13.236  1.00 25.30 ? 62  LYS A CB  1 
ATOM   426  C  CG  . LYS A 1 54  ? -3.062  12.970  14.633  1.00 26.09 ? 62  LYS A CG  1 
ATOM   427  C  CD  . LYS A 1 54  ? -3.992  13.656  15.634  1.00 26.75 ? 62  LYS A CD  1 
ATOM   428  C  CE  . LYS A 1 54  ? -3.960  12.907  16.957  1.00 29.41 ? 62  LYS A CE  1 
ATOM   429  N  NZ  . LYS A 1 54  ? -4.246  13.813  18.092  1.00 31.59 ? 62  LYS A NZ  1 
ATOM   430  N  N   . GLY A 1 55  ? -1.086  10.801  12.473  1.00 23.12 ? 63  GLY A N   1 
ATOM   431  C  CA  . GLY A 1 55  ? -1.040  9.377   12.194  1.00 22.83 ? 63  GLY A CA  1 
ATOM   432  C  C   . GLY A 1 55  ? -0.386  9.020   10.861  1.00 22.54 ? 63  GLY A C   1 
ATOM   433  O  O   . GLY A 1 55  ? -0.264  7.836   10.542  1.00 22.62 ? 63  GLY A O   1 
ATOM   434  N  N   . SER A 1 56  ? 0.116   10.007  10.120  1.00 22.41 ? 64  SER A N   1 
ATOM   435  C  CA  . SER A 1 56  ? 0.658   9.755   8.783   1.00 22.70 ? 64  SER A CA  1 
ATOM   436  C  C   . SER A 1 56  ? 1.891   8.842   8.816   1.00 21.72 ? 64  SER A C   1 
ATOM   437  O  O   . SER A 1 56  ? 2.062   7.950   7.974   1.00 20.18 ? 64  SER A O   1 
ATOM   438  C  CB  . SER A 1 56  ? 1.048   11.056  8.110   1.00 23.01 ? 64  SER A CB  1 
ATOM   439  O  OG  . SER A 1 56  ? 1.154   10.855  6.714   1.00 27.00 ? 64  SER A OG  1 
ATOM   440  N  N   . GLY A 1 57  ? 2.760   9.046   9.805   1.00 21.05 ? 65  GLY A N   1 
ATOM   441  C  CA  . GLY A 1 57  ? 3.923   8.172   9.932   1.00 21.69 ? 65  GLY A CA  1 
ATOM   442  C  C   . GLY A 1 57  ? 3.551   6.744   10.289  1.00 21.61 ? 65  GLY A C   1 
ATOM   443  O  O   . GLY A 1 57  ? 4.173   5.813   9.822   1.00 23.44 ? 65  GLY A O   1 
ATOM   444  N  N   . TYR A 1 58  ? 2.525   6.578   11.119  1.00 20.92 ? 66  TYR A N   1 
ATOM   445  C  CA  . TYR A 1 58  ? 2.046   5.258   11.524  1.00 21.17 ? 66  TYR A CA  1 
ATOM   446  C  C   . TYR A 1 58  ? 1.481   4.525   10.310  1.00 19.80 ? 66  TYR A C   1 
ATOM   447  O  O   . TYR A 1 58  ? 1.748   3.362   10.123  1.00 19.76 ? 66  TYR A O   1 
ATOM   448  C  CB  . TYR A 1 58  ? 0.974   5.404   12.618  1.00 22.73 ? 66  TYR A CB  1 
ATOM   449  C  CG  . TYR A 1 58  ? 0.229   4.145   12.988  1.00 22.87 ? 66  TYR A CG  1 
ATOM   450  C  CD1 . TYR A 1 58  ? 0.648   3.321   14.042  1.00 26.23 ? 66  TYR A CD1 1 
ATOM   451  C  CD2 . TYR A 1 58  ? -0.903  3.763   12.268  1.00 24.26 ? 66  TYR A CD2 1 
ATOM   452  C  CE1 . TYR A 1 58  ? -0.058  2.168   14.376  1.00 26.47 ? 66  TYR A CE1 1 
ATOM   453  C  CE2 . TYR A 1 58  ? -1.608  2.624   12.588  1.00 25.15 ? 66  TYR A CE2 1 
ATOM   454  C  CZ  . TYR A 1 58  ? -1.198  1.823   13.631  1.00 26.11 ? 66  TYR A CZ  1 
ATOM   455  O  OH  . TYR A 1 58  ? -1.921  0.668   13.911  1.00 27.58 ? 66  TYR A OH  1 
ATOM   456  N  N   . ARG A 1 59  ? 0.729   5.237   9.478   1.00 19.78 ? 67  ARG A N   1 
ATOM   457  C  CA  . ARG A 1 59  ? -0.012  4.615   8.372   1.00 18.40 ? 67  ARG A CA  1 
ATOM   458  C  C   . ARG A 1 59  ? 0.863   4.339   7.147   1.00 20.01 ? 67  ARG A C   1 
ATOM   459  O  O   . ARG A 1 59  ? 0.506   3.516   6.281   1.00 19.75 ? 67  ARG A O   1 
ATOM   460  C  CB  . ARG A 1 59  ? -1.162  5.540   7.947   1.00 18.58 ? 67  ARG A CB  1 
ATOM   461  C  CG  . ARG A 1 59  ? -2.308  5.655   8.982   1.00 16.51 ? 67  ARG A CG  1 
ATOM   462  C  CD  . ARG A 1 59  ? -3.554  6.327   8.379   1.00 17.58 ? 67  ARG A CD  1 
ATOM   463  N  NE  . ARG A 1 59  ? -3.227  7.647   7.863   1.00 16.71 ? 67  ARG A NE  1 
ATOM   464  C  CZ  . ARG A 1 59  ? -3.152  8.756   8.599   1.00 18.68 ? 67  ARG A CZ  1 
ATOM   465  N  NH1 . ARG A 1 59  ? -3.492  8.759   9.888   1.00 19.67 ? 67  ARG A NH1 1 
ATOM   466  N  NH2 . ARG A 1 59  ? -2.794  9.893   8.028   1.00 19.90 ? 67  ARG A NH2 1 
ATOM   467  N  N   . CYS A 1 60  ? 1.979   5.054   7.049   1.00 21.32 ? 68  CYS A N   1 
ATOM   468  C  CA  A CYS A 1 60  ? 2.874   4.965   5.893   0.70 21.75 ? 68  CYS A CA  1 
ATOM   469  C  CA  B CYS A 1 60  ? 2.794   4.940   5.838   0.30 21.28 ? 68  CYS A CA  1 
ATOM   470  C  C   . CYS A 1 60  ? 3.358   3.521   5.675   1.00 21.35 ? 68  CYS A C   1 
ATOM   471  O  O   . CYS A 1 60  ? 3.739   2.841   6.640   1.00 21.42 ? 68  CYS A O   1 
ATOM   472  C  CB  A CYS A 1 60  ? 4.047   5.925   6.133   0.70 21.96 ? 68  CYS A CB  1 
ATOM   473  C  CB  B CYS A 1 60  ? 3.886   6.014   5.771   0.30 21.32 ? 68  CYS A CB  1 
ATOM   474  S  SG  A CYS A 1 60  ? 5.251   5.978   4.834   0.70 25.26 ? 68  CYS A SG  1 
ATOM   475  S  SG  B CYS A 1 60  ? 5.440   5.563   6.531   0.30 22.41 ? 68  CYS A SG  1 
ATOM   476  N  N   . ILE A 1 61  ? 3.362   3.064   4.413   1.00 20.68 ? 69  ILE A N   1 
ATOM   477  C  CA  . ILE A 1 61  ? 3.782   1.743   4.029   1.00 20.11 ? 69  ILE A CA  1 
ATOM   478  C  C   . ILE A 1 61  ? 5.155   1.906   3.385   1.00 22.48 ? 69  ILE A C   1 
ATOM   479  O  O   . ILE A 1 61  ? 5.281   2.668   2.442   1.00 21.39 ? 69  ILE A O   1 
ATOM   480  C  CB  . ILE A 1 61  ? 2.797   1.156   3.025   1.00 20.19 ? 69  ILE A CB  1 
ATOM   481  C  CG1 . ILE A 1 61  ? 1.438   0.895   3.678   1.00 21.46 ? 69  ILE A CG1 1 
ATOM   482  C  CG2 . ILE A 1 61  ? 3.346   -0.109  2.410   1.00 20.48 ? 69  ILE A CG2 1 
ATOM   483  C  CD1 . ILE A 1 61  ? 0.362   0.583   2.684   1.00 20.67 ? 69  ILE A CD1 1 
ATOM   484  N  N   . ARG A 1 62  ? 6.146   1.205   3.933   1.00 24.01 ? 70  ARG A N   1 
ATOM   485  C  CA  . ARG A 1 62  ? 7.545   1.347   3.527   1.00 26.40 ? 70  ARG A CA  1 
ATOM   486  C  C   . ARG A 1 62  ? 8.139   0.012   3.120   1.00 26.54 ? 70  ARG A C   1 
ATOM   487  O  O   . ARG A 1 62  ? 7.854   -1.030  3.737   1.00 25.49 ? 70  ARG A O   1 
ATOM   488  C  CB  . ARG A 1 62  ? 8.350   1.905   4.692   1.00 26.74 ? 70  ARG A CB  1 
ATOM   489  C  CG  . ARG A 1 62  ? 8.039   3.330   5.042   1.00 29.31 ? 70  ARG A CG  1 
ATOM   490  C  CD  . ARG A 1 62  ? 9.055   3.843   6.068   1.00 32.44 ? 70  ARG A CD  1 
ATOM   491  N  NE  . ARG A 1 62  ? 10.374  3.945   5.448   1.00 37.19 ? 70  ARG A NE  1 
ATOM   492  C  CZ  . ARG A 1 62  ? 11.543  3.873   6.084   1.00 39.02 ? 70  ARG A CZ  1 
ATOM   493  N  NH1 . ARG A 1 62  ? 11.621  3.685   7.398   1.00 40.61 ? 70  ARG A NH1 1 
ATOM   494  N  NH2 . ARG A 1 62  ? 12.655  3.988   5.378   1.00 39.73 ? 70  ARG A NH2 1 
ATOM   495  N  N   . ILE A 1 63  ? 8.984   0.047   2.086   1.00 27.45 ? 71  ILE A N   1 
ATOM   496  C  CA  . ILE A 1 63  ? 9.769   -1.106  1.677   1.00 28.98 ? 71  ILE A CA  1 
ATOM   497  C  C   . ILE A 1 63  ? 11.243  -0.666  1.638   1.00 29.64 ? 71  ILE A C   1 
ATOM   498  O  O   . ILE A 1 63  ? 11.552  0.269   0.911   1.00 30.80 ? 71  ILE A O   1 
ATOM   499  C  CB  . ILE A 1 63  ? 9.330   -1.592  0.281   1.00 27.90 ? 71  ILE A CB  1 
ATOM   500  C  CG1 . ILE A 1 63  ? 7.886   -2.070  0.317   1.00 29.52 ? 71  ILE A CG1 1 
ATOM   501  C  CG2 . ILE A 1 63  ? 10.241  -2.731  -0.230  1.00 28.38 ? 71  ILE A CG2 1 
ATOM   502  C  CD1 . ILE A 1 63  ? 7.446   -2.741  -1.017  1.00 29.20 ? 71  ILE A CD1 1 
ATOM   503  N  N   . ASN A 1 64  ? 12.081  -1.279  2.487   1.00 31.15 ? 72  ASN A N   1 
ATOM   504  C  CA  . ASN A 1 64  ? 13.547  -1.036  2.571   1.00 31.64 ? 72  ASN A CA  1 
ATOM   505  C  C   . ASN A 1 64  ? 14.288  -2.387  2.517   1.00 32.25 ? 72  ASN A C   1 
ATOM   506  O  O   . ASN A 1 64  ? 13.953  -3.219  1.683   1.00 32.68 ? 72  ASN A O   1 
ATOM   507  C  CB  . ASN A 1 64  ? 13.870  -0.302  3.872   1.00 32.68 ? 72  ASN A CB  1 
ATOM   508  N  N   . HIS A 1 65  ? 15.277  -2.629  3.395   1.00 32.40 ? 73  HIS A N   1 
ATOM   509  C  CA  . HIS A 1 65  ? 15.829  -3.994  3.540   1.00 32.20 ? 73  HIS A CA  1 
ATOM   510  C  C   . HIS A 1 65  ? 14.710  -4.978  3.908   1.00 31.76 ? 73  HIS A C   1 
ATOM   511  O  O   . HIS A 1 65  ? 14.733  -6.181  3.533   1.00 32.75 ? 73  HIS A O   1 
ATOM   512  C  CB  . HIS A 1 65  ? 16.915  -4.024  4.639   1.00 32.24 ? 73  HIS A CB  1 
ATOM   513  N  N   . LYS A 1 66  ? 13.742  -4.447  4.655   1.00 31.30 ? 74  LYS A N   1 
ATOM   514  C  CA  . LYS A 1 66  ? 12.609  -5.193  5.149   1.00 29.94 ? 74  LYS A CA  1 
ATOM   515  C  C   . LYS A 1 66  ? 11.382  -4.846  4.304   1.00 28.68 ? 74  LYS A C   1 
ATOM   516  O  O   . LYS A 1 66  ? 11.232  -3.701  3.845   1.00 28.82 ? 74  LYS A O   1 
ATOM   517  C  CB  . LYS A 1 66  ? 12.354  -4.847  6.621   1.00 30.65 ? 74  LYS A CB  1 
HETATM 518  N  N   . MSE A 1 67  ? 10.573  -5.862  4.031   1.00 27.29 ? 75  MSE A N   1 
HETATM 519  C  CA  . MSE A 1 67  ? 9.251   -5.676  3.442   1.00 25.98 ? 75  MSE A CA  1 
HETATM 520  C  C   . MSE A 1 67  ? 8.325   -5.182  4.564   1.00 25.20 ? 75  MSE A C   1 
HETATM 521  O  O   . MSE A 1 67  ? 8.474   -5.583  5.727   1.00 25.44 ? 75  MSE A O   1 
HETATM 522  C  CB  . MSE A 1 67  ? 8.768   -7.013  2.896   1.00 26.19 ? 75  MSE A CB  1 
HETATM 523  C  CG  . MSE A 1 67  ? 7.414   -7.024  2.180   1.00 27.03 ? 75  MSE A CG  1 
HETATM 524  SE SE  . MSE A 1 67  ? 7.297   -5.753  0.749   1.00 31.24 ? 75  MSE A SE  1 
HETATM 525  C  CE  . MSE A 1 67  ? 8.923   -6.300  -0.276  1.00 23.30 ? 75  MSE A CE  1 
ATOM   526  N  N   . ASP A 1 68  ? 7.366   -4.322  4.227   1.00 22.91 ? 76  ASP A N   1 
ATOM   527  C  CA  . ASP A 1 68  ? 6.297   -3.986  5.175   1.00 21.83 ? 76  ASP A CA  1 
ATOM   528  C  C   . ASP A 1 68  ? 5.665   -5.265  5.724   1.00 20.30 ? 76  ASP A C   1 
ATOM   529  O  O   . ASP A 1 68  ? 5.315   -6.132  4.948   1.00 19.67 ? 76  ASP A O   1 
ATOM   530  C  CB  . ASP A 1 68  ? 5.206   -3.179  4.485   1.00 21.64 ? 76  ASP A CB  1 
ATOM   531  C  CG  . ASP A 1 68  ? 4.031   -2.918  5.410   1.00 23.43 ? 76  ASP A CG  1 
ATOM   532  O  OD1 . ASP A 1 68  ? 4.081   -1.905  6.104   1.00 25.27 ? 76  ASP A OD1 1 
ATOM   533  O  OD2 . ASP A 1 68  ? 3.076   -3.727  5.438   1.00 23.43 ? 76  ASP A OD2 1 
ATOM   534  N  N   . PRO A 1 69  ? 5.498   -5.369  7.055   1.00 20.57 ? 77  PRO A N   1 
ATOM   535  C  CA  . PRO A 1 69  ? 5.001   -6.636  7.613   1.00 20.32 ? 77  PRO A CA  1 
ATOM   536  C  C   . PRO A 1 69  ? 3.562   -6.988  7.198   1.00 19.93 ? 77  PRO A C   1 
ATOM   537  O  O   . PRO A 1 69  ? 3.245   -8.176  7.031   1.00 20.13 ? 77  PRO A O   1 
ATOM   538  C  CB  . PRO A 1 69  ? 5.118   -6.433  9.118   1.00 20.54 ? 77  PRO A CB  1 
ATOM   539  C  CG  . PRO A 1 69  ? 5.166   -4.991  9.321   1.00 22.20 ? 77  PRO A CG  1 
ATOM   540  C  CD  . PRO A 1 69  ? 5.805   -4.392  8.115   1.00 21.17 ? 77  PRO A CD  1 
ATOM   541  N  N   . ILE A 1 70  ? 2.691   -5.993  7.032   1.00 20.28 ? 78  ILE A N   1 
ATOM   542  C  CA  . ILE A 1 70  ? 1.318   -6.338  6.607   1.00 20.04 ? 78  ILE A CA  1 
ATOM   543  C  C   . ILE A 1 70  ? 1.298   -6.847  5.147   1.00 18.77 ? 78  ILE A C   1 
ATOM   544  O  O   . ILE A 1 70  ? 0.614   -7.830  4.828   1.00 18.54 ? 78  ILE A O   1 
ATOM   545  C  CB  . ILE A 1 70  ? 0.303   -5.195  6.809   1.00 20.63 ? 78  ILE A CB  1 
ATOM   546  C  CG1 . ILE A 1 70  ? 0.212   -4.804  8.285   1.00 22.29 ? 78  ILE A CG1 1 
ATOM   547  C  CG2 . ILE A 1 70  ? -1.043  -5.673  6.331   1.00 21.23 ? 78  ILE A CG2 1 
ATOM   548  C  CD1 . ILE A 1 70  ? -0.880  -3.790  8.569   1.00 22.35 ? 78  ILE A CD1 1 
ATOM   549  N  N   . ILE A 1 71  ? 2.065   -6.209  4.264   1.00 17.60 ? 79  ILE A N   1 
ATOM   550  C  CA  A ILE A 1 71  ? 2.172   -6.668  2.889   0.50 17.36 ? 79  ILE A CA  1 
ATOM   551  C  CA  B ILE A 1 71  ? 2.194   -6.653  2.890   0.50 17.90 ? 79  ILE A CA  1 
ATOM   552  C  C   . ILE A 1 71  ? 2.729   -8.087  2.862   1.00 18.12 ? 79  ILE A C   1 
ATOM   553  O  O   . ILE A 1 71  ? 2.238   -8.931  2.126   1.00 18.19 ? 79  ILE A O   1 
ATOM   554  C  CB  A ILE A 1 71  ? 3.088   -5.785  2.036   0.50 17.47 ? 79  ILE A CB  1 
ATOM   555  C  CB  B ILE A 1 71  ? 3.161   -5.747  2.103   0.50 17.96 ? 79  ILE A CB  1 
ATOM   556  C  CG1 A ILE A 1 71  ? 2.440   -4.412  1.817   0.50 17.54 ? 79  ILE A CG1 1 
ATOM   557  C  CG1 B ILE A 1 71  ? 2.716   -4.282  2.216   0.50 19.07 ? 79  ILE A CG1 1 
ATOM   558  C  CG2 A ILE A 1 71  ? 3.324   -6.469  0.688   0.50 16.67 ? 79  ILE A CG2 1 
ATOM   559  C  CG2 B ILE A 1 71  ? 3.200   -6.189  0.643   0.50 17.93 ? 79  ILE A CG2 1 
ATOM   560  C  CD1 A ILE A 1 71  ? 3.382   -3.425  1.127   0.50 15.90 ? 79  ILE A CD1 1 
ATOM   561  C  CD1 B ILE A 1 71  ? 1.371   -3.999  1.644   0.50 19.76 ? 79  ILE A CD1 1 
ATOM   562  N  N   . SER A 1 72  ? 3.735   -8.339  3.702   1.00 18.69 ? 80  SER A N   1 
ATOM   563  C  CA  . SER A 1 72  ? 4.411   -9.649  3.727   1.00 20.82 ? 80  SER A CA  1 
ATOM   564  C  C   . SER A 1 72  ? 3.445   -10.735 4.080   1.00 20.77 ? 80  SER A C   1 
ATOM   565  O  O   . SER A 1 72  ? 3.364   -11.756 3.392   1.00 21.20 ? 80  SER A O   1 
ATOM   566  C  CB  . SER A 1 72  ? 5.555   -9.666  4.738   1.00 21.16 ? 80  SER A CB  1 
ATOM   567  O  OG  . SER A 1 72  ? 6.569   -8.783  4.318   1.00 26.30 ? 80  SER A OG  1 
ATOM   568  N  N   . ARG A 1 73  ? 2.700   -10.526 5.147   1.00 21.51 ? 81  ARG A N   1 
ATOM   569  C  CA  . ARG A 1 73  ? 1.780   -11.565 5.579   1.00 22.92 ? 81  ARG A CA  1 
ATOM   570  C  C   . ARG A 1 73  ? 0.598   -11.772 4.638   1.00 21.81 ? 81  ARG A C   1 
ATOM   571  O  O   . ARG A 1 73  ? 0.194   -12.898 4.383   1.00 21.52 ? 81  ARG A O   1 
ATOM   572  C  CB  . ARG A 1 73  ? 1.348   -11.377 7.028   1.00 23.74 ? 81  ARG A CB  1 
ATOM   573  C  CG  . ARG A 1 73  ? 0.452   -10.246 7.337   1.00 25.98 ? 81  ARG A CG  1 
ATOM   574  C  CD  . ARG A 1 73  ? -0.179  -10.489 8.713   1.00 27.69 ? 81  ARG A CD  1 
ATOM   575  N  NE  . ARG A 1 73  ? -0.826  -9.278  9.235   1.00 31.74 ? 81  ARG A NE  1 
ATOM   576  C  CZ  . ARG A 1 73  ? -2.118  -8.998  9.113   1.00 31.71 ? 81  ARG A CZ  1 
ATOM   577  N  NH1 . ARG A 1 73  ? -2.944  -9.820  8.495   1.00 34.85 ? 81  ARG A NH1 1 
ATOM   578  N  NH2 . ARG A 1 73  ? -2.590  -7.879  9.615   1.00 32.82 ? 81  ARG A NH2 1 
ATOM   579  N  N   . VAL A 1 74  ? 0.049   -10.711 4.071   1.00 20.33 ? 82  VAL A N   1 
ATOM   580  C  CA  . VAL A 1 74  ? -1.056  -10.906 3.128   1.00 20.04 ? 82  VAL A CA  1 
ATOM   581  C  C   . VAL A 1 74  ? -0.562  -11.548 1.832   1.00 20.50 ? 82  VAL A C   1 
ATOM   582  O  O   . VAL A 1 74  ? -1.223  -12.429 1.243   1.00 20.33 ? 82  VAL A O   1 
ATOM   583  C  CB  . VAL A 1 74  ? -1.762  -9.559  2.856   1.00 20.42 ? 82  VAL A CB  1 
ATOM   584  C  CG1 . VAL A 1 74  ? -2.826  -9.718  1.739   1.00 19.88 ? 82  VAL A CG1 1 
ATOM   585  C  CG2 . VAL A 1 74  ? -2.376  -9.011  4.152   1.00 20.83 ? 82  VAL A CG2 1 
ATOM   586  N  N   . ALA A 1 75  ? 0.605   -11.111 1.373   1.00 19.46 ? 83  ALA A N   1 
ATOM   587  C  CA  . ALA A 1 75  ? 1.227   -11.687 0.198   1.00 20.67 ? 83  ALA A CA  1 
ATOM   588  C  C   . ALA A 1 75  ? 1.427   -13.192 0.392   1.00 20.55 ? 83  ALA A C   1 
ATOM   589  O  O   . ALA A 1 75  ? 1.245   -13.963 -0.533  1.00 19.65 ? 83  ALA A O   1 
ATOM   590  C  CB  . ALA A 1 75  ? 2.525   -11.010 -0.076  1.00 19.97 ? 83  ALA A CB  1 
ATOM   591  N  N   . SER A 1 76  ? 1.776   -13.593 1.617   1.00 21.78 ? 84  SER A N   1 
ATOM   592  C  CA  . SER A 1 76  ? 1.976   -15.033 1.938   1.00 22.57 ? 84  SER A CA  1 
ATOM   593  C  C   . SER A 1 76  ? 0.697   -15.829 1.745   1.00 22.25 ? 84  SER A C   1 
ATOM   594  O  O   . SER A 1 76  ? 0.724   -16.989 1.276   1.00 21.76 ? 84  SER A O   1 
ATOM   595  C  CB  . SER A 1 76  ? 2.454   -15.195 3.379   1.00 24.17 ? 84  SER A CB  1 
ATOM   596  O  OG  . SER A 1 76  ? 3.839   -15.018 3.461   1.00 28.84 ? 84  SER A OG  1 
ATOM   597  N  N   . GLN A 1 77  ? -0.429  -15.182 2.058   1.00 20.71 ? 85  GLN A N   1 
ATOM   598  C  CA  . GLN A 1 77  ? -1.737  -15.802 1.893   1.00 21.50 ? 85  GLN A CA  1 
ATOM   599  C  C   . GLN A 1 77  ? -2.042  -16.110 0.447   1.00 20.20 ? 85  GLN A C   1 
ATOM   600  O  O   . GLN A 1 77  ? -2.915  -16.945 0.156   1.00 21.84 ? 85  GLN A O   1 
ATOM   601  C  CB  . GLN A 1 77  ? -2.827  -14.923 2.517   1.00 21.48 ? 85  GLN A CB  1 
ATOM   602  C  CG  . GLN A 1 77  ? -2.727  -14.866 4.034   1.00 23.84 ? 85  GLN A CG  1 
ATOM   603  C  CD  . GLN A 1 77  ? -3.770  -13.954 4.661   1.00 24.94 ? 85  GLN A CD  1 
ATOM   604  O  OE1 . GLN A 1 77  ? -4.972  -14.130 4.460   1.00 30.48 ? 85  GLN A OE1 1 
ATOM   605  N  NE2 . GLN A 1 77  ? -3.309  -12.985 5.432   1.00 27.49 ? 85  GLN A NE2 1 
ATOM   606  N  N   . ILE A 1 78  ? -1.384  -15.420 -0.481  1.00 19.22 ? 86  ILE A N   1 
ATOM   607  C  CA  . ILE A 1 78  ? -1.542  -15.761 -1.907  1.00 19.30 ? 86  ILE A CA  1 
ATOM   608  C  C   . ILE A 1 78  ? -0.300  -16.451 -2.493  1.00 19.37 ? 86  ILE A C   1 
ATOM   609  O  O   . ILE A 1 78  ? -0.124  -16.514 -3.692  1.00 19.19 ? 86  ILE A O   1 
ATOM   610  C  CB  . ILE A 1 78  ? -1.982  -14.545 -2.774  1.00 19.12 ? 86  ILE A CB  1 
ATOM   611  C  CG1 . ILE A 1 78  ? -0.902  -13.463 -2.876  1.00 20.69 ? 86  ILE A CG1 1 
ATOM   612  C  CG2 . ILE A 1 78  ? -3.304  -13.980 -2.190  1.00 19.36 ? 86  ILE A CG2 1 
ATOM   613  C  CD1 . ILE A 1 78  ? -0.922  -12.691 -4.231  1.00 19.57 ? 86  ILE A CD1 1 
ATOM   614  N  N   . GLY A 1 79  ? 0.569   -16.936 -1.632  1.00 20.06 ? 87  GLY A N   1 
ATOM   615  C  CA  . GLY A 1 79  ? 1.697   -17.766 -2.069  1.00 20.84 ? 87  GLY A CA  1 
ATOM   616  C  C   . GLY A 1 79  ? 2.869   -16.984 -2.615  1.00 22.17 ? 87  GLY A C   1 
ATOM   617  O  O   . GLY A 1 79  ? 3.670   -17.550 -3.358  1.00 23.71 ? 87  GLY A O   1 
ATOM   618  N  N   . LEU A 1 80  ? 2.976   -15.699 -2.247  1.00 22.00 ? 88  LEU A N   1 
ATOM   619  C  CA  . LEU A 1 80  ? 4.159   -14.909 -2.565  1.00 23.34 ? 88  LEU A CA  1 
ATOM   620  C  C   . LEU A 1 80  ? 5.067   -14.764 -1.339  1.00 24.15 ? 88  LEU A C   1 
ATOM   621  O  O   . LEU A 1 80  ? 4.622   -14.338 -0.262  1.00 24.53 ? 88  LEU A O   1 
ATOM   622  C  CB  . LEU A 1 80  ? 3.794   -13.515 -3.035  1.00 23.55 ? 88  LEU A CB  1 
ATOM   623  C  CG  . LEU A 1 80  ? 3.132   -13.368 -4.389  1.00 23.82 ? 88  LEU A CG  1 
ATOM   624  C  CD1 . LEU A 1 80  ? 2.688   -11.907 -4.481  1.00 23.66 ? 88  LEU A CD1 1 
ATOM   625  C  CD2 . LEU A 1 80  ? 4.045   -13.698 -5.566  1.00 24.18 ? 88  LEU A CD2 1 
ATOM   626  N  N   . SER A 1 81  ? 6.338   -15.057 -1.542  1.00 25.09 ? 89  SER A N   1 
ATOM   627  C  CA  . SER A 1 81  ? 7.347   -14.897 -0.512  1.00 25.30 ? 89  SER A CA  1 
ATOM   628  C  C   . SER A 1 81  ? 7.883   -13.482 -0.488  1.00 25.69 ? 89  SER A C   1 
ATOM   629  O  O   . SER A 1 81  ? 7.723   -12.735 -1.454  1.00 24.42 ? 89  SER A O   1 
ATOM   630  C  CB  . SER A 1 81  ? 8.509   -15.821 -0.777  1.00 25.51 ? 89  SER A CB  1 
ATOM   631  O  OG  . SER A 1 81  ? 9.222   -15.410 -1.929  1.00 26.23 ? 89  SER A OG  1 
ATOM   632  N  N   . GLN A 1 82  ? 8.579   -13.130 0.592   1.00 26.45 ? 90  GLN A N   1 
ATOM   633  C  CA  . GLN A 1 82  ? 9.134   -11.792 0.694   1.00 27.50 ? 90  GLN A CA  1 
ATOM   634  C  C   . GLN A 1 82  ? 10.200  -11.556 -0.380  1.00 27.00 ? 90  GLN A C   1 
ATOM   635  O  O   . GLN A 1 82  ? 10.216  -10.514 -1.010  1.00 25.54 ? 90  GLN A O   1 
ATOM   636  C  CB  . GLN A 1 82  ? 9.681   -11.502 2.096   1.00 27.26 ? 90  GLN A CB  1 
ATOM   637  C  CG  . GLN A 1 82  ? 8.620   -11.369 3.149   1.00 29.00 ? 90  GLN A CG  1 
ATOM   638  C  CD  . GLN A 1 82  ? 9.181   -10.972 4.495   1.00 30.54 ? 90  GLN A CD  1 
ATOM   639  O  OE1 . GLN A 1 82  ? 10.057  -10.115 4.590   1.00 34.51 ? 90  GLN A OE1 1 
ATOM   640  N  NE2 . GLN A 1 82  ? 8.685   -11.613 5.554   1.00 33.91 ? 90  GLN A NE2 1 
ATOM   641  N  N   . PRO A 1 83  ? 11.096  -12.535 -0.605  1.00 27.74 ? 91  PRO A N   1 
ATOM   642  C  CA  . PRO A 1 83  ? 12.028  -12.387 -1.724  1.00 28.20 ? 91  PRO A CA  1 
ATOM   643  C  C   . PRO A 1 83  ? 11.354  -12.073 -3.061  1.00 27.71 ? 91  PRO A C   1 
ATOM   644  O  O   . PRO A 1 83  ? 11.832  -11.196 -3.812  1.00 27.22 ? 91  PRO A O   1 
ATOM   645  C  CB  . PRO A 1 83  ? 12.742  -13.740 -1.757  1.00 28.55 ? 91  PRO A CB  1 
ATOM   646  C  CG  . PRO A 1 83  ? 12.758  -14.154 -0.342  1.00 28.92 ? 91  PRO A CG  1 
ATOM   647  C  CD  . PRO A 1 83  ? 11.385  -13.746 0.179   1.00 27.99 ? 91  PRO A CD  1 
ATOM   648  N  N   . GLN A 1 84  ? 10.251  -12.764 -3.356  1.00 27.37 ? 92  GLN A N   1 
ATOM   649  C  CA  . GLN A 1 84  ? 9.470   -12.447 -4.553  1.00 27.58 ? 92  GLN A CA  1 
ATOM   650  C  C   . GLN A 1 84  ? 8.943   -11.025 -4.533  1.00 26.30 ? 92  GLN A C   1 
ATOM   651  O  O   . GLN A 1 84  ? 9.075   -10.306 -5.536  1.00 24.83 ? 92  GLN A O   1 
ATOM   652  C  CB  . GLN A 1 84  ? 8.296   -13.400 -4.723  1.00 27.37 ? 92  GLN A CB  1 
ATOM   653  C  CG  . GLN A 1 84  ? 8.655   -14.667 -5.423  1.00 30.08 ? 92  GLN A CG  1 
ATOM   654  C  CD  . GLN A 1 84  ? 7.507   -15.648 -5.403  1.00 30.76 ? 92  GLN A CD  1 
ATOM   655  O  OE1 . GLN A 1 84  ? 7.099   -16.120 -4.339  1.00 35.08 ? 92  GLN A OE1 1 
ATOM   656  N  NE2 . GLN A 1 84  ? 6.971   -15.952 -6.574  1.00 33.89 ? 92  GLN A NE2 1 
ATOM   657  N  N   . LEU A 1 85  ? 8.345   -10.622 -3.410  1.00 24.89 ? 93  LEU A N   1 
ATOM   658  C  CA  . LEU A 1 85  ? 7.860   -9.245  -3.271  1.00 25.45 ? 93  LEU A CA  1 
ATOM   659  C  C   . LEU A 1 85  ? 8.951   -8.223  -3.478  1.00 25.16 ? 93  LEU A C   1 
ATOM   660  O  O   . LEU A 1 85  ? 8.702   -7.194  -4.075  1.00 25.36 ? 93  LEU A O   1 
ATOM   661  C  CB  . LEU A 1 85  ? 7.252   -8.979  -1.906  1.00 25.63 ? 93  LEU A CB  1 
ATOM   662  C  CG  . LEU A 1 85  ? 5.919   -9.624  -1.606  1.00 26.18 ? 93  LEU A CG  1 
ATOM   663  C  CD1 . LEU A 1 85  ? 5.634   -9.539  -0.131  1.00 22.58 ? 93  LEU A CD1 1 
ATOM   664  C  CD2 . LEU A 1 85  ? 4.842   -8.909  -2.405  1.00 24.42 ? 93  LEU A CD2 1 
ATOM   665  N  N   . HIS A 1 86  ? 10.152  -8.520  -2.974  1.00 25.15 ? 94  HIS A N   1 
ATOM   666  C  CA  . HIS A 1 86  ? 11.268  -7.598  -3.103  1.00 26.29 ? 94  HIS A CA  1 
ATOM   667  C  C   . HIS A 1 86  ? 11.584  -7.385  -4.566  1.00 27.22 ? 94  HIS A C   1 
ATOM   668  O  O   . HIS A 1 86  ? 11.987  -6.303  -4.955  1.00 28.60 ? 94  HIS A O   1 
ATOM   669  C  CB  . HIS A 1 86  ? 12.508  -8.100  -2.343  1.00 25.95 ? 94  HIS A CB  1 
ATOM   670  C  CG  . HIS A 1 86  ? 12.474  -7.804  -0.875  1.00 25.28 ? 94  HIS A CG  1 
ATOM   671  N  ND1 . HIS A 1 86  ? 12.539  -6.521  -0.379  1.00 25.16 ? 94  HIS A ND1 1 
ATOM   672  C  CD2 . HIS A 1 86  ? 12.353  -8.614  0.197   1.00 26.29 ? 94  HIS A CD2 1 
ATOM   673  C  CE1 . HIS A 1 86  ? 12.504  -6.562  0.941   1.00 27.87 ? 94  HIS A CE1 1 
ATOM   674  N  NE2 . HIS A 1 86  ? 12.383  -7.819  1.315   1.00 26.49 ? 94  HIS A NE2 1 
ATOM   675  N  N   . GLN A 1 87  ? 11.397  -8.423  -5.366  1.00 27.93 ? 95  GLN A N   1 
ATOM   676  C  CA  . GLN A 1 87  ? 11.647  -8.347  -6.797  1.00 29.43 ? 95  GLN A CA  1 
ATOM   677  C  C   . GLN A 1 87  ? 10.489  -7.722  -7.567  1.00 28.84 ? 95  GLN A C   1 
ATOM   678  O  O   . GLN A 1 87  ? 10.722  -7.038  -8.548  1.00 30.00 ? 95  GLN A O   1 
ATOM   679  C  CB  . GLN A 1 87  ? 11.918  -9.732  -7.369  1.00 29.83 ? 95  GLN A CB  1 
ATOM   680  C  CG  . GLN A 1 87  ? 13.094  -10.466 -6.744  1.00 32.64 ? 95  GLN A CG  1 
ATOM   681  C  CD  . GLN A 1 87  ? 13.263  -11.840 -7.338  1.00 32.84 ? 95  GLN A CD  1 
ATOM   682  O  OE1 . GLN A 1 87  ? 12.870  -12.847 -6.742  1.00 38.54 ? 95  GLN A OE1 1 
ATOM   683  N  NE2 . GLN A 1 87  ? 13.781  -11.887 -8.547  1.00 37.40 ? 95  GLN A NE2 1 
ATOM   684  N  N   . LEU A 1 88  ? 9.252   -7.977  -7.162  1.00 27.57 ? 96  LEU A N   1 
ATOM   685  C  CA  . LEU A 1 88  ? 8.093   -7.499  -7.929  1.00 27.20 ? 96  LEU A CA  1 
ATOM   686  C  C   . LEU A 1 88  ? 7.705   -6.057  -7.605  1.00 27.03 ? 96  LEU A C   1 
ATOM   687  O  O   . LEU A 1 88  ? 7.161   -5.345  -8.460  1.00 28.49 ? 96  LEU A O   1 
ATOM   688  C  CB  . LEU A 1 88  ? 6.889   -8.406  -7.700  1.00 26.73 ? 96  LEU A CB  1 
ATOM   689  C  CG  . LEU A 1 88  ? 7.030   -9.823  -8.271  1.00 27.62 ? 96  LEU A CG  1 
ATOM   690  C  CD1 . LEU A 1 88  ? 5.844   -10.661 -7.833  1.00 28.35 ? 96  LEU A CD1 1 
ATOM   691  C  CD2 . LEU A 1 88  ? 7.156   -9.816  -9.786  1.00 28.75 ? 96  LEU A CD2 1 
ATOM   692  N  N   . LEU A 1 89  ? 7.940   -5.637  -6.374  1.00 26.58 ? 97  LEU A N   1 
ATOM   693  C  CA  . LEU A 1 89  ? 7.625   -4.276  -5.950  1.00 25.88 ? 97  LEU A CA  1 
ATOM   694  C  C   . LEU A 1 89  ? 8.863   -3.379  -6.082  1.00 26.52 ? 97  LEU A C   1 
ATOM   695  O  O   . LEU A 1 89  ? 9.991   -3.870  -6.061  1.00 26.38 ? 97  LEU A O   1 
ATOM   696  C  CB  . LEU A 1 89  ? 7.099   -4.270  -4.511  1.00 25.64 ? 97  LEU A CB  1 
ATOM   697  C  CG  . LEU A 1 89  ? 5.783   -5.048  -4.353  1.00 25.53 ? 97  LEU A CG  1 
ATOM   698  C  CD1 . LEU A 1 89  ? 5.302   -5.028  -2.921  1.00 24.96 ? 97  LEU A CD1 1 
ATOM   699  C  CD2 . LEU A 1 89  ? 4.704   -4.456  -5.310  1.00 25.11 ? 97  LEU A CD2 1 
ATOM   700  N  N   . PRO A 1 90  ? 8.656   -2.056  -6.204  1.00 27.40 ? 98  PRO A N   1 
ATOM   701  C  CA  . PRO A 1 90  ? 9.806   -1.146  -6.214  1.00 28.14 ? 98  PRO A CA  1 
ATOM   702  C  C   . PRO A 1 90  ? 10.644  -1.285  -4.926  1.00 28.66 ? 98  PRO A C   1 
ATOM   703  O  O   . PRO A 1 90  ? 10.112  -1.591  -3.850  1.00 28.55 ? 98  PRO A O   1 
ATOM   704  C  CB  . PRO A 1 90  ? 9.166   0.236   -6.340  1.00 27.65 ? 98  PRO A CB  1 
ATOM   705  C  CG  . PRO A 1 90  ? 7.819   -0.009  -6.931  1.00 28.32 ? 98  PRO A CG  1 
ATOM   706  C  CD  . PRO A 1 90  ? 7.381   -1.332  -6.365  1.00 27.76 ? 98  PRO A CD  1 
ATOM   707  N  N   . SER A 1 91  ? 11.951  -1.049  -5.037  1.00 29.49 ? 99  SER A N   1 
ATOM   708  C  CA  A SER A 1 91  ? 12.853  -1.370  -3.940  0.50 30.11 ? 99  SER A CA  1 
ATOM   709  C  CA  B SER A 1 91  ? 12.901  -1.326  -3.960  0.50 30.25 ? 99  SER A CA  1 
ATOM   710  C  C   . SER A 1 91  ? 12.907  -0.320  -2.825  1.00 30.69 ? 99  SER A C   1 
ATOM   711  O  O   . SER A 1 91  ? 13.253  -0.656  -1.692  1.00 32.91 ? 99  SER A O   1 
ATOM   712  C  CB  A SER A 1 91  ? 14.263  -1.651  -4.478  0.50 30.48 ? 99  SER A CB  1 
ATOM   713  C  CB  B SER A 1 91  ? 14.334  -1.374  -4.507  0.50 30.48 ? 99  SER A CB  1 
ATOM   714  O  OG  A SER A 1 91  ? 14.828  -0.486  -5.031  0.50 29.27 ? 99  SER A OG  1 
ATOM   715  O  OG  B SER A 1 91  ? 15.246  -1.273  -3.425  0.50 30.41 ? 99  SER A OG  1 
ATOM   716  N  N   . GLU A 1 92  ? 12.580  0.931   -3.123  1.00 29.47 ? 100 GLU A N   1 
ATOM   717  C  CA  . GLU A 1 92  ? 12.686  1.975   -2.086  1.00 29.27 ? 100 GLU A CA  1 
ATOM   718  C  C   . GLU A 1 92  ? 11.404  2.781   -1.967  1.00 28.20 ? 100 GLU A C   1 
ATOM   719  O  O   . GLU A 1 92  ? 11.414  4.022   -2.000  1.00 29.44 ? 100 GLU A O   1 
ATOM   720  C  CB  . GLU A 1 92  ? 13.846  2.922   -2.413  1.00 28.70 ? 100 GLU A CB  1 
ATOM   721  N  N   . LEU A 1 93  ? 10.306  2.070   -1.756  1.00 25.74 ? 101 LEU A N   1 
ATOM   722  C  CA  . LEU A 1 93  ? 8.990   2.641   -1.827  1.00 24.09 ? 101 LEU A CA  1 
ATOM   723  C  C   . LEU A 1 93  ? 8.502   3.175   -0.479  1.00 23.14 ? 101 LEU A C   1 
ATOM   724  O  O   . LEU A 1 93  ? 8.694   2.532   0.565   1.00 23.12 ? 101 LEU A O   1 
ATOM   725  C  CB  . LEU A 1 93  ? 8.015   1.557   -2.279  1.00 24.32 ? 101 LEU A CB  1 
ATOM   726  C  CG  . LEU A 1 93  ? 6.550   1.927   -2.300  1.00 24.42 ? 101 LEU A CG  1 
ATOM   727  C  CD1 . LEU A 1 93  ? 6.296   2.805   -3.486  1.00 21.57 ? 101 LEU A CD1 1 
ATOM   728  C  CD2 . LEU A 1 93  ? 5.677   0.652   -2.320  1.00 24.41 ? 101 LEU A CD2 1 
ATOM   729  N  N   . THR A 1 94  ? 7.917   4.365   -0.527  1.00 22.24 ? 102 THR A N   1 
ATOM   730  C  CA  . THR A 1 94  ? 7.135   4.946   0.585   1.00 21.55 ? 102 THR A CA  1 
ATOM   731  C  C   . THR A 1 94  ? 5.755   5.285   0.063   1.00 20.52 ? 102 THR A C   1 
ATOM   732  O  O   . THR A 1 94  ? 5.597   5.993   -0.936  1.00 19.68 ? 102 THR A O   1 
ATOM   733  C  CB  . THR A 1 94  ? 7.795   6.204   1.182   1.00 21.83 ? 102 THR A CB  1 
ATOM   734  O  OG1 . THR A 1 94  ? 9.174   5.932   1.449   1.00 24.19 ? 102 THR A OG1 1 
ATOM   735  C  CG2 . THR A 1 94  ? 7.116   6.596   2.504   1.00 22.96 ? 102 THR A CG2 1 
ATOM   736  N  N   . LEU A 1 95  ? 4.728   4.760   0.730   1.00 19.06 ? 103 LEU A N   1 
ATOM   737  C  CA  . LEU A 1 95  ? 3.391   4.952   0.290   1.00 18.44 ? 103 LEU A CA  1 
ATOM   738  C  C   . LEU A 1 95  ? 2.597   5.513   1.455   1.00 19.61 ? 103 LEU A C   1 
ATOM   739  O  O   . LEU A 1 95  ? 2.460   4.823   2.464   1.00 19.39 ? 103 LEU A O   1 
ATOM   740  C  CB  . LEU A 1 95  ? 2.831   3.623   -0.201  1.00 19.21 ? 103 LEU A CB  1 
ATOM   741  C  CG  . LEU A 1 95  ? 1.357   3.475   -0.572  1.00 19.08 ? 103 LEU A CG  1 
ATOM   742  C  CD1 . LEU A 1 95  ? 0.846   4.354   -1.683  1.00 20.94 ? 103 LEU A CD1 1 
ATOM   743  C  CD2 . LEU A 1 95  ? 1.175   1.992   -1.004  1.00 18.84 ? 103 LEU A CD2 1 
ATOM   744  N  N   . TRP A 1 96  ? 2.166   6.757   1.326   1.00 17.46 ? 104 TRP A N   1 
ATOM   745  C  CA  . TRP A 1 96  ? 1.437   7.507   2.375   1.00 18.08 ? 104 TRP A CA  1 
ATOM   746  C  C   . TRP A 1 96  ? -0.055  7.389   2.080   1.00 18.36 ? 104 TRP A C   1 
ATOM   747  O  O   . TRP A 1 96  ? -0.516  7.726   0.972   1.00 18.49 ? 104 TRP A O   1 
ATOM   748  C  CB  . TRP A 1 96  ? 1.821   8.993   2.373   1.00 19.12 ? 104 TRP A CB  1 
ATOM   749  C  CG  . TRP A 1 96  ? 3.274   9.258   2.780   1.00 19.82 ? 104 TRP A CG  1 
ATOM   750  C  CD1 . TRP A 1 96  ? 3.787   9.248   4.056   1.00 20.90 ? 104 TRP A CD1 1 
ATOM   751  C  CD2 . TRP A 1 96  ? 4.358   9.575   1.912   1.00 20.34 ? 104 TRP A CD2 1 
ATOM   752  N  NE1 . TRP A 1 96  ? 5.127   9.538   4.022   1.00 22.14 ? 104 TRP A NE1 1 
ATOM   753  C  CE2 . TRP A 1 96  ? 5.505   9.743   2.719   1.00 21.03 ? 104 TRP A CE2 1 
ATOM   754  C  CE3 . TRP A 1 96  ? 4.476   9.736   0.523   1.00 21.29 ? 104 TRP A CE3 1 
ATOM   755  C  CZ2 . TRP A 1 96  ? 6.760   10.032  2.181   1.00 20.17 ? 104 TRP A CZ2 1 
ATOM   756  C  CZ3 . TRP A 1 96  ? 5.746   10.030  -0.015  1.00 21.10 ? 104 TRP A CZ3 1 
ATOM   757  C  CH2 . TRP A 1 96  ? 6.853   10.180  0.820   1.00 21.45 ? 104 TRP A CH2 1 
ATOM   758  N  N   . VAL A 1 97  ? -0.821  6.945   3.074   1.00 17.51 ? 105 VAL A N   1 
ATOM   759  C  CA  . VAL A 1 97  ? -2.257  6.718   2.911   1.00 16.92 ? 105 VAL A CA  1 
ATOM   760  C  C   . VAL A 1 97  ? -2.944  7.557   3.968   1.00 17.29 ? 105 VAL A C   1 
ATOM   761  O  O   . VAL A 1 97  ? -2.996  7.156   5.136   1.00 17.08 ? 105 VAL A O   1 
ATOM   762  C  CB  . VAL A 1 97  ? -2.596  5.228   3.060   1.00 17.29 ? 105 VAL A CB  1 
ATOM   763  C  CG1 . VAL A 1 97  ? -4.069  4.992   2.673   1.00 18.28 ? 105 VAL A CG1 1 
ATOM   764  C  CG2 . VAL A 1 97  ? -1.655  4.381   2.152   1.00 16.34 ? 105 VAL A CG2 1 
ATOM   765  N  N   . ASP A 1 98  ? -3.413  8.734   3.554   1.00 17.58 ? 106 ASP A N   1 
ATOM   766  C  CA  . ASP A 1 98  ? -3.947  9.742   4.445   1.00 18.23 ? 106 ASP A CA  1 
ATOM   767  C  C   . ASP A 1 98  ? -5.361  10.139  4.049   1.00 17.82 ? 106 ASP A C   1 
ATOM   768  O  O   . ASP A 1 98  ? -5.732  10.014  2.886   1.00 16.94 ? 106 ASP A O   1 
ATOM   769  C  CB  . ASP A 1 98  ? -3.067  10.992  4.405   1.00 18.61 ? 106 ASP A CB  1 
ATOM   770  C  CG  . ASP A 1 98  ? -1.600  10.691  4.683   1.00 21.38 ? 106 ASP A CG  1 
ATOM   771  O  OD1 . ASP A 1 98  ? -1.287  9.916   5.592   1.00 21.90 ? 106 ASP A OD1 1 
ATOM   772  O  OD2 . ASP A 1 98  ? -0.740  11.270  3.982   1.00 28.59 ? 106 ASP A OD2 1 
ATOM   773  N  N   . PRO A 1 99  ? -6.138  10.674  5.001   1.00 17.73 ? 107 PRO A N   1 
ATOM   774  C  CA  . PRO A 1 99  ? -7.442  11.208  4.628   1.00 19.02 ? 107 PRO A CA  1 
ATOM   775  C  C   . PRO A 1 99  ? -7.313  12.172  3.447   1.00 19.12 ? 107 PRO A C   1 
ATOM   776  O  O   . PRO A 1 99  ? -6.521  13.132  3.496   1.00 20.42 ? 107 PRO A O   1 
ATOM   777  C  CB  . PRO A 1 99  ? -7.912  11.913  5.906   1.00 18.54 ? 107 PRO A CB  1 
ATOM   778  C  CG  . PRO A 1 99  ? -7.202  11.227  7.022   1.00 18.98 ? 107 PRO A CG  1 
ATOM   779  C  CD  . PRO A 1 99  ? -5.863  10.812  6.440   1.00 18.17 ? 107 PRO A CD  1 
ATOM   780  N  N   . TYR A 1 100 ? -8.048  11.853  2.368   1.00 20.20 ? 108 TYR A N   1 
ATOM   781  C  CA  . TYR A 1 100 ? -8.213  12.709  1.192   1.00 20.37 ? 108 TYR A CA  1 
ATOM   782  C  C   . TYR A 1 100 ? -7.020  12.713  0.248   1.00 20.50 ? 108 TYR A C   1 
ATOM   783  O  O   . TYR A 1 100 ? -7.074  13.367  -0.804  1.00 20.79 ? 108 TYR A O   1 
ATOM   784  C  CB  . TYR A 1 100 ? -8.570  14.148  1.603   1.00 21.75 ? 108 TYR A CB  1 
ATOM   785  C  CG  . TYR A 1 100 ? -9.769  14.191  2.505   1.00 22.80 ? 108 TYR A CG  1 
ATOM   786  C  CD1 . TYR A 1 100 ? -11.008 13.798  2.040   1.00 25.60 ? 108 TYR A CD1 1 
ATOM   787  C  CD2 . TYR A 1 100 ? -9.650  14.537  3.845   1.00 25.35 ? 108 TYR A CD2 1 
ATOM   788  C  CE1 . TYR A 1 100 ? -12.123 13.789  2.873   1.00 26.82 ? 108 TYR A CE1 1 
ATOM   789  C  CE2 . TYR A 1 100 ? -10.751 14.547  4.674   1.00 23.80 ? 108 TYR A CE2 1 
ATOM   790  C  CZ  . TYR A 1 100 ? -11.977 14.165  4.182   1.00 24.84 ? 108 TYR A CZ  1 
ATOM   791  O  OH  . TYR A 1 100 ? -13.079 14.187  5.010   1.00 27.07 ? 108 TYR A OH  1 
ATOM   792  N  N   . GLU A 1 101 ? -5.968  11.975  0.578   1.00 19.86 ? 109 GLU A N   1 
ATOM   793  C  CA  . GLU A 1 101 ? -4.782  11.926  -0.272  1.00 21.37 ? 109 GLU A CA  1 
ATOM   794  C  C   . GLU A 1 101 ? -3.943  10.669  -0.068  1.00 20.04 ? 109 GLU A C   1 
ATOM   795  O  O   . GLU A 1 101 ? -3.518  10.349  1.054   1.00 20.77 ? 109 GLU A O   1 
ATOM   796  C  CB  . GLU A 1 101 ? -3.922  13.164  -0.043  1.00 21.18 ? 109 GLU A CB  1 
ATOM   797  C  CG  . GLU A 1 101 ? -2.787  13.321  -1.029  1.00 24.68 ? 109 GLU A CG  1 
ATOM   798  C  CD  . GLU A 1 101 ? -1.873  14.448  -0.640  1.00 25.33 ? 109 GLU A CD  1 
ATOM   799  O  OE1 . GLU A 1 101 ? -2.183  15.602  -0.990  1.00 32.89 ? 109 GLU A OE1 1 
ATOM   800  O  OE2 . GLU A 1 101 ? -0.874  14.189  0.061   1.00 33.66 ? 109 GLU A OE2 1 
ATOM   801  N  N   . VAL A 1 102 ? -3.690  9.962   -1.160  1.00 18.24 ? 110 VAL A N   1 
ATOM   802  C  CA  . VAL A 1 102 ? -2.727  8.870   -1.164  1.00 17.09 ? 110 VAL A CA  1 
ATOM   803  C  C   . VAL A 1 102 ? -1.667  9.289   -2.159  1.00 18.05 ? 110 VAL A C   1 
ATOM   804  O  O   . VAL A 1 102 ? -1.984  9.722   -3.276  1.00 17.26 ? 110 VAL A O   1 
ATOM   805  C  CB  . VAL A 1 102 ? -3.341  7.564   -1.654  1.00 17.79 ? 110 VAL A CB  1 
ATOM   806  C  CG1 . VAL A 1 102 ? -2.328  6.416   -1.595  1.00 17.13 ? 110 VAL A CG1 1 
ATOM   807  C  CG2 . VAL A 1 102 ? -4.584  7.242   -0.849  1.00 16.09 ? 110 VAL A CG2 1 
ATOM   808  N  N   . SER A 1 103 ? -0.428  9.136   -1.746  1.00 18.11 ? 111 SER A N   1 
ATOM   809  C  CA  . SER A 1 103 ? 0.702   9.524   -2.566  1.00 18.39 ? 111 SER A CA  1 
ATOM   810  C  C   . SER A 1 103 ? 1.853   8.561   -2.317  1.00 18.58 ? 111 SER A C   1 
ATOM   811  O  O   . SER A 1 103 ? 1.878   7.799   -1.335  1.00 18.45 ? 111 SER A O   1 
ATOM   812  C  CB  . SER A 1 103 ? 1.093   10.959  -2.223  1.00 18.85 ? 111 SER A CB  1 
ATOM   813  O  OG  . SER A 1 103 ? 1.387   11.100  -0.836  1.00 20.90 ? 111 SER A OG  1 
ATOM   814  N  N   . TYR A 1 104 ? 2.845   8.575   -3.204  1.00 18.63 ? 112 TYR A N   1 
ATOM   815  C  CA  . TYR A 1 104 ? 4.005   7.728   -2.996  1.00 19.25 ? 112 TYR A CA  1 
ATOM   816  C  C   . TYR A 1 104 ? 5.274   8.301   -3.580  1.00 19.19 ? 112 TYR A C   1 
ATOM   817  O  O   . TYR A 1 104 ? 5.222   9.269   -4.339  1.00 20.01 ? 112 TYR A O   1 
ATOM   818  C  CB  . TYR A 1 104 ? 3.835   6.323   -3.567  1.00 20.12 ? 112 TYR A CB  1 
ATOM   819  C  CG  . TYR A 1 104 ? 3.804   6.287   -5.074  1.00 22.34 ? 112 TYR A CG  1 
ATOM   820  C  CD1 . TYR A 1 104 ? 4.939   5.974   -5.811  1.00 23.09 ? 112 TYR A CD1 1 
ATOM   821  C  CD2 . TYR A 1 104 ? 2.633   6.593   -5.754  1.00 25.71 ? 112 TYR A CD2 1 
ATOM   822  C  CE1 . TYR A 1 104 ? 4.892   5.890   -7.204  1.00 24.73 ? 112 TYR A CE1 1 
ATOM   823  C  CE2 . TYR A 1 104 ? 2.579   6.538   -7.140  1.00 26.83 ? 112 TYR A CE2 1 
ATOM   824  C  CZ  . TYR A 1 104 ? 3.718   6.208   -7.856  1.00 24.50 ? 112 TYR A CZ  1 
ATOM   825  O  OH  . TYR A 1 104 ? 3.624   6.176   -9.242  1.00 27.84 ? 112 TYR A OH  1 
ATOM   826  N  N   . ARG A 1 105 ? 6.371   7.690   -3.146  1.00 19.46 ? 113 ARG A N   1 
ATOM   827  C  CA  . ARG A 1 105 ? 7.721   7.978   -3.654  1.00 20.86 ? 113 ARG A CA  1 
ATOM   828  C  C   . ARG A 1 105 ? 8.556   6.719   -3.818  1.00 21.71 ? 113 ARG A C   1 
ATOM   829  O  O   . ARG A 1 105 ? 8.664   5.902   -2.929  1.00 21.28 ? 113 ARG A O   1 
ATOM   830  C  CB  . ARG A 1 105 ? 8.445   8.918   -2.698  1.00 19.58 ? 113 ARG A CB  1 
ATOM   831  C  CG  . ARG A 1 105 ? 9.852   9.305   -3.167  1.00 20.34 ? 113 ARG A CG  1 
ATOM   832  C  CD  . ARG A 1 105 ? 10.552  10.189  -2.128  1.00 22.28 ? 113 ARG A CD  1 
ATOM   833  N  NE  . ARG A 1 105 ? 10.711  9.507   -0.864  1.00 20.58 ? 113 ARG A NE  1 
ATOM   834  C  CZ  . ARG A 1 105 ? 10.852  10.110  0.324   1.00 25.07 ? 113 ARG A CZ  1 
ATOM   835  N  NH1 . ARG A 1 105 ? 10.903  11.430  0.428   1.00 26.16 ? 113 ARG A NH1 1 
ATOM   836  N  NH2 . ARG A 1 105 ? 10.959  9.369   1.414   1.00 29.12 ? 113 ARG A NH2 1 
ATOM   837  N  N   . ILE A 1 106 ? 9.195   6.586   -4.987  1.00 24.43 ? 114 ILE A N   1 
ATOM   838  C  CA  . ILE A 1 106 ? 10.116  5.501   -5.227  1.00 26.35 ? 114 ILE A CA  1 
ATOM   839  C  C   . ILE A 1 106 ? 11.540  6.030   -5.165  1.00 26.64 ? 114 ILE A C   1 
ATOM   840  O  O   . ILE A 1 106 ? 11.902  6.870   -5.997  1.00 27.67 ? 114 ILE A O   1 
ATOM   841  C  CB  . ILE A 1 106 ? 9.862   4.855   -6.617  1.00 26.32 ? 114 ILE A CB  1 
ATOM   842  C  CG1 . ILE A 1 106 ? 8.426   4.312   -6.730  1.00 29.54 ? 114 ILE A CG1 1 
ATOM   843  C  CG2 . ILE A 1 106 ? 10.858  3.735   -6.846  1.00 26.33 ? 114 ILE A CG2 1 
ATOM   844  C  CD1 . ILE A 1 106 ? 8.097   3.834   -8.126  1.00 28.77 ? 114 ILE A CD1 1 
ATOM   845  N  N   . GLY A 1 107 ? 12.313  5.546   -4.196  1.00 27.77 ? 115 GLY A N   1 
ATOM   846  C  CA  . GLY A 1 107 ? 13.681  6.017   -3.927  1.00 28.94 ? 115 GLY A CA  1 
ATOM   847  C  C   . GLY A 1 107 ? 13.661  7.204   -3.003  1.00 29.07 ? 115 GLY A C   1 
ATOM   848  O  O   . GLY A 1 107 ? 12.734  8.017   -3.066  1.00 28.71 ? 115 GLY A O   1 
ATOM   849  N  N   . GLU A 1 108 ? 14.673  7.302   -2.152  1.00 30.08 ? 116 GLU A N   1 
ATOM   850  C  CA  . GLU A 1 108 ? 14.820  8.426   -1.239  1.00 31.66 ? 116 GLU A CA  1 
ATOM   851  C  C   . GLU A 1 108 ? 14.770  9.754   -1.980  1.00 30.83 ? 116 GLU A C   1 
ATOM   852  O  O   . GLU A 1 108 ? 14.281  10.747  -1.444  1.00 30.17 ? 116 GLU A O   1 
ATOM   853  C  CB  . GLU A 1 108 ? 16.158  8.351   -0.493  1.00 32.23 ? 116 GLU A CB  1 
ATOM   854  C  CG  . GLU A 1 108 ? 16.321  7.165   0.440   1.00 34.81 ? 116 GLU A CG  1 
ATOM   855  C  CD  . GLU A 1 108 ? 17.548  7.282   1.346   1.00 35.92 ? 116 GLU A CD  1 
ATOM   856  O  OE1 . GLU A 1 108 ? 18.401  8.176   1.106   1.00 40.54 ? 116 GLU A OE1 1 
ATOM   857  O  OE2 . GLU A 1 108 ? 17.656  6.468   2.302   1.00 42.78 ? 116 GLU A OE2 1 
ATOM   858  N  N   . ASP A 1 109 ? 15.256  9.775   -3.223  1.00 30.28 ? 117 ASP A N   1 
ATOM   859  C  CA  . ASP A 1 109 ? 15.308  11.027  -3.985  1.00 30.49 ? 117 ASP A CA  1 
ATOM   860  C  C   . ASP A 1 109 ? 14.273  11.144  -5.129  1.00 29.00 ? 117 ASP A C   1 
ATOM   861  O  O   . ASP A 1 109 ? 14.344  12.068  -5.940  1.00 28.99 ? 117 ASP A O   1 
ATOM   862  C  CB  . ASP A 1 109 ? 16.732  11.221  -4.521  1.00 31.16 ? 117 ASP A CB  1 
ATOM   863  C  CG  . ASP A 1 109 ? 17.773  11.337  -3.420  1.00 34.91 ? 117 ASP A CG  1 
ATOM   864  O  OD1 . ASP A 1 109 ? 17.446  11.758  -2.277  1.00 38.70 ? 117 ASP A OD1 1 
ATOM   865  O  OD2 . ASP A 1 109 ? 18.950  11.014  -3.707  1.00 38.89 ? 117 ASP A OD2 1 
ATOM   866  N  N   . GLY A 1 110 ? 13.292  10.241  -5.191  1.00 26.60 ? 118 GLY A N   1 
ATOM   867  C  CA  . GLY A 1 110 ? 12.327  10.244  -6.273  1.00 25.97 ? 118 GLY A CA  1 
ATOM   868  C  C   . GLY A 1 110 ? 11.273  11.312  -6.113  1.00 24.76 ? 118 GLY A C   1 
ATOM   869  O  O   . GLY A 1 110 ? 11.187  11.957  -5.051  1.00 24.60 ? 118 GLY A O   1 
ATOM   870  N  N   . SER A 1 111 ? 10.464  11.489  -7.156  1.00 25.39 ? 119 SER A N   1 
ATOM   871  C  CA  . SER A 1 111 ? 9.393   12.487  -7.123  1.00 25.70 ? 119 SER A CA  1 
ATOM   872  C  C   . SER A 1 111 ? 8.306   11.989  -6.188  1.00 25.31 ? 119 SER A C   1 
ATOM   873  O  O   . SER A 1 111 ? 8.216   10.793  -5.959  1.00 26.06 ? 119 SER A O   1 
ATOM   874  C  CB  . SER A 1 111 ? 8.753   12.708  -8.489  1.00 25.80 ? 119 SER A CB  1 
ATOM   875  O  OG  . SER A 1 111 ? 8.276   11.509  -9.066  1.00 28.40 ? 119 SER A OG  1 
ATOM   876  N  N   . ILE A 1 112 ? 7.479   12.908  -5.705  1.00 24.75 ? 120 ILE A N   1 
ATOM   877  C  CA  . ILE A 1 112 ? 6.278   12.544  -4.970  1.00 25.04 ? 120 ILE A CA  1 
ATOM   878  C  C   . ILE A 1 112 ? 5.130   12.464  -5.976  1.00 24.69 ? 120 ILE A C   1 
ATOM   879  O  O   . ILE A 1 112 ? 4.844   13.437  -6.671  1.00 25.67 ? 120 ILE A O   1 
ATOM   880  C  CB  . ILE A 1 112 ? 5.893   13.590  -3.902  1.00 25.17 ? 120 ILE A CB  1 
ATOM   881  C  CG1 . ILE A 1 112 ? 7.081   13.917  -2.985  1.00 26.25 ? 120 ILE A CG1 1 
ATOM   882  C  CG2 . ILE A 1 112 ? 4.688   13.093  -3.096  1.00 27.04 ? 120 ILE A CG2 1 
ATOM   883  C  CD1 . ILE A 1 112 ? 7.416   12.813  -2.017  1.00 24.33 ? 120 ILE A CD1 1 
ATOM   884  N  N   . CYS A 1 113 ? 4.481   11.311  -6.032  1.00 25.11 ? 121 CYS A N   1 
ATOM   885  C  CA  A CYS A 1 113 ? 3.405   11.081  -6.979  0.50 25.24 ? 121 CYS A CA  1 
ATOM   886  C  CA  B CYS A 1 113 ? 3.413   11.009  -6.982  0.50 25.31 ? 121 CYS A CA  1 
ATOM   887  C  C   . CYS A 1 113 ? 2.098   10.951  -6.232  1.00 24.97 ? 121 CYS A C   1 
ATOM   888  O  O   . CYS A 1 113 ? 2.047   10.303  -5.211  1.00 25.40 ? 121 CYS A O   1 
ATOM   889  C  CB  A CYS A 1 113 ? 3.698   9.832   -7.780  0.50 25.52 ? 121 CYS A CB  1 
ATOM   890  C  CB  B CYS A 1 113 ? 3.670   9.636   -7.592  0.50 25.32 ? 121 CYS A CB  1 
ATOM   891  S  SG  A CYS A 1 113 ? 5.195   10.061  -8.800  0.50 27.40 ? 121 CYS A SG  1 
ATOM   892  S  SG  B CYS A 1 113 ? 2.435   9.087   -8.792  0.50 28.78 ? 121 CYS A SG  1 
ATOM   893  N  N   . VAL A 1 114 ? 1.062   11.601  -6.743  1.00 24.52 ? 122 VAL A N   1 
ATOM   894  C  CA  . VAL A 1 114 ? -0.259  11.572  -6.101  1.00 23.80 ? 122 VAL A CA  1 
ATOM   895  C  C   . VAL A 1 114 ? -1.102  10.507  -6.816  1.00 23.96 ? 122 VAL A C   1 
ATOM   896  O  O   . VAL A 1 114 ? -1.305  10.565  -8.013  1.00 23.64 ? 122 VAL A O   1 
ATOM   897  C  CB  . VAL A 1 114 ? -0.993  12.924  -6.176  1.00 25.49 ? 122 VAL A CB  1 
ATOM   898  C  CG1 . VAL A 1 114 ? -2.409  12.789  -5.657  1.00 22.94 ? 122 VAL A CG1 1 
ATOM   899  C  CG2 . VAL A 1 114 ? -0.261  14.033  -5.380  1.00 24.65 ? 122 VAL A CG2 1 
ATOM   900  N  N   . LEU A 1 115 ? -1.602  9.546   -6.054  1.00 22.08 ? 123 LEU A N   1 
ATOM   901  C  CA  . LEU A 1 115 ? -2.419  8.458   -6.573  1.00 22.03 ? 123 LEU A CA  1 
ATOM   902  C  C   . LEU A 1 115 ? -3.899  8.820   -6.485  1.00 21.79 ? 123 LEU A C   1 
ATOM   903  O  O   . LEU A 1 115 ? -4.707  8.453   -7.349  1.00 22.33 ? 123 LEU A O   1 
ATOM   904  C  CB  . LEU A 1 115 ? -2.164  7.184   -5.764  1.00 22.11 ? 123 LEU A CB  1 
ATOM   905  C  CG  . LEU A 1 115 ? -0.967  6.284   -6.069  1.00 23.06 ? 123 LEU A CG  1 
ATOM   906  C  CD1 . LEU A 1 115 ? -0.820  5.191   -5.003  1.00 24.25 ? 123 LEU A CD1 1 
ATOM   907  C  CD2 . LEU A 1 115 ? -1.079  5.647   -7.463  1.00 25.44 ? 123 LEU A CD2 1 
ATOM   908  N  N   . TYR A 1 116 ? -4.264  9.511   -5.421  1.00 20.63 ? 124 TYR A N   1 
ATOM   909  C  CA  . TYR A 1 116 ? -5.660  9.764   -5.101  1.00 20.29 ? 124 TYR A CA  1 
ATOM   910  C  C   . TYR A 1 116 ? -5.764  11.092  -4.396  1.00 21.30 ? 124 TYR A C   1 
ATOM   911  O  O   . TYR A 1 116 ? -5.030  11.330  -3.447  1.00 22.42 ? 124 TYR A O   1 
ATOM   912  C  CB  . TYR A 1 116 ? -6.176  8.634   -4.173  1.00 20.25 ? 124 TYR A CB  1 
ATOM   913  C  CG  . TYR A 1 116 ? -7.563  8.851   -3.589  1.00 18.74 ? 124 TYR A CG  1 
ATOM   914  C  CD1 . TYR A 1 116 ? -8.666  8.251   -4.146  1.00 18.43 ? 124 TYR A CD1 1 
ATOM   915  C  CD2 . TYR A 1 116 ? -7.759  9.614   -2.444  1.00 18.58 ? 124 TYR A CD2 1 
ATOM   916  C  CE1 . TYR A 1 116 ? -9.951  8.472   -3.634  1.00 19.07 ? 124 TYR A CE1 1 
ATOM   917  C  CE2 . TYR A 1 116 ? -9.025  9.810   -1.899  1.00 18.82 ? 124 TYR A CE2 1 
ATOM   918  C  CZ  . TYR A 1 116 ? -10.127 9.234   -2.497  1.00 18.65 ? 124 TYR A CZ  1 
ATOM   919  O  OH  . TYR A 1 116 ? -11.415 9.412   -1.989  1.00 21.18 ? 124 TYR A OH  1 
ATOM   920  N  N   . GLU A 1 117 ? -6.693  11.940  -4.846  1.00 22.34 ? 125 GLU A N   1 
ATOM   921  C  CA  . GLU A 1 117 ? -7.043  13.180  -4.151  1.00 23.72 ? 125 GLU A CA  1 
ATOM   922  C  C   . GLU A 1 117 ? -8.543  13.366  -4.217  1.00 25.02 ? 125 GLU A C   1 
ATOM   923  O  O   . GLU A 1 117 ? -9.170  13.112  -5.257  1.00 24.51 ? 125 GLU A O   1 
ATOM   924  C  CB  . GLU A 1 117 ? -6.346  14.407  -4.766  1.00 24.91 ? 125 GLU A CB  1 
ATOM   925  N  N   . GLU A 1 118 ? -9.120  13.814  -3.105  1.00 25.86 ? 126 GLU A N   1 
ATOM   926  C  CA  . GLU A 1 118 ? -10.543 14.108  -3.066  1.00 27.66 ? 126 GLU A CA  1 
ATOM   927  C  C   . GLU A 1 118 ? -10.780 15.250  -2.085  1.00 29.74 ? 126 GLU A C   1 
ATOM   928  O  O   . GLU A 1 118 ? -9.958  15.486  -1.198  1.00 30.08 ? 126 GLU A O   1 
ATOM   929  C  CB  . GLU A 1 118 ? -11.338 12.860  -2.698  1.00 27.88 ? 126 GLU A CB  1 
ATOM   930  C  CG  . GLU A 1 118 ? -12.857 12.961  -2.902  1.00 28.72 ? 126 GLU A CG  1 
ATOM   931  C  CD  . GLU A 1 118 ? -13.263 13.485  -4.273  1.00 29.18 ? 126 GLU A CD  1 
ATOM   932  O  OE1 . GLU A 1 118 ? -13.351 12.690  -5.244  1.00 28.10 ? 126 GLU A OE1 1 
ATOM   933  O  OE2 . GLU A 1 118 ? -13.530 14.708  -4.372  1.00 29.37 ? 126 GLU A OE2 1 
ATOM   934  N  N   . ALA A 1 119 ? -11.881 15.970  -2.287  1.00 32.21 ? 127 ALA A N   1 
ATOM   935  C  CA  . ALA A 1 119 ? -12.205 17.159  -1.507  1.00 33.99 ? 127 ALA A CA  1 
ATOM   936  C  C   . ALA A 1 119 ? -12.964 16.736  -0.269  1.00 34.57 ? 127 ALA A C   1 
ATOM   937  O  O   . ALA A 1 119 ? -13.823 15.869  -0.368  1.00 35.56 ? 127 ALA A O   1 
ATOM   938  C  CB  . ALA A 1 119 ? -13.048 18.117  -2.341  1.00 33.73 ? 127 ALA A CB  1 
ATOM   939  N  N   . PRO A 1 120 ? -12.624 17.312  0.908   1.00 35.96 ? 128 PRO A N   1 
ATOM   940  C  CA  . PRO A 1 120 ? -13.353 17.061  2.166   1.00 36.46 ? 128 PRO A CA  1 
ATOM   941  C  C   . PRO A 1 120 ? -14.801 17.538  2.147   1.00 37.55 ? 128 PRO A C   1 
ATOM   942  O  O   . PRO A 1 120 ? -15.694 16.758  1.802   1.00 39.47 ? 128 PRO A O   1 
ATOM   943  C  CB  . PRO A 1 120 ? -12.557 17.845  3.207   1.00 36.49 ? 128 PRO A CB  1 
ATOM   944  C  CG  . PRO A 1 120 ? -11.243 18.117  2.596   1.00 36.52 ? 128 PRO A CG  1 
ATOM   945  C  CD  . PRO A 1 120 ? -11.463 18.193  1.124   1.00 35.94 ? 128 PRO A CD  1 
HETATM 946  C  C1  . EDO B 2 .   ? 1.199   0.458   7.406   1.00 26.72 ? 1   EDO A C1  1 
HETATM 947  O  O1  . EDO B 2 .   ? 1.100   1.053   8.703   1.00 28.77 ? 1   EDO A O1  1 
HETATM 948  C  C2  . EDO B 2 .   ? 1.062   -1.034  7.620   1.00 28.24 ? 1   EDO A C2  1 
HETATM 949  O  O2  . EDO B 2 .   ? 2.304   -1.568  8.095   1.00 28.57 ? 1   EDO A O2  1 
HETATM 950  C  C1  . EDO C 2 .   ? -11.397 -8.967  3.934   1.00 46.62 ? 2   EDO A C1  1 
HETATM 951  O  O1  . EDO C 2 .   ? -10.514 -9.874  4.614   1.00 45.70 ? 2   EDO A O1  1 
HETATM 952  C  C2  . EDO C 2 .   ? -11.664 -9.359  2.483   1.00 46.63 ? 2   EDO A C2  1 
HETATM 953  O  O2  . EDO C 2 .   ? -11.081 -10.631 2.168   1.00 45.66 ? 2   EDO A O2  1 
HETATM 954  O  O   . HOH D 3 .   ? 0.603   7.787   5.573   1.00 20.18 ? 129 HOH A O   1 
HETATM 955  O  O   . HOH D 3 .   ? -9.211  6.960   14.438  1.00 19.86 ? 130 HOH A O   1 
HETATM 956  O  O   . HOH D 3 .   ? -5.449  11.553  10.023  1.00 19.19 ? 131 HOH A O   1 
HETATM 957  O  O   . HOH D 3 .   ? 8.240   15.652  -6.374  1.00 26.73 ? 132 HOH A O   1 
HETATM 958  O  O   . HOH D 3 .   ? 8.880   8.408   -7.159  1.00 28.01 ? 133 HOH A O   1 
HETATM 959  O  O   . HOH D 3 .   ? -6.125  0.848   14.729  1.00 23.11 ? 134 HOH A O   1 
HETATM 960  O  O   . HOH D 3 .   ? 5.388   -12.691 1.975   1.00 27.32 ? 135 HOH A O   1 
HETATM 961  O  O   . HOH D 3 .   ? -6.020  -16.830 3.998   1.00 27.77 ? 136 HOH A O   1 
HETATM 962  O  O   . HOH D 3 .   ? -4.995  -2.719  -9.568  1.00 26.40 ? 137 HOH A O   1 
HETATM 963  O  O   . HOH D 3 .   ? 0.282   -15.068 6.395   1.00 27.91 ? 138 HOH A O   1 
HETATM 964  O  O   . HOH D 3 .   ? -11.818 -0.011  4.218   1.00 31.63 ? 139 HOH A O   1 
HETATM 965  O  O   . HOH D 3 .   ? -8.175  -1.870  -4.147  1.00 23.75 ? 140 HOH A O   1 
HETATM 966  O  O   . HOH D 3 .   ? 10.601  6.583   -0.739  1.00 28.27 ? 141 HOH A O   1 
HETATM 967  O  O   . HOH D 3 .   ? 5.944   -0.137  6.610   1.00 24.87 ? 142 HOH A O   1 
HETATM 968  O  O   . HOH D 3 .   ? -4.302  -5.662  10.542  1.00 22.80 ? 143 HOH A O   1 
HETATM 969  O  O   . HOH D 3 .   ? -7.083  -3.694  -5.864  1.00 29.13 ? 144 HOH A O   1 
HETATM 970  O  O   . HOH D 3 .   ? -10.276 -14.526 -5.809  1.00 30.24 ? 145 HOH A O   1 
HETATM 971  O  O   . HOH D 3 .   ? 14.672  -10.994 -3.333  1.00 33.68 ? 146 HOH A O   1 
HETATM 972  O  O   . HOH D 3 .   ? 11.941  -8.794  3.951   1.00 29.38 ? 147 HOH A O   1 
HETATM 973  O  O   . HOH D 3 .   ? -0.646  11.439  0.919   1.00 26.39 ? 148 HOH A O   1 
HETATM 974  O  O   . HOH D 3 .   ? 10.740  -4.188  -3.233  1.00 29.68 ? 149 HOH A O   1 
HETATM 975  O  O   . HOH D 3 .   ? -4.226  -18.272 2.075   1.00 23.53 ? 150 HOH A O   1 
HETATM 976  O  O   . HOH D 3 .   ? -3.100  -11.164 -13.749 1.00 32.70 ? 151 HOH A O   1 
HETATM 977  O  O   . HOH D 3 .   ? -4.997  15.351  2.852   1.00 28.83 ? 152 HOH A O   1 
HETATM 978  O  O   . HOH D 3 .   ? 2.650   13.272  0.113   1.00 34.24 ? 153 HOH A O   1 
HETATM 979  O  O   . HOH D 3 .   ? -11.456 10.774  0.314   1.00 25.23 ? 154 HOH A O   1 
HETATM 980  O  O   . HOH D 3 .   ? -6.746  -9.572  6.006   1.00 24.22 ? 155 HOH A O   1 
HETATM 981  O  O   . HOH D 3 .   ? 1.060   11.964  14.203  1.00 29.06 ? 156 HOH A O   1 
HETATM 982  O  O   . HOH D 3 .   ? 16.257  7.752   -5.372  1.00 33.47 ? 157 HOH A O   1 
HETATM 983  O  O   . HOH D 3 .   ? 8.837   -15.122 2.726   1.00 34.27 ? 158 HOH A O   1 
HETATM 984  O  O   . HOH D 3 .   ? 13.019  -4.510  -1.969  1.00 35.48 ? 159 HOH A O   1 
HETATM 985  O  O   . HOH D 3 .   ? -10.729 -0.434  1.577   1.00 32.22 ? 160 HOH A O   1 
HETATM 986  O  O   . HOH D 3 .   ? 4.878   -10.165 8.417   1.00 29.29 ? 161 HOH A O   1 
HETATM 987  O  O   . HOH D 3 .   ? -14.007 9.092   -2.134  1.00 38.53 ? 162 HOH A O   1 
HETATM 988  O  O   . HOH D 3 .   ? 9.331   -1.802  6.015   1.00 44.46 ? 163 HOH A O   1 
HETATM 989  O  O   . HOH D 3 .   ? 4.325   -17.225 -6.333  1.00 36.15 ? 164 HOH A O   1 
HETATM 990  O  O   . HOH D 3 .   ? 12.917  6.717   -8.471  1.00 36.50 ? 165 HOH A O   1 
HETATM 991  O  O   . HOH D 3 .   ? 12.231  13.093  -1.802  1.00 37.43 ? 166 HOH A O   1 
HETATM 992  O  O   . HOH D 3 .   ? 2.319   1.042   11.859  1.00 29.55 ? 167 HOH A O   1 
HETATM 993  O  O   . HOH D 3 .   ? -4.546  -11.030 6.775   1.00 32.37 ? 168 HOH A O   1 
HETATM 994  O  O   . HOH D 3 .   ? -7.506  -16.425 -12.108 1.00 33.85 ? 169 HOH A O   1 
HETATM 995  O  O   . HOH D 3 .   ? 3.500   15.705  -6.228  1.00 39.63 ? 170 HOH A O   1 
HETATM 996  O  O   . HOH D 3 .   ? 14.481  2.369   -5.561  1.00 44.47 ? 171 HOH A O   1 
HETATM 997  O  O   . HOH D 3 .   ? 1.470   13.199  -9.137  1.00 36.14 ? 172 HOH A O   1 
HETATM 998  O  O   . HOH D 3 .   ? -10.503 14.055  12.894  1.00 40.94 ? 173 HOH A O   1 
HETATM 999  O  O   . HOH D 3 .   ? 7.468   -9.425  8.681   1.00 36.31 ? 174 HOH A O   1 
HETATM 1000 O  O   . HOH D 3 .   ? -13.680 1.582   6.249   1.00 42.35 ? 175 HOH A O   1 
HETATM 1001 O  O   . HOH D 3 .   ? -8.214  -9.809  -9.663  1.00 32.73 ? 176 HOH A O   1 
HETATM 1002 O  O   . HOH D 3 .   ? -12.958 7.613   11.899  1.00 43.76 ? 177 HOH A O   1 
HETATM 1003 O  O   . HOH D 3 .   ? -11.917 4.795   12.385  1.00 36.43 ? 178 HOH A O   1 
HETATM 1004 O  O   . HOH D 3 .   ? -11.620 9.482   13.782  1.00 51.78 ? 179 HOH A O   1 
HETATM 1005 O  O   . HOH D 3 .   ? -12.313 -3.852  4.811   1.00 36.96 ? 180 HOH A O   1 
HETATM 1006 O  O   . HOH D 3 .   ? 2.244   -5.606  11.695  1.00 38.05 ? 181 HOH A O   1 
HETATM 1007 O  O   . HOH D 3 .   ? -14.683 16.214  -6.111  1.00 39.35 ? 182 HOH A O   1 
HETATM 1008 O  O   . HOH D 3 .   ? 4.790   14.138  -9.383  1.00 51.09 ? 183 HOH A O   1 
HETATM 1009 O  O   . HOH D 3 .   ? -16.533 1.609   5.018   1.00 41.84 ? 184 HOH A O   1 
HETATM 1010 O  O   . HOH D 3 .   ? -9.472  -11.891 0.329   1.00 34.10 ? 185 HOH A O   1 
HETATM 1011 O  O   . HOH D 3 .   ? -5.320  1.417   19.237  1.00 37.56 ? 186 HOH A O   1 
HETATM 1012 O  O   . HOH D 3 .   ? -3.235  0.670   17.926  1.00 40.50 ? 187 HOH A O   1 
HETATM 1013 O  O   . HOH D 3 .   ? -2.986  -4.368  12.640  1.00 32.25 ? 188 HOH A O   1 
HETATM 1014 O  O   . HOH D 3 .   ? -2.821  17.345  9.662   1.00 33.93 ? 189 HOH A O   1 
HETATM 1015 O  O   . HOH D 3 .   ? 2.491   -3.077  10.580  1.00 46.68 ? 190 HOH A O   1 
HETATM 1016 O  O   . HOH D 3 .   ? 11.141  3.274   2.108   1.00 34.63 ? 191 HOH A O   1 
HETATM 1017 O  O   . HOH D 3 .   ? -2.257  14.462  3.251   1.00 52.76 ? 192 HOH A O   1 
HETATM 1018 O  O   . HOH D 3 .   ? -3.081  -3.144  -13.369 1.00 34.95 ? 193 HOH A O   1 
HETATM 1019 O  O   . HOH D 3 .   ? 0.414   -10.848 -12.414 1.00 42.05 ? 194 HOH A O   1 
# 
